data_6WEU
#
_entry.id   6WEU
#
_cell.length_a   83.010
_cell.length_b   160.143
_cell.length_c   209.632
_cell.angle_alpha   90.000
_cell.angle_beta   90.000
_cell.angle_gamma   90.000
#
_symmetry.space_group_name_H-M   'P 21 21 21'
#
loop_
_entity.id
_entity.type
_entity.pdbx_description
1 polymer 'Ectonucleotide pyrophosphatase/phosphodiesterase family member 1'
2 branched alpha-D-mannopyranose-(1-4)-2-acetamido-2-deoxy-beta-D-glucopyranose-(1-4)-2-acetamido-2-deoxy-beta-D-glucopyranose
3 branched 2-acetamido-2-deoxy-beta-D-glucopyranose-(1-4)-2-acetamido-2-deoxy-beta-D-glucopyranose
4 branched beta-D-mannopyranose-(1-4)-2-acetamido-2-deoxy-beta-D-glucopyranose-(1-4)-2-acetamido-2-deoxy-beta-D-glucopyranose
5 non-polymer 'ZINC ION'
6 non-polymer 2-acetamido-2-deoxy-beta-D-glucopyranose
7 non-polymer "ADENOSINE -5'-THIO-MONOPHOSPHATE"
8 non-polymer 1,2-ETHANEDIOL
9 water water
#
_entity_poly.entity_id   1
_entity_poly.type   'polypeptide(L)'
_entity_poly.pdbx_seq_one_letter_code
;MERDGCAGGGSRGGEGGRAPREGPAGNGRDRGRSHAAEAPGDPQAAASLLAPMDVGEEPLEKAARARTAKDPNTYKVLSL
VLSVCVLTTILGCIFGLKPSCAKEVKSCKGRCFERTFGNCRCDAACVELGNCCLDYQETCIEPEHIWTCNKFRCGEKRLT
RSLCACSDDCKDKGDCCINYSSVCQGEKSWVEEPCESINEPQCPAGFETPPTLLFSLDGFRAEYLHTWGGLLPVISKLKK
CGTYTKNMRPVYPTKTFPNHYSIVTGLYPESHGIIDNKMYDPKMNASFSLKSKEKFNPEWYKGEPIWVTAKYQGLKSGTF
FWPGSDVEINGIFPDIYKMYNGSVPFEERILAVLQWLQLPKDERPHFYTLYLEEPDSSGHSYGPVSSEVIKALQRVDGMV
GMLMDGLKELNLHRCLNLILISDHGMEQGSCKKYIYLNKYLGDVKNIKVIYGPAARLRPSDVPDKYYSFNYEGIARNLSC
REPNQHFKPYLKHFLPKRLHFAKSDRIEPLTFYLDPQWQLALNPSERKYCGSGFHGSDNVFSNMQALFVGYGPGFKHGIE
ADTFENIEVYNLMCDLLNLTPAPNNGTHGSLNHLLKNPVYTPKHPKEVHPLVQCPFTRNPRDNLGCSCNPSILPIEDFQT
QFNLTVAEEKIIKHETLPYGRPRVLQKENTICLLSQHQFMSGYSQDILMPLWTSYTVDRNDSFSTEDFSNCLYQDFRIPL
SPVHKCSFYKNNTKVSYGFLSPPQLNKNSSGIYSEALLTTNIVPMYQSFQVIWRYFHDTLLRKYAEERNGVNVVSGPVFD
FDYDGRCDSLENLRQKRRVIRNQEILIPTHFFIVLTSCKDTSQTPLHCENLDTLAFILPHRTDNSESCVHGKHDSSWVEE
LLMLHRARITDVEHITGLSFYQQRKEPVSDILKLKTHLPTFSQED
;
_entity_poly.pdbx_strand_id   AbA,BbB
#
loop_
_chem_comp.id
_chem_comp.type
_chem_comp.name
_chem_comp.formula
BMA D-saccharide, beta linking beta-D-mannopyranose 'C6 H12 O6'
EDO non-polymer 1,2-ETHANEDIOL 'C2 H6 O2'
MAN D-saccharide, alpha linking alpha-D-mannopyranose 'C6 H12 O6'
NAG D-saccharide, beta linking 2-acetamido-2-deoxy-beta-D-glucopyranose 'C8 H15 N O6'
SRA RNA linking 'ADENOSINE -5'-THIO-MONOPHOSPHATE' 'C10 H14 N5 O6 P S'
ZN non-polymer 'ZINC ION' 'Zn 2'
#
# COMPACT_ATOMS: atom_id res chain seq x y z
N GLU A 104 -10.80 26.43 46.18
CA GLU A 104 -10.65 27.91 46.30
C GLU A 104 -9.24 28.27 46.81
N VAL A 105 -8.84 27.69 47.95
CA VAL A 105 -7.51 27.93 48.59
C VAL A 105 -6.43 27.18 47.79
N LYS A 106 -6.79 26.10 47.11
CA LYS A 106 -5.85 25.19 46.40
C LYS A 106 -5.84 25.47 44.88
N SER A 107 -6.36 26.62 44.44
CA SER A 107 -6.52 26.99 43.01
C SER A 107 -6.04 28.42 42.76
N CYS A 108 -5.50 28.68 41.57
CA CYS A 108 -5.02 30.00 41.12
C CYS A 108 -6.17 30.86 40.56
N LYS A 109 -7.37 30.31 40.40
CA LYS A 109 -8.52 31.05 39.81
C LYS A 109 -8.71 32.35 40.60
N GLY A 110 -8.75 33.49 39.91
CA GLY A 110 -9.03 34.81 40.48
C GLY A 110 -7.79 35.50 41.04
N ARG A 111 -6.64 34.82 41.14
CA ARG A 111 -5.45 35.39 41.84
C ARG A 111 -4.13 35.17 41.07
N CYS A 112 -4.18 34.96 39.76
CA CYS A 112 -2.95 34.84 38.92
C CYS A 112 -2.02 36.01 39.22
N PHE A 113 -0.77 35.69 39.58
CA PHE A 113 0.39 36.63 39.68
C PHE A 113 0.30 37.46 40.96
N GLU A 114 -0.66 37.19 41.83
CA GLU A 114 -0.75 37.83 43.17
C GLU A 114 0.05 36.96 44.14
N ARG A 115 0.84 37.57 45.01
CA ARG A 115 1.66 36.84 46.02
C ARG A 115 0.75 36.34 47.14
N THR A 116 1.12 35.24 47.78
CA THR A 116 0.26 34.56 48.78
C THR A 116 1.14 33.90 49.85
N PHE A 117 0.62 33.79 51.08
CA PHE A 117 1.25 32.99 52.17
C PHE A 117 0.59 31.61 52.19
N GLY A 118 -0.73 31.57 51.96
CA GLY A 118 -1.56 30.35 51.97
C GLY A 118 -1.13 29.33 50.92
N ASN A 119 -0.14 28.50 51.27
CA ASN A 119 0.37 27.35 50.48
C ASN A 119 0.52 27.72 48.99
N CYS A 120 -0.12 26.98 48.07
CA CYS A 120 0.27 26.88 46.64
C CYS A 120 0.28 28.26 45.97
N ARG A 121 1.27 28.50 45.11
CA ARG A 121 1.63 29.83 44.55
C ARG A 121 1.13 29.95 43.10
N CYS A 122 1.03 31.20 42.61
CA CYS A 122 0.46 31.56 41.29
C CYS A 122 1.31 32.61 40.62
N ASP A 123 2.61 32.67 40.94
CA ASP A 123 3.59 33.61 40.35
C ASP A 123 4.68 32.79 39.67
N ALA A 124 5.40 33.38 38.72
CA ALA A 124 6.38 32.71 37.83
C ALA A 124 7.47 31.97 38.64
N ALA A 125 7.81 32.44 39.84
CA ALA A 125 8.83 31.85 40.73
C ALA A 125 8.42 30.43 41.20
N CYS A 126 7.11 30.16 41.34
CA CYS A 126 6.57 28.87 41.89
C CYS A 126 7.14 27.67 41.12
N VAL A 127 7.41 27.83 39.82
CA VAL A 127 7.77 26.70 38.90
C VAL A 127 9.08 26.06 39.40
N GLU A 128 10.13 26.86 39.56
CA GLU A 128 11.47 26.46 40.06
C GLU A 128 11.32 25.74 41.41
N LEU A 129 10.47 26.29 42.29
CA LEU A 129 10.27 25.81 43.68
C LEU A 129 9.31 24.61 43.73
N GLY A 130 8.61 24.33 42.62
CA GLY A 130 7.64 23.23 42.49
C GLY A 130 6.51 23.33 43.52
N ASN A 131 6.05 24.53 43.85
CA ASN A 131 4.95 24.76 44.81
C ASN A 131 3.82 25.56 44.16
N CYS A 132 3.73 25.53 42.82
CA CYS A 132 2.58 26.07 42.05
C CYS A 132 1.33 25.31 42.46
N CYS A 133 0.16 25.97 42.49
CA CYS A 133 -1.15 25.27 42.56
C CYS A 133 -1.22 24.31 41.37
N LEU A 134 -2.02 23.26 41.48
CA LEU A 134 -2.12 22.22 40.43
C LEU A 134 -2.58 22.85 39.11
N ASP A 135 -3.35 23.95 39.14
CA ASP A 135 -3.99 24.54 37.93
C ASP A 135 -3.27 25.82 37.46
N TYR A 136 -2.03 26.08 37.90
CA TYR A 136 -1.32 27.37 37.63
C TYR A 136 -1.16 27.58 36.12
N GLN A 137 -0.64 26.59 35.40
CA GLN A 137 -0.37 26.66 33.93
C GLN A 137 -1.67 26.92 33.17
N GLU A 138 -2.72 26.16 33.48
CA GLU A 138 -4.03 26.19 32.77
C GLU A 138 -4.71 27.53 33.01
N THR A 139 -4.67 28.04 34.24
CA THR A 139 -5.37 29.29 34.65
C THR A 139 -4.59 30.54 34.20
N CYS A 140 -3.26 30.55 34.30
CA CYS A 140 -2.42 31.79 34.25
C CYS A 140 -1.56 31.90 32.99
N ILE A 141 -1.05 30.79 32.43
CA ILE A 141 -0.03 30.82 31.33
C ILE A 141 -0.69 30.45 29.99
N GLU A 142 -1.34 29.27 29.93
CA GLU A 142 -1.97 28.71 28.71
C GLU A 142 -2.74 29.79 27.96
N PRO A 143 -3.62 30.60 28.62
CA PRO A 143 -4.43 31.59 27.91
C PRO A 143 -3.66 32.55 26.99
N GLU A 144 -2.35 32.70 27.19
CA GLU A 144 -1.49 33.56 26.34
C GLU A 144 -1.21 32.86 25.00
N HIS A 145 -1.42 31.54 24.92
CA HIS A 145 -0.92 30.66 23.83
C HIS A 145 -2.05 29.90 23.13
N ILE A 146 -3.29 29.93 23.65
CA ILE A 146 -4.42 29.15 23.09
C ILE A 146 -5.57 30.09 22.72
N TRP A 147 -6.49 29.59 21.88
CA TRP A 147 -7.66 30.31 21.37
C TRP A 147 -8.95 29.66 21.88
N THR A 148 -8.86 28.82 22.90
CA THR A 148 -9.99 28.01 23.42
C THR A 148 -10.26 28.31 24.90
N CYS A 149 -11.53 28.28 25.29
CA CYS A 149 -11.98 28.14 26.69
C CYS A 149 -11.93 26.66 27.07
N ASN A 150 -11.83 26.40 28.37
CA ASN A 150 -11.81 25.05 29.00
C ASN A 150 -12.34 25.22 30.44
N LYS A 151 -12.61 24.12 31.16
CA LYS A 151 -13.28 24.17 32.48
C LYS A 151 -12.43 24.96 33.49
N PHE A 152 -11.11 25.13 33.26
CA PHE A 152 -10.21 25.95 34.12
C PHE A 152 -10.43 27.45 33.93
N ARG A 153 -10.96 27.85 32.77
CA ARG A 153 -11.00 29.27 32.34
C ARG A 153 -12.41 29.85 32.46
N CYS A 154 -13.46 29.03 32.60
CA CYS A 154 -14.85 29.51 32.64
C CYS A 154 -15.02 30.38 33.89
N GLY A 155 -15.36 31.66 33.70
CA GLY A 155 -15.46 32.66 34.79
C GLY A 155 -14.10 33.07 35.31
N GLU A 156 -13.09 33.04 34.45
CA GLU A 156 -11.72 33.54 34.78
C GLU A 156 -11.82 35.03 35.08
N LYS A 157 -10.99 35.52 35.98
CA LYS A 157 -10.67 36.97 36.09
C LYS A 157 -9.94 37.33 34.80
N ARG A 158 -10.45 38.32 34.06
CA ARG A 158 -9.85 38.74 32.77
C ARG A 158 -8.34 38.90 32.94
N LEU A 159 -7.54 38.23 32.11
CA LEU A 159 -6.06 38.40 31.99
C LEU A 159 -5.79 39.36 30.84
N THR A 160 -4.79 40.23 30.99
CA THR A 160 -4.48 41.32 30.02
C THR A 160 -3.80 40.73 28.78
N ARG A 161 -3.03 39.65 28.94
CA ARG A 161 -2.17 39.09 27.86
C ARG A 161 -2.86 37.90 27.16
N SER A 162 -4.08 37.52 27.57
CA SER A 162 -4.81 36.35 26.99
C SER A 162 -5.27 36.68 25.56
N LEU A 163 -5.19 35.71 24.64
CA LEU A 163 -5.50 35.90 23.19
C LEU A 163 -7.00 36.12 23.00
N CYS A 164 -7.85 35.43 23.76
CA CYS A 164 -9.31 35.69 23.85
C CYS A 164 -9.73 35.51 25.32
N ALA A 165 -10.96 35.88 25.68
CA ALA A 165 -11.46 35.87 27.08
C ALA A 165 -12.50 34.78 27.30
N CYS A 166 -12.58 34.26 28.53
CA CYS A 166 -13.64 33.34 29.02
C CYS A 166 -14.24 33.92 30.30
N SER A 167 -14.00 35.21 30.55
CA SER A 167 -14.52 35.96 31.72
C SER A 167 -16.02 36.19 31.53
N ASP A 168 -16.76 36.40 32.63
CA ASP A 168 -18.22 36.58 32.62
C ASP A 168 -18.58 37.76 31.70
N ASP A 169 -17.72 38.79 31.65
CA ASP A 169 -17.96 40.04 30.89
C ASP A 169 -17.56 39.91 29.41
N CYS A 170 -17.19 38.73 28.92
CA CYS A 170 -16.57 38.55 27.56
C CYS A 170 -17.62 38.80 26.47
N LYS A 171 -18.88 38.41 26.68
CA LYS A 171 -19.98 38.58 25.69
C LYS A 171 -20.23 40.08 25.49
N ASP A 172 -20.29 40.82 26.60
CA ASP A 172 -20.48 42.30 26.62
C ASP A 172 -19.33 43.00 25.88
N LYS A 173 -18.08 42.69 26.19
CA LYS A 173 -16.88 43.28 25.53
C LYS A 173 -16.67 42.64 24.14
N GLY A 174 -17.39 41.54 23.84
CA GLY A 174 -17.43 40.88 22.52
C GLY A 174 -16.07 40.35 22.09
N ASP A 175 -15.37 39.59 22.95
CA ASP A 175 -14.06 38.99 22.64
C ASP A 175 -13.92 37.60 23.30
N CYS A 176 -15.05 36.92 23.54
CA CYS A 176 -15.08 35.51 23.99
C CYS A 176 -14.33 34.65 22.97
N CYS A 177 -13.57 33.66 23.43
CA CYS A 177 -13.06 32.55 22.58
C CYS A 177 -14.26 31.91 21.88
N ILE A 178 -14.07 31.46 20.64
CA ILE A 178 -15.19 30.94 19.78
C ILE A 178 -15.96 29.83 20.50
N ASN A 179 -15.29 28.98 21.28
CA ASN A 179 -15.95 27.82 21.92
C ASN A 179 -16.57 28.18 23.29
N TYR A 180 -16.68 29.46 23.63
CA TYR A 180 -17.14 29.95 24.96
C TYR A 180 -18.54 29.41 25.27
N SER A 181 -19.49 29.65 24.39
CA SER A 181 -20.91 29.23 24.56
C SER A 181 -21.00 27.71 24.77
N SER A 182 -20.22 26.92 24.03
CA SER A 182 -20.28 25.44 24.06
C SER A 182 -19.72 24.91 25.40
N VAL A 183 -18.61 25.49 25.87
CA VAL A 183 -17.83 24.95 27.01
C VAL A 183 -18.35 25.56 28.32
N CYS A 184 -18.59 26.87 28.33
CA CYS A 184 -18.88 27.66 29.56
C CYS A 184 -20.39 27.89 29.77
N GLN A 185 -21.24 27.77 28.73
CA GLN A 185 -22.71 27.94 28.90
C GLN A 185 -23.45 26.65 28.52
N GLY A 186 -22.75 25.57 28.13
CA GLY A 186 -23.32 24.25 27.82
C GLY A 186 -24.19 24.23 26.56
N GLU A 187 -24.10 25.24 25.71
CA GLU A 187 -24.76 25.25 24.38
C GLU A 187 -24.05 24.23 23.48
N LYS A 188 -24.72 23.80 22.41
CA LYS A 188 -24.13 22.85 21.42
C LYS A 188 -23.23 23.64 20.46
N SER A 189 -22.08 23.07 20.12
CA SER A 189 -21.19 23.51 19.01
C SER A 189 -21.90 23.22 17.68
N TRP A 190 -21.45 23.84 16.59
CA TRP A 190 -22.00 23.55 15.24
C TRP A 190 -22.00 22.02 15.02
N VAL A 191 -20.90 21.35 15.28
CA VAL A 191 -20.73 19.90 14.95
C VAL A 191 -21.73 19.05 15.74
N GLU A 192 -22.10 19.48 16.95
CA GLU A 192 -22.98 18.68 17.85
C GLU A 192 -24.44 18.75 17.36
N GLU A 193 -24.83 19.83 16.70
CA GLU A 193 -26.23 20.02 16.19
C GLU A 193 -26.49 19.03 15.06
N PRO A 194 -27.66 18.37 15.03
CA PRO A 194 -28.01 17.50 13.90
C PRO A 194 -28.15 18.34 12.62
N CYS A 195 -27.98 17.73 11.44
CA CYS A 195 -28.18 18.43 10.14
C CYS A 195 -29.59 19.04 10.12
N GLU A 196 -29.71 20.26 9.63
CA GLU A 196 -31.02 20.90 9.31
C GLU A 196 -30.91 21.48 7.90
N SER A 197 -31.91 21.23 7.07
CA SER A 197 -31.92 21.69 5.66
C SER A 197 -31.99 23.23 5.62
N ILE A 198 -31.35 23.84 4.64
CA ILE A 198 -31.28 25.32 4.46
C ILE A 198 -31.94 25.66 3.13
N ASN A 199 -33.27 25.74 3.11
CA ASN A 199 -34.06 25.95 1.86
C ASN A 199 -34.11 27.46 1.58
N GLU A 200 -34.47 28.25 2.57
CA GLU A 200 -34.33 29.73 2.55
C GLU A 200 -33.02 30.08 3.26
N PRO A 201 -32.11 30.86 2.64
CA PRO A 201 -30.97 31.41 3.37
C PRO A 201 -31.46 32.40 4.44
N GLN A 202 -30.77 32.46 5.59
CA GLN A 202 -31.04 33.43 6.69
C GLN A 202 -29.82 34.35 6.76
N CYS A 203 -29.86 35.46 6.04
CA CYS A 203 -28.72 36.37 5.79
C CYS A 203 -29.04 37.79 6.26
N PRO A 204 -28.02 38.58 6.65
CA PRO A 204 -28.25 40.00 6.93
C PRO A 204 -28.47 40.78 5.63
N ALA A 205 -29.00 42.00 5.72
CA ALA A 205 -29.03 42.97 4.60
C ALA A 205 -27.61 43.12 4.06
N GLY A 206 -27.47 43.11 2.74
CA GLY A 206 -26.19 43.16 2.01
C GLY A 206 -25.85 41.82 1.41
N PHE A 207 -26.47 40.75 1.90
CA PHE A 207 -26.22 39.34 1.48
C PHE A 207 -27.48 38.77 0.82
N GLU A 208 -28.23 39.61 0.11
CA GLU A 208 -29.38 39.18 -0.73
C GLU A 208 -28.90 38.09 -1.68
N THR A 209 -27.67 38.24 -2.19
CA THR A 209 -26.82 37.15 -2.72
C THR A 209 -25.88 36.71 -1.59
N PRO A 210 -25.96 35.45 -1.12
CA PRO A 210 -25.17 35.00 0.02
C PRO A 210 -23.67 34.96 -0.31
N PRO A 211 -22.78 35.02 0.70
CA PRO A 211 -21.35 34.93 0.45
C PRO A 211 -20.96 33.48 0.11
N THR A 212 -19.88 33.31 -0.64
CA THR A 212 -19.20 32.02 -0.88
C THR A 212 -17.80 32.10 -0.29
N LEU A 213 -17.39 31.08 0.46
CA LEU A 213 -16.02 30.96 1.04
C LEU A 213 -15.39 29.70 0.46
N LEU A 214 -14.24 29.86 -0.19
CA LEU A 214 -13.42 28.78 -0.78
C LEU A 214 -12.30 28.46 0.20
N PHE A 215 -12.40 27.33 0.90
CA PHE A 215 -11.51 26.90 2.00
C PHE A 215 -10.67 25.72 1.53
N SER A 216 -9.37 25.94 1.35
CA SER A 216 -8.43 24.94 0.80
C SER A 216 -7.57 24.36 1.93
N LEU A 217 -7.55 23.04 2.01
CA LEU A 217 -6.62 22.23 2.83
C LEU A 217 -5.61 21.62 1.85
N ASP A 218 -4.44 22.24 1.73
CA ASP A 218 -3.35 21.83 0.81
C ASP A 218 -3.04 20.35 1.03
N GLY A 219 -3.03 19.55 -0.04
CA GLY A 219 -2.54 18.16 -0.05
C GLY A 219 -3.43 17.21 0.74
N PHE A 220 -4.70 17.58 0.93
CA PHE A 220 -5.71 16.68 1.53
C PHE A 220 -6.17 15.71 0.43
N ARG A 221 -5.56 14.54 0.36
CA ARG A 221 -5.98 13.50 -0.60
C ARG A 221 -7.37 12.99 -0.19
N ALA A 222 -8.22 12.71 -1.16
CA ALA A 222 -9.60 12.24 -0.97
C ALA A 222 -9.61 11.03 -0.04
N GLU A 223 -8.62 10.15 -0.16
CA GLU A 223 -8.52 8.88 0.61
C GLU A 223 -8.49 9.16 2.12
N TYR A 224 -7.89 10.28 2.56
CA TYR A 224 -7.81 10.66 3.99
C TYR A 224 -9.21 10.62 4.63
N LEU A 225 -10.22 11.12 3.94
CA LEU A 225 -11.61 11.16 4.46
C LEU A 225 -12.24 9.76 4.36
N HIS A 226 -11.92 9.00 3.31
CA HIS A 226 -12.42 7.61 3.13
C HIS A 226 -12.05 6.75 4.34
N THR A 227 -10.83 6.89 4.86
CA THR A 227 -10.18 5.97 5.83
C THR A 227 -10.25 6.55 7.25
N TRP A 228 -10.09 7.87 7.42
CA TRP A 228 -9.95 8.53 8.75
C TRP A 228 -11.19 9.36 9.09
N GLY A 229 -12.30 9.16 8.38
CA GLY A 229 -13.55 9.91 8.62
C GLY A 229 -13.95 9.89 10.08
N GLY A 230 -13.78 8.76 10.75
CA GLY A 230 -14.12 8.58 12.18
C GLY A 230 -13.28 9.44 13.10
N LEU A 231 -12.12 9.92 12.64
CA LEU A 231 -11.18 10.77 13.42
C LEU A 231 -11.42 12.25 13.10
N LEU A 232 -12.33 12.54 12.16
CA LEU A 232 -12.55 13.89 11.57
C LEU A 232 -14.03 14.24 11.62
N PRO A 233 -14.59 14.50 12.83
CA PRO A 233 -16.02 14.67 12.99
C PRO A 233 -16.61 15.88 12.23
N VAL A 234 -15.91 17.01 12.19
CA VAL A 234 -16.45 18.25 11.56
C VAL A 234 -16.56 18.03 10.06
N ILE A 235 -15.49 17.63 9.40
CA ILE A 235 -15.48 17.41 7.92
C ILE A 235 -16.49 16.30 7.60
N SER A 236 -16.55 15.26 8.43
CA SER A 236 -17.53 14.15 8.27
C SER A 236 -18.97 14.68 8.31
N LYS A 237 -19.27 15.62 9.22
N LYS A 237 -19.27 15.62 9.21
CA LYS A 237 -20.63 16.22 9.34
CA LYS A 237 -20.63 16.22 9.33
C LYS A 237 -20.92 17.09 8.11
C LYS A 237 -20.92 17.09 8.11
N LEU A 238 -19.95 17.87 7.64
CA LEU A 238 -20.14 18.70 6.42
C LEU A 238 -20.52 17.78 5.26
N LYS A 239 -19.82 16.65 5.11
CA LYS A 239 -20.15 15.61 4.10
C LYS A 239 -21.60 15.15 4.30
N LYS A 240 -21.97 14.77 5.53
CA LYS A 240 -23.30 14.22 5.86
C LYS A 240 -24.39 15.25 5.55
N CYS A 241 -24.20 16.51 5.94
CA CYS A 241 -25.23 17.59 5.83
C CYS A 241 -25.21 18.24 4.45
N GLY A 242 -24.18 17.99 3.64
CA GLY A 242 -23.89 18.81 2.45
C GLY A 242 -23.83 17.98 1.18
N THR A 243 -23.06 18.47 0.21
CA THR A 243 -22.87 17.90 -1.14
C THR A 243 -21.41 17.50 -1.24
N TYR A 244 -21.15 16.22 -1.45
CA TYR A 244 -19.81 15.58 -1.39
C TYR A 244 -19.57 14.77 -2.66
N THR A 245 -18.32 14.70 -3.11
CA THR A 245 -17.85 13.65 -4.06
C THR A 245 -16.72 12.88 -3.38
N LYS A 246 -16.67 11.56 -3.56
CA LYS A 246 -15.58 10.72 -3.00
C LYS A 246 -14.24 11.17 -3.59
N ASN A 247 -14.26 11.74 -4.80
CA ASN A 247 -13.05 12.13 -5.56
C ASN A 247 -13.31 13.36 -6.45
N MET A 248 -12.59 14.45 -6.21
CA MET A 248 -12.53 15.57 -7.17
C MET A 248 -11.21 15.43 -7.95
N ARG A 249 -11.28 15.35 -9.29
CA ARG A 249 -10.09 15.14 -10.14
C ARG A 249 -9.39 16.49 -10.27
N PRO A 250 -8.10 16.58 -9.88
CA PRO A 250 -7.31 17.78 -10.10
C PRO A 250 -6.86 17.90 -11.56
N VAL A 251 -6.19 19.02 -11.88
CA VAL A 251 -5.52 19.26 -13.18
C VAL A 251 -4.08 18.77 -13.05
N TYR A 252 -3.46 18.42 -14.18
CA TYR A 252 -2.04 17.98 -14.32
C TYR A 252 -1.21 19.22 -14.63
N PRO A 253 0.02 19.36 -14.08
CA PRO A 253 0.53 18.45 -13.05
C PRO A 253 -0.16 18.72 -11.71
N THR A 254 -0.31 17.67 -10.90
CA THR A 254 -1.06 17.70 -9.62
C THR A 254 -0.21 18.40 -8.55
N LYS A 255 -0.07 19.71 -8.69
CA LYS A 255 0.76 20.59 -7.83
C LYS A 255 -0.09 21.76 -7.33
N THR A 256 0.40 22.48 -6.33
CA THR A 256 -0.33 23.51 -5.55
C THR A 256 -0.73 24.72 -6.40
N PHE A 257 0.22 25.45 -7.01
CA PHE A 257 -0.09 26.69 -7.74
C PHE A 257 -0.97 26.39 -8.95
N PRO A 258 -0.65 25.40 -9.83
CA PRO A 258 -1.51 25.08 -10.96
C PRO A 258 -2.97 24.78 -10.58
N ASN A 259 -3.18 23.98 -9.53
CA ASN A 259 -4.54 23.51 -9.14
C ASN A 259 -5.32 24.65 -8.45
N HIS A 260 -4.70 25.42 -7.56
CA HIS A 260 -5.36 26.57 -6.89
C HIS A 260 -5.79 27.59 -7.95
N TYR A 261 -4.91 27.90 -8.91
CA TYR A 261 -5.20 28.95 -9.92
C TYR A 261 -6.23 28.38 -10.90
N SER A 262 -6.20 27.08 -11.18
CA SER A 262 -7.24 26.39 -11.98
C SER A 262 -8.61 26.48 -11.29
N ILE A 263 -8.66 26.31 -9.97
CA ILE A 263 -9.96 26.29 -9.23
C ILE A 263 -10.66 27.63 -9.42
N VAL A 264 -9.93 28.76 -9.33
CA VAL A 264 -10.50 30.13 -9.31
C VAL A 264 -10.57 30.73 -10.72
N THR A 265 -10.15 30.00 -11.77
CA THR A 265 -10.22 30.49 -13.18
C THR A 265 -11.05 29.56 -14.07
N GLY A 266 -11.21 28.28 -13.70
CA GLY A 266 -11.87 27.27 -14.54
C GLY A 266 -11.04 26.93 -15.77
N LEU A 267 -9.75 27.29 -15.79
CA LEU A 267 -8.84 27.05 -16.94
C LEU A 267 -7.87 25.92 -16.60
N TYR A 268 -7.49 25.11 -17.60
CA TYR A 268 -6.33 24.20 -17.56
C TYR A 268 -5.07 25.04 -17.39
N PRO A 269 -4.03 24.53 -16.70
CA PRO A 269 -2.77 25.25 -16.58
C PRO A 269 -2.18 25.71 -17.92
N GLU A 270 -2.30 24.89 -18.98
CA GLU A 270 -1.79 25.22 -20.33
C GLU A 270 -2.40 26.54 -20.83
N SER A 271 -3.55 26.96 -20.31
CA SER A 271 -4.27 28.19 -20.71
C SER A 271 -4.09 29.32 -19.69
N HIS A 272 -3.97 29.02 -18.40
CA HIS A 272 -3.88 30.06 -17.33
C HIS A 272 -2.40 30.39 -17.08
N GLY A 273 -1.49 29.53 -17.54
CA GLY A 273 -0.04 29.85 -17.63
C GLY A 273 0.75 29.46 -16.39
N ILE A 274 0.09 29.09 -15.28
CA ILE A 274 0.78 28.64 -14.04
C ILE A 274 0.87 27.11 -14.09
N ILE A 275 1.87 26.59 -14.78
CA ILE A 275 2.00 25.13 -15.08
C ILE A 275 2.80 24.46 -13.96
N ASP A 276 3.50 25.23 -13.12
CA ASP A 276 4.29 24.69 -11.98
C ASP A 276 4.78 25.83 -11.08
N ASN A 277 5.34 25.47 -9.93
CA ASN A 277 5.89 26.38 -8.90
C ASN A 277 7.23 26.94 -9.44
N LYS A 278 7.86 26.23 -10.36
CA LYS A 278 9.06 26.68 -11.14
C LYS A 278 8.79 26.49 -12.63
N MET A 279 8.90 27.56 -13.41
CA MET A 279 8.66 27.61 -14.89
C MET A 279 9.80 28.42 -15.52
N TYR A 280 10.03 28.24 -16.82
CA TYR A 280 10.80 29.18 -17.67
C TYR A 280 9.92 29.57 -18.85
N ASP A 281 9.75 30.87 -19.11
CA ASP A 281 9.06 31.37 -20.33
C ASP A 281 10.13 31.83 -21.32
N PRO A 282 10.21 31.24 -22.53
CA PRO A 282 11.22 31.64 -23.52
C PRO A 282 11.00 33.04 -24.10
N LYS A 283 9.76 33.39 -24.47
CA LYS A 283 9.39 34.70 -25.05
C LYS A 283 9.74 35.83 -24.05
N MET A 284 9.59 35.60 -22.74
CA MET A 284 9.92 36.58 -21.68
C MET A 284 11.41 36.42 -21.30
N ASN A 285 12.00 35.27 -21.60
CA ASN A 285 13.37 34.87 -21.13
C ASN A 285 13.48 35.21 -19.63
N ALA A 286 12.53 34.71 -18.84
CA ALA A 286 12.49 34.86 -17.37
C ALA A 286 12.10 33.51 -16.74
N SER A 287 12.50 33.30 -15.48
CA SER A 287 12.14 32.11 -14.68
C SER A 287 11.16 32.51 -13.57
N PHE A 288 10.15 31.68 -13.34
CA PHE A 288 9.15 31.83 -12.25
C PHE A 288 9.60 31.00 -11.06
N SER A 289 9.65 31.61 -9.88
CA SER A 289 9.94 30.96 -8.58
C SER A 289 9.12 31.62 -7.48
N LEU A 290 8.69 30.86 -6.47
CA LEU A 290 7.90 31.37 -5.32
C LEU A 290 8.78 32.21 -4.38
N LYS A 291 10.10 32.01 -4.42
CA LYS A 291 11.09 32.75 -3.58
C LYS A 291 11.52 34.06 -4.28
N SER A 292 11.23 34.18 -5.58
CA SER A 292 11.66 35.30 -6.46
C SER A 292 10.61 36.42 -6.45
N LYS A 293 10.95 37.59 -7.00
CA LYS A 293 10.04 38.75 -7.18
C LYS A 293 9.16 38.53 -8.41
N GLU A 294 9.46 37.51 -9.23
CA GLU A 294 8.73 37.21 -10.49
C GLU A 294 7.36 36.64 -10.13
N LYS A 295 7.24 36.07 -8.93
CA LYS A 295 5.97 35.59 -8.33
C LYS A 295 4.89 36.67 -8.42
N PHE A 296 5.27 37.95 -8.36
CA PHE A 296 4.35 39.12 -8.32
C PHE A 296 4.20 39.74 -9.71
N ASN A 297 4.82 39.16 -10.75
CA ASN A 297 4.78 39.70 -12.13
C ASN A 297 3.50 39.24 -12.81
N PRO A 298 2.54 40.15 -13.09
CA PRO A 298 1.29 39.81 -13.77
C PRO A 298 1.39 39.05 -15.11
N GLU A 299 2.54 39.13 -15.77
CA GLU A 299 2.75 38.50 -17.11
C GLU A 299 2.49 36.98 -17.02
N TRP A 300 2.79 36.37 -15.86
CA TRP A 300 2.67 34.92 -15.59
C TRP A 300 1.21 34.48 -15.53
N TYR A 301 0.32 35.31 -14.96
CA TYR A 301 -1.07 34.92 -14.60
C TYR A 301 -2.02 35.33 -15.73
N LYS A 302 -2.48 34.35 -16.52
CA LYS A 302 -3.48 34.55 -17.60
C LYS A 302 -4.88 34.26 -17.04
N GLY A 303 -5.90 34.40 -17.90
CA GLY A 303 -7.31 34.15 -17.54
C GLY A 303 -7.81 35.17 -16.54
N GLU A 304 -8.96 34.90 -15.93
CA GLU A 304 -9.69 35.84 -15.02
C GLU A 304 -10.08 35.09 -13.75
N PRO A 305 -9.37 35.33 -12.62
CA PRO A 305 -9.74 34.72 -11.35
C PRO A 305 -11.12 35.22 -10.91
N ILE A 306 -11.86 34.42 -10.14
CA ILE A 306 -13.27 34.73 -9.76
C ILE A 306 -13.35 36.06 -9.01
N TRP A 307 -12.30 36.48 -8.29
CA TRP A 307 -12.33 37.77 -7.56
C TRP A 307 -12.33 38.94 -8.54
N VAL A 308 -11.73 38.76 -9.72
CA VAL A 308 -11.72 39.78 -10.81
C VAL A 308 -13.10 39.77 -11.49
N THR A 309 -13.62 38.58 -11.83
CA THR A 309 -14.99 38.41 -12.38
C THR A 309 -15.98 39.14 -11.46
N ALA A 310 -15.88 38.91 -10.15
CA ALA A 310 -16.76 39.46 -9.11
C ALA A 310 -16.68 40.99 -9.10
N LYS A 311 -15.46 41.55 -9.20
CA LYS A 311 -15.22 43.01 -9.08
C LYS A 311 -15.89 43.73 -10.25
N TYR A 312 -15.77 43.20 -11.47
CA TYR A 312 -16.35 43.77 -12.71
C TYR A 312 -17.89 43.79 -12.61
N GLN A 313 -18.47 42.89 -11.81
CA GLN A 313 -19.95 42.79 -11.66
C GLN A 313 -20.34 43.28 -10.26
N GLY A 314 -19.45 43.97 -9.56
CA GLY A 314 -19.77 44.79 -8.37
C GLY A 314 -19.80 44.02 -7.04
N LEU A 315 -19.18 42.84 -6.94
CA LEU A 315 -18.97 42.15 -5.64
C LEU A 315 -17.51 42.30 -5.19
N LYS A 316 -17.27 42.58 -3.91
CA LYS A 316 -15.92 42.68 -3.30
C LYS A 316 -15.43 41.28 -2.86
N SER A 317 -14.13 41.16 -2.58
CA SER A 317 -13.46 39.87 -2.29
C SER A 317 -12.49 40.02 -1.12
N GLY A 318 -12.41 38.97 -0.30
CA GLY A 318 -11.46 38.89 0.84
C GLY A 318 -10.71 37.59 0.77
N THR A 319 -9.42 37.63 0.42
CA THR A 319 -8.58 36.42 0.28
C THR A 319 -7.57 36.40 1.43
N PHE A 320 -7.62 35.37 2.29
CA PHE A 320 -6.56 35.11 3.29
C PHE A 320 -5.70 33.98 2.74
N PHE A 321 -4.86 34.32 1.76
CA PHE A 321 -3.90 33.45 1.04
C PHE A 321 -4.64 32.69 -0.08
N TRP A 322 -4.16 32.86 -1.31
CA TRP A 322 -4.52 32.05 -2.50
C TRP A 322 -3.54 32.40 -3.60
N PRO A 323 -2.98 31.44 -4.36
CA PRO A 323 -2.17 31.77 -5.53
C PRO A 323 -2.83 32.79 -6.47
N GLY A 324 -2.18 33.95 -6.67
CA GLY A 324 -2.63 35.03 -7.57
C GLY A 324 -3.33 36.17 -6.85
N SER A 325 -3.67 36.00 -5.57
CA SER A 325 -4.49 36.98 -4.80
C SER A 325 -3.62 38.15 -4.35
N ASP A 326 -2.30 37.97 -4.35
CA ASP A 326 -1.29 39.01 -3.99
C ASP A 326 -0.63 39.55 -5.25
N VAL A 327 -1.29 39.41 -6.42
CA VAL A 327 -0.79 39.82 -7.75
C VAL A 327 -1.82 40.73 -8.41
N GLU A 328 -1.38 41.78 -9.09
CA GLU A 328 -2.24 42.75 -9.82
C GLU A 328 -2.64 42.12 -11.16
N ILE A 329 -3.78 41.43 -11.19
CA ILE A 329 -4.28 40.68 -12.39
C ILE A 329 -5.37 41.53 -13.06
N ASN A 330 -5.23 41.81 -14.36
CA ASN A 330 -6.07 42.78 -15.12
C ASN A 330 -6.20 44.08 -14.31
N GLY A 331 -5.12 44.52 -13.66
CA GLY A 331 -5.03 45.80 -12.92
C GLY A 331 -5.75 45.77 -11.57
N ILE A 332 -6.15 44.58 -11.10
CA ILE A 332 -7.05 44.42 -9.91
C ILE A 332 -6.40 43.49 -8.88
N PHE A 333 -6.45 43.92 -7.62
CA PHE A 333 -6.27 43.07 -6.42
C PHE A 333 -7.65 42.76 -5.83
N PRO A 334 -7.79 41.70 -5.01
CA PRO A 334 -8.96 41.58 -4.13
C PRO A 334 -9.07 42.82 -3.23
N ASP A 335 -10.30 43.16 -2.81
CA ASP A 335 -10.54 44.34 -1.95
C ASP A 335 -9.79 44.19 -0.63
N ILE A 336 -9.64 42.96 -0.14
CA ILE A 336 -8.78 42.61 1.02
C ILE A 336 -7.97 41.39 0.61
N TYR A 337 -6.65 41.46 0.78
CA TYR A 337 -5.74 40.33 0.50
C TYR A 337 -4.58 40.39 1.48
N LYS A 338 -3.91 39.25 1.65
CA LYS A 338 -2.76 39.11 2.57
C LYS A 338 -1.53 38.72 1.74
N MET A 339 -0.41 39.39 1.97
CA MET A 339 0.91 38.94 1.48
C MET A 339 1.17 37.59 2.16
N TYR A 340 1.52 36.57 1.37
CA TYR A 340 1.67 35.19 1.87
C TYR A 340 2.72 35.17 2.98
N ASN A 341 2.37 34.53 4.09
CA ASN A 341 3.23 34.34 5.29
C ASN A 341 2.76 33.04 5.95
N GLY A 342 3.39 31.91 5.58
CA GLY A 342 3.02 30.57 6.07
C GLY A 342 3.10 30.45 7.57
N SER A 343 3.69 31.43 8.27
CA SER A 343 3.93 31.40 9.74
C SER A 343 2.69 31.88 10.52
N VAL A 344 1.74 32.54 9.85
CA VAL A 344 0.51 33.04 10.50
C VAL A 344 -0.27 31.82 10.96
N PRO A 345 -0.55 31.69 12.28
CA PRO A 345 -1.26 30.52 12.81
C PRO A 345 -2.64 30.39 12.17
N PHE A 346 -3.12 29.15 11.97
CA PHE A 346 -4.41 28.87 11.28
C PHE A 346 -5.55 29.62 11.98
N GLU A 347 -5.54 29.67 13.31
CA GLU A 347 -6.61 30.31 14.11
C GLU A 347 -6.74 31.80 13.71
N GLU A 348 -5.63 32.49 13.47
CA GLU A 348 -5.62 33.94 13.15
C GLU A 348 -6.23 34.16 11.76
N ARG A 349 -5.98 33.24 10.83
CA ARG A 349 -6.53 33.35 9.45
C ARG A 349 -8.05 33.27 9.53
N ILE A 350 -8.56 32.31 10.28
CA ILE A 350 -10.02 32.05 10.45
C ILE A 350 -10.65 33.23 11.20
N LEU A 351 -9.99 33.76 12.22
CA LEU A 351 -10.54 34.90 13.02
C LEU A 351 -10.62 36.15 12.13
N ALA A 352 -9.67 36.34 11.23
CA ALA A 352 -9.62 37.51 10.31
C ALA A 352 -10.81 37.42 9.35
N VAL A 353 -11.06 36.25 8.76
CA VAL A 353 -12.20 36.05 7.83
C VAL A 353 -13.51 36.33 8.59
N LEU A 354 -13.60 35.92 9.86
CA LEU A 354 -14.80 36.18 10.69
C LEU A 354 -14.94 37.69 10.95
N GLN A 355 -13.84 38.45 11.02
CA GLN A 355 -13.90 39.93 11.14
C GLN A 355 -14.46 40.51 9.84
N TRP A 356 -13.99 40.03 8.68
CA TRP A 356 -14.44 40.54 7.36
C TRP A 356 -15.95 40.34 7.22
N LEU A 357 -16.49 39.23 7.72
CA LEU A 357 -17.95 38.89 7.63
C LEU A 357 -18.76 39.80 8.57
N GLN A 358 -18.12 40.59 9.44
CA GLN A 358 -18.79 41.57 10.33
C GLN A 358 -18.57 43.02 9.87
N LEU A 359 -17.89 43.24 8.74
CA LEU A 359 -17.74 44.60 8.15
C LEU A 359 -19.12 45.11 7.79
N PRO A 360 -19.34 46.45 7.73
CA PRO A 360 -20.59 46.99 7.21
C PRO A 360 -20.76 46.64 5.73
N LYS A 361 -22.00 46.53 5.26
CA LYS A 361 -22.38 45.93 3.94
C LYS A 361 -21.72 46.67 2.77
N ASP A 362 -21.37 47.94 2.93
CA ASP A 362 -20.72 48.75 1.86
C ASP A 362 -19.31 48.22 1.54
N GLU A 363 -18.57 47.70 2.52
CA GLU A 363 -17.15 47.28 2.32
C GLU A 363 -16.97 45.77 2.53
N ARG A 364 -18.03 45.03 2.85
CA ARG A 364 -17.94 43.59 3.22
C ARG A 364 -17.91 42.73 1.96
N PRO A 365 -16.88 41.87 1.77
CA PRO A 365 -16.84 40.98 0.61
C PRO A 365 -17.98 39.96 0.52
N HIS A 366 -18.18 39.42 -0.70
CA HIS A 366 -19.10 38.30 -1.02
C HIS A 366 -18.29 37.03 -1.27
N PHE A 367 -17.10 37.14 -1.88
CA PHE A 367 -16.21 35.99 -2.16
C PHE A 367 -15.02 36.04 -1.21
N TYR A 368 -14.77 34.92 -0.52
CA TYR A 368 -13.70 34.75 0.48
C TYR A 368 -12.87 33.54 0.12
N THR A 369 -11.57 33.56 0.44
CA THR A 369 -10.71 32.36 0.40
C THR A 369 -9.97 32.21 1.72
N LEU A 370 -9.68 30.97 2.05
CA LEU A 370 -8.91 30.54 3.24
C LEU A 370 -8.03 29.40 2.75
N TYR A 371 -6.75 29.45 3.06
CA TYR A 371 -5.76 28.43 2.63
C TYR A 371 -4.95 28.03 3.86
N LEU A 372 -4.84 26.72 4.11
CA LEU A 372 -3.96 26.11 5.14
C LEU A 372 -2.95 25.19 4.44
N GLU A 373 -1.72 25.15 4.95
CA GLU A 373 -0.59 24.37 4.36
C GLU A 373 -0.71 22.90 4.73
N GLU A 374 -1.58 22.54 5.67
CA GLU A 374 -1.77 21.13 6.11
C GLU A 374 -3.02 20.57 5.46
N PRO A 375 -3.08 19.25 5.20
CA PRO A 375 -2.03 18.31 5.59
C PRO A 375 -0.88 18.04 4.59
N ASP A 376 -0.63 18.94 3.63
CA ASP A 376 0.42 18.76 2.59
C ASP A 376 1.78 18.75 3.27
N SER A 377 2.02 19.71 4.15
CA SER A 377 3.32 19.92 4.83
C SER A 377 3.71 18.63 5.57
N SER A 378 2.81 18.08 6.39
CA SER A 378 3.04 16.82 7.15
C SER A 378 3.16 15.64 6.17
N GLY A 379 2.38 15.66 5.09
CA GLY A 379 2.41 14.61 4.05
C GLY A 379 3.80 14.43 3.48
N HIS A 380 4.42 15.53 3.01
CA HIS A 380 5.82 15.55 2.50
C HIS A 380 6.77 15.03 3.59
N SER A 381 6.76 15.69 4.75
CA SER A 381 7.76 15.50 5.83
C SER A 381 7.72 14.09 6.42
N TYR A 382 6.55 13.44 6.49
CA TYR A 382 6.37 12.18 7.25
C TYR A 382 5.68 11.09 6.42
N GLY A 383 5.19 11.41 5.22
CA GLY A 383 4.46 10.46 4.37
C GLY A 383 2.97 10.47 4.67
N PRO A 384 2.12 10.13 3.68
CA PRO A 384 0.66 10.21 3.83
C PRO A 384 0.07 9.23 4.87
N VAL A 385 0.78 8.15 5.18
CA VAL A 385 0.36 7.19 6.24
C VAL A 385 1.34 7.30 7.40
N SER A 386 1.02 8.15 8.38
CA SER A 386 1.93 8.57 9.47
C SER A 386 1.14 9.18 10.63
N SER A 387 1.69 9.10 11.84
CA SER A 387 1.12 9.74 13.06
C SER A 387 0.98 11.25 12.82
N GLU A 388 1.94 11.85 12.13
CA GLU A 388 2.01 13.32 11.93
C GLU A 388 0.85 13.76 11.02
N VAL A 389 0.54 12.98 9.98
CA VAL A 389 -0.58 13.28 9.06
C VAL A 389 -1.91 13.11 9.82
N ILE A 390 -2.06 12.09 10.66
CA ILE A 390 -3.31 11.91 11.46
C ILE A 390 -3.50 13.17 12.31
N LYS A 391 -2.44 13.62 12.98
CA LYS A 391 -2.49 14.78 13.89
C LYS A 391 -2.80 16.04 13.07
N ALA A 392 -2.26 16.12 11.86
CA ALA A 392 -2.45 17.28 10.94
C ALA A 392 -3.92 17.31 10.49
N LEU A 393 -4.49 16.14 10.18
CA LEU A 393 -5.89 16.00 9.74
C LEU A 393 -6.83 16.41 10.87
N GLN A 394 -6.55 15.96 12.09
CA GLN A 394 -7.36 16.35 13.28
C GLN A 394 -7.27 17.87 13.47
N ARG A 395 -6.09 18.45 13.31
CA ARG A 395 -5.88 19.92 13.48
C ARG A 395 -6.75 20.67 12.47
N VAL A 396 -6.70 20.33 11.17
CA VAL A 396 -7.49 21.05 10.13
C VAL A 396 -8.99 20.79 10.35
N ASP A 397 -9.37 19.59 10.79
CA ASP A 397 -10.78 19.30 11.14
C ASP A 397 -11.25 20.30 12.19
N GLY A 398 -10.41 20.55 13.21
CA GLY A 398 -10.70 21.48 14.30
C GLY A 398 -10.78 22.91 13.80
N MET A 399 -9.92 23.28 12.85
CA MET A 399 -9.92 24.64 12.25
C MET A 399 -11.23 24.86 11.49
N VAL A 400 -11.69 23.86 10.73
CA VAL A 400 -13.00 23.93 10.02
C VAL A 400 -14.09 24.11 11.08
N GLY A 401 -14.01 23.36 12.17
CA GLY A 401 -14.97 23.45 13.28
C GLY A 401 -14.97 24.84 13.90
N MET A 402 -13.79 25.45 13.98
CA MET A 402 -13.64 26.81 14.55
C MET A 402 -14.39 27.80 13.66
N LEU A 403 -14.29 27.64 12.33
CA LEU A 403 -15.01 28.50 11.37
C LEU A 403 -16.50 28.30 11.57
N MET A 404 -16.96 27.06 11.62
CA MET A 404 -18.42 26.76 11.70
C MET A 404 -18.98 27.32 13.03
N ASP A 405 -18.25 27.17 14.13
CA ASP A 405 -18.67 27.71 15.46
C ASP A 405 -18.72 29.24 15.36
N GLY A 406 -17.73 29.84 14.70
CA GLY A 406 -17.68 31.30 14.47
C GLY A 406 -18.85 31.79 13.66
N LEU A 407 -19.18 31.09 12.57
CA LEU A 407 -20.32 31.46 11.69
C LEU A 407 -21.61 31.36 12.50
N LYS A 408 -21.76 30.32 13.32
CA LYS A 408 -22.94 30.13 14.19
C LYS A 408 -23.10 31.33 15.13
N GLU A 409 -22.03 31.77 15.80
CA GLU A 409 -22.05 32.95 16.70
C GLU A 409 -22.58 34.16 15.94
N LEU A 410 -22.19 34.32 14.66
CA LEU A 410 -22.56 35.48 13.81
C LEU A 410 -23.92 35.26 13.14
N ASN A 411 -24.55 34.10 13.34
CA ASN A 411 -25.84 33.74 12.70
C ASN A 411 -25.67 33.73 11.19
N LEU A 412 -24.51 33.27 10.69
CA LEU A 412 -24.17 33.21 9.25
C LEU A 412 -24.06 31.76 8.78
N HIS A 413 -24.33 30.79 9.66
CA HIS A 413 -24.12 29.34 9.44
C HIS A 413 -25.23 28.77 8.56
N ARG A 414 -26.32 29.52 8.32
CA ARG A 414 -27.37 29.17 7.33
C ARG A 414 -27.47 30.32 6.32
N CYS A 415 -26.32 30.90 5.96
CA CYS A 415 -26.19 32.03 5.01
C CYS A 415 -25.04 31.73 4.04
N LEU A 416 -23.84 31.50 4.57
CA LEU A 416 -22.60 31.36 3.78
C LEU A 416 -22.60 30.03 3.03
N ASN A 417 -22.21 30.06 1.75
CA ASN A 417 -21.90 28.85 0.96
C ASN A 417 -20.43 28.51 1.18
N LEU A 418 -20.14 27.40 1.83
CA LEU A 418 -18.76 26.90 2.09
C LEU A 418 -18.42 25.85 1.04
N ILE A 419 -17.30 26.04 0.36
CA ILE A 419 -16.68 24.99 -0.50
C ILE A 419 -15.36 24.61 0.16
N LEU A 420 -15.36 23.48 0.86
CA LEU A 420 -14.14 22.88 1.46
C LEU A 420 -13.50 22.04 0.36
N ILE A 421 -12.23 22.29 0.05
CA ILE A 421 -11.57 21.76 -1.18
C ILE A 421 -10.11 21.48 -0.88
N SER A 422 -9.45 20.71 -1.75
CA SER A 422 -7.97 20.62 -1.79
C SER A 422 -7.50 20.66 -3.25
N ASP A 423 -6.21 20.90 -3.42
CA ASP A 423 -5.57 21.10 -4.74
C ASP A 423 -5.23 19.74 -5.36
N HIS A 424 -4.85 18.77 -4.53
CA HIS A 424 -4.29 17.47 -5.00
C HIS A 424 -4.11 16.52 -3.81
N GLY A 425 -3.74 15.28 -4.09
CA GLY A 425 -3.49 14.27 -3.06
C GLY A 425 -2.03 14.21 -2.69
N MET A 426 -1.58 13.03 -2.28
CA MET A 426 -0.23 12.79 -1.71
C MET A 426 0.07 11.31 -1.86
N GLU A 427 1.29 11.00 -2.29
CA GLU A 427 1.79 9.62 -2.52
C GLU A 427 3.07 9.45 -1.69
N GLN A 428 3.36 8.22 -1.26
CA GLN A 428 4.63 7.86 -0.60
C GLN A 428 5.72 7.69 -1.66
N GLY A 429 6.76 8.51 -1.61
CA GLY A 429 7.98 8.37 -2.42
C GLY A 429 8.91 7.32 -1.85
N SER A 430 9.79 6.78 -2.69
CA SER A 430 10.79 5.76 -2.32
C SER A 430 12.06 5.99 -3.15
N CYS A 431 13.23 5.88 -2.53
CA CYS A 431 14.56 5.99 -3.19
C CYS A 431 14.74 4.84 -4.17
N LYS A 432 14.03 3.72 -3.94
CA LYS A 432 13.98 2.53 -4.84
C LYS A 432 13.03 2.78 -6.03
N LYS A 433 12.25 3.87 -6.02
CA LYS A 433 11.28 4.20 -7.10
C LYS A 433 11.59 5.58 -7.66
N TYR A 434 12.88 5.89 -7.82
CA TYR A 434 13.38 7.15 -8.43
C TYR A 434 14.29 6.80 -9.60
N ILE A 435 14.06 7.42 -10.76
CA ILE A 435 14.83 7.19 -12.02
C ILE A 435 15.79 8.34 -12.21
N TYR A 436 17.06 8.04 -12.51
CA TYR A 436 18.12 9.03 -12.77
C TYR A 436 18.53 8.93 -14.25
N LEU A 437 18.38 10.00 -15.00
CA LEU A 437 18.60 10.04 -16.48
C LEU A 437 20.10 9.93 -16.79
N ASN A 438 20.97 10.34 -15.86
CA ASN A 438 22.45 10.29 -16.02
C ASN A 438 22.89 8.84 -16.25
N LYS A 439 22.11 7.86 -15.81
CA LYS A 439 22.34 6.42 -16.10
C LYS A 439 22.38 6.21 -17.63
N TYR A 440 21.50 6.87 -18.37
CA TYR A 440 21.27 6.64 -19.82
C TYR A 440 22.00 7.70 -20.66
N LEU A 441 22.19 8.91 -20.13
CA LEU A 441 22.72 10.06 -20.89
C LEU A 441 24.15 10.40 -20.46
N GLY A 442 24.59 9.93 -19.28
CA GLY A 442 25.84 10.37 -18.64
C GLY A 442 25.69 11.76 -18.03
N ASP A 443 26.71 12.22 -17.30
CA ASP A 443 26.65 13.46 -16.49
C ASP A 443 26.78 14.68 -17.42
N VAL A 444 25.89 14.79 -18.41
CA VAL A 444 25.86 15.87 -19.45
C VAL A 444 25.39 17.17 -18.78
N LYS A 445 25.86 18.32 -19.28
CA LYS A 445 25.69 19.65 -18.64
C LYS A 445 24.91 20.61 -19.56
N ASN A 446 24.29 20.10 -20.63
CA ASN A 446 23.58 20.92 -21.65
C ASN A 446 22.06 20.90 -21.44
N ILE A 447 21.54 20.08 -20.51
CA ILE A 447 20.07 19.95 -20.25
C ILE A 447 19.75 20.25 -18.77
N LYS A 448 18.64 20.94 -18.55
CA LYS A 448 18.01 21.19 -17.23
C LYS A 448 16.74 20.30 -17.16
N VAL A 449 16.66 19.42 -16.17
CA VAL A 449 15.54 18.46 -15.98
C VAL A 449 14.74 18.83 -14.73
N ILE A 450 13.47 19.20 -14.91
CA ILE A 450 12.51 19.47 -13.80
C ILE A 450 12.15 18.13 -13.19
N TYR A 451 12.53 17.92 -11.92
CA TYR A 451 12.48 16.59 -11.25
C TYR A 451 11.08 16.37 -10.66
N GLY A 452 10.79 15.13 -10.26
CA GLY A 452 9.51 14.71 -9.67
C GLY A 452 8.73 13.80 -10.60
N PRO A 453 7.43 13.54 -10.34
CA PRO A 453 6.62 12.65 -11.16
C PRO A 453 6.14 13.29 -12.47
N ALA A 454 6.19 14.63 -12.56
CA ALA A 454 5.73 15.40 -13.75
C ALA A 454 6.97 15.97 -14.45
N ALA A 455 8.00 15.14 -14.61
CA ALA A 455 9.35 15.55 -15.04
C ALA A 455 9.31 16.06 -16.48
N ARG A 456 10.07 17.12 -16.74
CA ARG A 456 10.17 17.80 -18.05
C ARG A 456 11.65 18.13 -18.31
N LEU A 457 12.04 18.21 -19.59
CA LEU A 457 13.45 18.42 -20.01
C LEU A 457 13.52 19.61 -20.97
N ARG A 458 14.58 20.38 -20.85
CA ARG A 458 14.78 21.70 -21.49
C ARG A 458 16.29 21.83 -21.74
N PRO A 459 16.76 22.43 -22.86
CA PRO A 459 18.18 22.77 -22.97
C PRO A 459 18.57 23.86 -21.96
N SER A 460 19.81 23.83 -21.45
CA SER A 460 20.34 24.85 -20.51
C SER A 460 20.64 26.15 -21.29
N ASP A 461 20.99 26.05 -22.58
CA ASP A 461 21.24 27.22 -23.47
C ASP A 461 19.90 27.76 -23.98
N VAL A 462 19.25 28.61 -23.18
CA VAL A 462 17.93 29.24 -23.49
C VAL A 462 18.06 30.75 -23.32
N PRO A 463 17.36 31.58 -24.12
CA PRO A 463 16.32 31.12 -25.05
C PRO A 463 16.78 30.69 -26.46
N ASP A 464 18.09 30.58 -26.69
CA ASP A 464 18.68 30.45 -28.05
C ASP A 464 18.27 29.09 -28.66
N LYS A 465 18.48 28.00 -27.94
CA LYS A 465 18.31 26.61 -28.46
C LYS A 465 16.93 26.05 -28.06
N TYR A 466 16.01 26.84 -27.51
CA TYR A 466 14.76 26.35 -26.89
C TYR A 466 13.91 25.57 -27.90
N TYR A 467 13.81 26.05 -29.15
CA TYR A 467 13.00 25.43 -30.23
C TYR A 467 13.85 24.52 -31.12
N SER A 468 15.12 24.89 -31.33
CA SER A 468 16.05 24.24 -32.30
C SER A 468 16.61 22.92 -31.73
N PHE A 469 16.61 22.76 -30.41
CA PHE A 469 17.23 21.63 -29.67
C PHE A 469 16.60 20.30 -30.10
N ASN A 470 17.42 19.24 -30.08
CA ASN A 470 17.07 17.89 -30.60
C ASN A 470 16.38 17.09 -29.49
N TYR A 471 15.11 17.42 -29.23
CA TYR A 471 14.24 16.73 -28.23
C TYR A 471 14.01 15.29 -28.69
N GLU A 472 13.64 15.12 -29.97
CA GLU A 472 13.35 13.81 -30.62
C GLU A 472 14.54 12.87 -30.39
N GLY A 473 15.77 13.39 -30.43
CA GLY A 473 17.01 12.62 -30.21
C GLY A 473 16.97 11.94 -28.85
N ILE A 474 16.73 12.71 -27.80
CA ILE A 474 16.72 12.23 -26.39
C ILE A 474 15.49 11.34 -26.18
N ALA A 475 14.34 11.73 -26.74
CA ALA A 475 13.09 10.93 -26.72
C ALA A 475 13.42 9.50 -27.15
N ARG A 476 14.03 9.33 -28.32
CA ARG A 476 14.35 7.99 -28.91
C ARG A 476 15.43 7.30 -28.06
N ASN A 477 16.37 8.08 -27.54
CA ASN A 477 17.48 7.60 -26.68
C ASN A 477 16.90 6.93 -25.42
N LEU A 478 15.83 7.49 -24.82
CA LEU A 478 15.30 7.04 -23.49
C LEU A 478 14.09 6.10 -23.64
N SER A 479 13.63 5.79 -24.86
CA SER A 479 12.47 4.90 -25.12
C SER A 479 12.88 3.43 -25.01
N CYS A 480 12.09 2.64 -24.28
CA CYS A 480 12.11 1.15 -24.31
C CYS A 480 13.52 0.61 -24.06
N ARG A 481 14.26 1.26 -23.16
CA ARG A 481 15.63 0.87 -22.76
C ARG A 481 15.59 -0.35 -21.83
N GLU A 482 14.57 -0.48 -20.97
CA GLU A 482 14.39 -1.67 -20.09
C GLU A 482 13.01 -2.28 -20.30
N PRO A 483 12.82 -3.57 -19.96
CA PRO A 483 11.49 -4.16 -19.86
C PRO A 483 10.77 -3.63 -18.62
N ASN A 484 9.48 -3.32 -18.75
CA ASN A 484 8.64 -2.71 -17.67
C ASN A 484 9.39 -1.52 -17.07
N GLN A 485 9.82 -0.62 -17.95
CA GLN A 485 10.38 0.72 -17.63
C GLN A 485 9.26 1.54 -16.99
N HIS A 486 9.56 2.28 -15.93
CA HIS A 486 8.56 2.96 -15.05
C HIS A 486 8.37 4.43 -15.46
N PHE A 487 9.06 4.89 -16.49
CA PHE A 487 8.87 6.23 -17.08
C PHE A 487 8.78 6.09 -18.61
N LYS A 488 8.21 7.09 -19.25
CA LYS A 488 7.97 7.12 -20.71
C LYS A 488 8.26 8.54 -21.19
N PRO A 489 9.21 8.75 -22.13
CA PRO A 489 9.43 10.07 -22.71
C PRO A 489 8.32 10.36 -23.70
N TYR A 490 7.83 11.60 -23.72
CA TYR A 490 6.76 12.10 -24.61
C TYR A 490 7.10 13.50 -25.05
N LEU A 491 7.07 13.75 -26.35
CA LEU A 491 6.94 15.14 -26.87
C LEU A 491 5.56 15.60 -26.42
N LYS A 492 5.46 16.78 -25.80
CA LYS A 492 4.23 17.28 -25.12
C LYS A 492 2.97 17.02 -25.96
N HIS A 493 3.04 17.13 -27.30
CA HIS A 493 1.85 16.98 -28.20
C HIS A 493 1.44 15.51 -28.34
N PHE A 494 2.27 14.55 -27.89
CA PHE A 494 1.96 13.10 -27.94
C PHE A 494 1.43 12.59 -26.59
N LEU A 495 1.47 13.42 -25.54
CA LEU A 495 0.83 13.10 -24.23
C LEU A 495 -0.66 12.86 -24.48
N PRO A 496 -1.34 12.05 -23.65
CA PRO A 496 -2.79 11.91 -23.73
C PRO A 496 -3.49 13.28 -23.64
N LYS A 497 -4.48 13.48 -24.51
CA LYS A 497 -5.21 14.76 -24.66
C LYS A 497 -5.96 15.10 -23.37
N ARG A 498 -6.40 14.08 -22.61
CA ARG A 498 -7.12 14.26 -21.33
C ARG A 498 -6.28 15.10 -20.35
N LEU A 499 -4.96 15.11 -20.46
CA LEU A 499 -4.05 15.90 -19.57
C LEU A 499 -4.06 17.39 -19.96
N HIS A 500 -4.49 17.74 -21.17
CA HIS A 500 -4.47 19.12 -21.69
C HIS A 500 -3.20 19.83 -21.23
N PHE A 501 -2.03 19.28 -21.60
CA PHE A 501 -0.70 19.75 -21.12
C PHE A 501 0.27 19.92 -22.30
N ALA A 502 0.07 20.94 -23.15
CA ALA A 502 0.90 21.19 -24.36
C ALA A 502 0.82 22.63 -24.89
N LYS A 503 -0.35 23.26 -24.99
CA LYS A 503 -0.50 24.57 -25.71
C LYS A 503 0.62 25.56 -25.29
N SER A 504 0.80 25.83 -23.99
CA SER A 504 1.71 26.89 -23.46
C SER A 504 3.17 26.61 -23.84
N ASP A 505 3.93 27.65 -24.16
CA ASP A 505 5.39 27.58 -24.46
C ASP A 505 6.18 27.40 -23.17
N ARG A 506 5.53 27.55 -22.01
CA ARG A 506 6.15 27.33 -20.68
C ARG A 506 6.23 25.83 -20.39
N ILE A 507 5.50 25.03 -21.15
CA ILE A 507 5.59 23.53 -21.09
C ILE A 507 6.73 23.08 -22.02
N GLU A 508 7.82 22.60 -21.41
CA GLU A 508 9.03 22.12 -22.13
C GLU A 508 8.59 21.10 -23.18
N PRO A 509 9.09 21.20 -24.43
CA PRO A 509 8.73 20.26 -25.50
C PRO A 509 8.87 18.76 -25.20
N LEU A 510 9.75 18.37 -24.28
CA LEU A 510 9.90 16.96 -23.84
C LEU A 510 9.44 16.83 -22.39
N THR A 511 8.42 16.02 -22.18
CA THR A 511 7.85 15.69 -20.85
C THR A 511 8.10 14.20 -20.59
N PHE A 512 7.95 13.79 -19.34
CA PHE A 512 8.01 12.37 -18.91
C PHE A 512 6.69 12.02 -18.23
N TYR A 513 6.15 10.86 -18.56
CA TYR A 513 4.97 10.26 -17.90
C TYR A 513 5.46 9.16 -16.96
N LEU A 514 5.20 9.30 -15.66
CA LEU A 514 5.74 8.35 -14.66
C LEU A 514 4.63 7.51 -14.03
N ASP A 515 4.94 6.24 -13.80
CA ASP A 515 4.03 5.24 -13.19
C ASP A 515 3.75 5.68 -11.76
N PRO A 516 2.62 5.23 -11.15
CA PRO A 516 2.31 5.60 -9.77
C PRO A 516 3.50 5.32 -8.85
N GLN A 517 3.82 6.27 -7.96
CA GLN A 517 4.85 6.14 -6.89
C GLN A 517 6.25 6.42 -7.42
N TRP A 518 6.41 6.63 -8.74
CA TRP A 518 7.74 6.80 -9.39
C TRP A 518 7.98 8.29 -9.69
N GLN A 519 9.24 8.71 -9.51
CA GLN A 519 9.73 10.07 -9.79
C GLN A 519 10.98 9.98 -10.68
N LEU A 520 11.43 11.12 -11.20
CA LEU A 520 12.57 11.22 -12.15
C LEU A 520 13.34 12.51 -11.91
N ALA A 521 14.67 12.44 -12.01
CA ALA A 521 15.59 13.61 -12.02
C ALA A 521 16.76 13.30 -12.95
N LEU A 522 17.61 14.30 -13.22
CA LEU A 522 18.86 14.11 -13.98
C LEU A 522 19.81 13.20 -13.20
N ASN A 523 19.99 13.47 -11.90
CA ASN A 523 20.95 12.75 -11.01
C ASN A 523 20.52 12.92 -9.56
N PRO A 524 21.01 12.06 -8.63
CA PRO A 524 20.64 12.16 -7.21
C PRO A 524 20.96 13.48 -6.49
N SER A 525 21.85 14.32 -7.04
CA SER A 525 22.21 15.63 -6.47
C SER A 525 21.06 16.63 -6.63
N GLU A 526 20.37 16.59 -7.78
CA GLU A 526 19.34 17.57 -8.20
C GLU A 526 17.93 17.01 -7.92
N ARG A 527 17.63 16.81 -6.63
CA ARG A 527 16.28 16.47 -6.10
C ARG A 527 16.30 16.80 -4.59
N LYS A 528 15.23 16.49 -3.85
CA LYS A 528 15.18 16.68 -2.36
C LYS A 528 15.47 15.32 -1.72
N TYR A 529 14.74 14.88 -0.69
N TYR A 529 14.69 14.89 -0.73
CA TYR A 529 14.85 13.49 -0.19
CA TYR A 529 14.73 13.52 -0.14
C TYR A 529 13.82 12.62 -0.93
C TYR A 529 13.79 12.62 -0.94
N CYS A 530 14.33 11.55 -1.55
CA CYS A 530 13.55 10.60 -2.39
C CYS A 530 12.48 9.87 -1.57
N GLY A 531 12.67 9.70 -0.26
CA GLY A 531 11.78 8.91 0.61
C GLY A 531 10.64 9.71 1.20
N SER A 532 10.56 11.01 0.88
CA SER A 532 9.48 11.92 1.34
C SER A 532 8.17 11.63 0.61
N GLY A 533 7.07 12.15 1.13
CA GLY A 533 5.78 12.19 0.42
C GLY A 533 5.89 13.12 -0.77
N PHE A 534 5.15 12.84 -1.84
CA PHE A 534 5.16 13.69 -3.06
C PHE A 534 3.79 13.67 -3.74
N HIS A 535 3.60 14.60 -4.68
CA HIS A 535 2.46 14.67 -5.61
C HIS A 535 2.96 15.25 -6.94
N GLY A 536 2.12 15.25 -7.97
CA GLY A 536 2.47 15.76 -9.32
C GLY A 536 2.12 14.77 -10.41
N SER A 537 1.92 13.50 -10.06
CA SER A 537 1.59 12.39 -10.98
C SER A 537 0.28 12.67 -11.75
N ASP A 538 0.02 11.83 -12.74
CA ASP A 538 -1.22 11.77 -13.57
C ASP A 538 -2.44 12.03 -12.69
N ASN A 539 -3.35 12.89 -13.14
CA ASN A 539 -4.48 13.37 -12.31
C ASN A 539 -5.61 12.34 -12.26
N VAL A 540 -5.45 11.13 -12.81
CA VAL A 540 -6.45 10.05 -12.62
C VAL A 540 -5.98 9.04 -11.59
N PHE A 541 -4.75 9.13 -11.09
CA PHE A 541 -4.23 8.21 -10.02
C PHE A 541 -5.03 8.43 -8.74
N SER A 542 -5.47 7.35 -8.11
CA SER A 542 -6.32 7.35 -6.87
C SER A 542 -5.78 8.34 -5.84
N ASN A 543 -4.48 8.25 -5.51
CA ASN A 543 -3.87 8.99 -4.38
C ASN A 543 -3.65 10.46 -4.75
N MET A 544 -3.87 10.87 -6.00
CA MET A 544 -3.80 12.30 -6.41
C MET A 544 -5.18 12.95 -6.30
N GLN A 545 -6.25 12.18 -6.11
CA GLN A 545 -7.63 12.73 -6.06
C GLN A 545 -7.77 13.66 -4.84
N ALA A 546 -8.62 14.66 -4.96
CA ALA A 546 -8.74 15.80 -4.01
C ALA A 546 -10.07 15.76 -3.26
N LEU A 547 -10.15 16.58 -2.21
CA LEU A 547 -11.34 16.75 -1.35
C LEU A 547 -12.28 17.75 -2.04
N PHE A 548 -13.58 17.53 -1.93
CA PHE A 548 -14.62 18.57 -2.21
C PHE A 548 -15.84 18.32 -1.32
N VAL A 549 -16.23 19.31 -0.52
CA VAL A 549 -17.52 19.32 0.22
C VAL A 549 -18.14 20.70 0.05
N GLY A 550 -19.38 20.74 -0.42
CA GLY A 550 -20.19 21.96 -0.55
C GLY A 550 -21.28 21.96 0.50
N TYR A 551 -21.35 23.01 1.31
CA TYR A 551 -22.36 23.15 2.38
C TYR A 551 -22.87 24.58 2.41
N GLY A 552 -24.18 24.77 2.46
CA GLY A 552 -24.81 26.11 2.51
C GLY A 552 -26.16 26.10 1.82
N PRO A 553 -26.87 27.25 1.81
CA PRO A 553 -28.18 27.34 1.18
C PRO A 553 -28.19 26.95 -0.31
N GLY A 554 -27.10 27.20 -1.02
CA GLY A 554 -26.99 26.94 -2.47
C GLY A 554 -26.84 25.48 -2.81
N PHE A 555 -26.35 24.67 -1.88
CA PHE A 555 -25.98 23.25 -2.10
C PHE A 555 -27.07 22.32 -1.57
N LYS A 556 -27.19 21.17 -2.21
CA LYS A 556 -28.08 20.08 -1.76
C LYS A 556 -27.50 19.46 -0.48
N HIS A 557 -28.33 18.67 0.23
CA HIS A 557 -28.02 18.09 1.56
C HIS A 557 -28.01 16.56 1.47
N GLY A 558 -26.94 15.93 1.95
CA GLY A 558 -26.82 14.46 2.05
C GLY A 558 -26.64 13.81 0.69
N ILE A 559 -26.09 14.54 -0.28
CA ILE A 559 -25.88 14.07 -1.68
C ILE A 559 -24.42 13.63 -1.81
N GLU A 560 -24.19 12.47 -2.43
CA GLU A 560 -22.87 11.97 -2.85
C GLU A 560 -22.84 12.00 -4.38
N ALA A 561 -22.26 13.04 -4.98
CA ALA A 561 -22.18 13.21 -6.45
C ALA A 561 -21.05 12.34 -7.00
N ASP A 562 -21.15 11.97 -8.27
CA ASP A 562 -20.09 11.20 -8.98
C ASP A 562 -18.89 12.13 -9.15
N THR A 563 -17.71 11.55 -9.37
CA THR A 563 -16.44 12.28 -9.63
C THR A 563 -16.65 13.39 -10.66
N PHE A 564 -16.17 14.60 -10.38
CA PHE A 564 -16.09 15.73 -11.32
C PHE A 564 -14.70 16.39 -11.23
N GLU A 565 -14.37 17.27 -12.18
CA GLU A 565 -13.05 17.92 -12.31
C GLU A 565 -13.11 19.30 -11.66
N ASN A 566 -12.01 19.76 -11.06
CA ASN A 566 -11.96 21.03 -10.29
C ASN A 566 -12.12 22.23 -11.23
N ILE A 567 -11.91 22.07 -12.55
CA ILE A 567 -12.12 23.14 -13.57
C ILE A 567 -13.61 23.50 -13.67
N GLU A 568 -14.50 22.64 -13.17
CA GLU A 568 -15.96 22.86 -13.17
C GLU A 568 -16.38 23.78 -12.02
N VAL A 569 -15.50 24.04 -11.06
CA VAL A 569 -15.86 24.72 -9.78
C VAL A 569 -16.03 26.23 -10.01
N TYR A 570 -15.28 26.83 -10.94
CA TYR A 570 -15.37 28.28 -11.24
C TYR A 570 -16.82 28.63 -11.64
N ASN A 571 -17.40 27.93 -12.61
CA ASN A 571 -18.79 28.13 -13.07
C ASN A 571 -19.75 28.00 -11.88
N LEU A 572 -19.57 26.96 -11.05
CA LEU A 572 -20.42 26.67 -9.87
C LEU A 572 -20.35 27.86 -8.91
N MET A 573 -19.16 28.38 -8.62
CA MET A 573 -19.00 29.54 -7.71
C MET A 573 -19.66 30.78 -8.35
N CYS A 574 -19.53 30.96 -9.66
CA CYS A 574 -20.19 32.08 -10.41
C CYS A 574 -21.70 31.96 -10.21
N ASP A 575 -22.26 30.75 -10.33
CA ASP A 575 -23.71 30.51 -10.13
C ASP A 575 -24.11 30.91 -8.70
N LEU A 576 -23.32 30.50 -7.72
CA LEU A 576 -23.62 30.76 -6.29
C LEU A 576 -23.56 32.27 -6.02
N LEU A 577 -22.85 33.04 -6.85
CA LEU A 577 -22.69 34.51 -6.68
C LEU A 577 -23.51 35.29 -7.71
N ASN A 578 -24.36 34.60 -8.49
CA ASN A 578 -25.13 35.22 -9.61
C ASN A 578 -24.19 36.07 -10.47
N LEU A 579 -23.03 35.52 -10.86
CA LEU A 579 -22.06 36.14 -11.79
C LEU A 579 -22.15 35.46 -13.16
N THR A 580 -21.85 36.24 -14.21
CA THR A 580 -21.61 35.72 -15.58
C THR A 580 -20.16 35.24 -15.64
N PRO A 581 -19.92 33.92 -15.84
CA PRO A 581 -18.56 33.40 -15.90
C PRO A 581 -17.80 33.89 -17.15
N ALA A 582 -16.53 34.24 -16.96
CA ALA A 582 -15.54 34.44 -18.05
C ALA A 582 -15.44 33.15 -18.85
N PRO A 583 -14.97 33.20 -20.12
CA PRO A 583 -14.73 31.98 -20.88
C PRO A 583 -13.71 31.11 -20.12
N ASN A 584 -14.02 29.82 -19.96
CA ASN A 584 -13.21 28.85 -19.19
C ASN A 584 -13.45 27.43 -19.74
N ASN A 585 -12.79 26.42 -19.18
CA ASN A 585 -12.74 25.03 -19.70
C ASN A 585 -13.75 24.16 -18.97
N GLY A 586 -14.48 24.73 -18.02
CA GLY A 586 -15.67 24.08 -17.44
C GLY A 586 -16.80 24.04 -18.44
N THR A 587 -17.68 23.05 -18.32
CA THR A 587 -18.96 22.93 -19.07
C THR A 587 -20.10 23.44 -18.17
N HIS A 588 -20.47 24.71 -18.33
CA HIS A 588 -21.52 25.39 -17.52
C HIS A 588 -22.82 24.58 -17.56
N GLY A 589 -23.28 24.11 -16.40
CA GLY A 589 -24.52 23.31 -16.26
C GLY A 589 -24.20 21.87 -15.92
N SER A 590 -22.97 21.42 -16.11
CA SER A 590 -22.54 20.03 -15.81
C SER A 590 -22.62 19.76 -14.30
N LEU A 591 -22.58 20.80 -13.46
CA LEU A 591 -22.66 20.67 -11.98
C LEU A 591 -23.98 21.24 -11.44
N ASN A 592 -25.01 21.38 -12.27
CA ASN A 592 -26.35 21.87 -11.85
C ASN A 592 -26.95 20.90 -10.81
N HIS A 593 -26.61 19.61 -10.89
CA HIS A 593 -27.10 18.56 -9.95
C HIS A 593 -26.58 18.79 -8.52
N LEU A 594 -25.58 19.64 -8.31
CA LEU A 594 -25.05 19.96 -6.96
C LEU A 594 -25.91 21.05 -6.28
N LEU A 595 -26.69 21.81 -7.06
CA LEU A 595 -27.35 23.06 -6.59
C LEU A 595 -28.84 22.84 -6.31
N LYS A 596 -29.36 23.48 -5.26
CA LYS A 596 -30.82 23.49 -4.94
C LYS A 596 -31.58 24.15 -6.09
N ASN A 597 -31.06 25.27 -6.59
CA ASN A 597 -31.76 26.22 -7.50
C ASN A 597 -30.78 26.66 -8.59
N PRO A 598 -30.54 25.82 -9.61
CA PRO A 598 -29.67 26.20 -10.73
C PRO A 598 -30.12 27.54 -11.33
N VAL A 599 -29.18 28.41 -11.69
CA VAL A 599 -29.46 29.77 -12.24
C VAL A 599 -29.26 29.77 -13.77
N TYR A 600 -28.48 28.82 -14.28
CA TYR A 600 -28.14 28.70 -15.72
C TYR A 600 -28.73 27.39 -16.25
N THR A 601 -29.65 27.49 -17.21
CA THR A 601 -30.21 26.33 -17.94
C THR A 601 -29.44 26.21 -19.26
N PRO A 602 -28.61 25.15 -19.43
CA PRO A 602 -27.84 24.99 -20.65
C PRO A 602 -28.72 24.49 -21.79
N LYS A 603 -28.33 24.82 -23.02
CA LYS A 603 -28.99 24.34 -24.26
C LYS A 603 -27.91 23.68 -25.11
N HIS A 604 -28.24 22.56 -25.77
CA HIS A 604 -27.40 21.95 -26.83
C HIS A 604 -27.00 23.04 -27.81
N PRO A 605 -25.74 23.05 -28.31
CA PRO A 605 -25.30 24.08 -29.25
C PRO A 605 -25.98 23.88 -30.61
N LYS A 606 -26.27 25.01 -31.29
CA LYS A 606 -26.96 25.09 -32.60
C LYS A 606 -25.97 24.79 -33.74
N GLU A 607 -26.35 23.87 -34.63
CA GLU A 607 -25.67 23.58 -35.93
C GLU A 607 -25.79 24.82 -36.83
N VAL A 608 -24.67 25.36 -37.32
CA VAL A 608 -24.58 26.73 -37.92
C VAL A 608 -25.09 26.71 -39.37
N HIS A 609 -24.59 25.79 -40.19
CA HIS A 609 -25.03 25.57 -41.59
C HIS A 609 -25.84 24.28 -41.64
N PRO A 610 -27.03 24.27 -42.29
CA PRO A 610 -27.85 23.07 -42.36
C PRO A 610 -27.17 22.08 -43.31
N LEU A 611 -27.38 20.78 -43.07
CA LEU A 611 -26.70 19.65 -43.76
C LEU A 611 -26.89 19.75 -45.30
N VAL A 612 -25.82 19.63 -46.08
CA VAL A 612 -25.87 19.51 -47.57
C VAL A 612 -26.30 18.07 -47.91
N GLN A 613 -26.85 17.85 -49.12
CA GLN A 613 -27.20 16.52 -49.66
C GLN A 613 -26.17 16.13 -50.74
N CYS A 614 -25.78 14.86 -50.76
CA CYS A 614 -24.85 14.22 -51.74
C CYS A 614 -25.67 13.26 -52.60
N PRO A 615 -26.30 13.75 -53.69
CA PRO A 615 -27.20 12.90 -54.48
C PRO A 615 -26.39 11.95 -55.38
N PHE A 616 -26.95 10.77 -55.69
CA PHE A 616 -26.41 9.81 -56.69
C PHE A 616 -26.25 10.53 -58.04
N THR A 617 -25.10 10.35 -58.70
CA THR A 617 -24.79 10.87 -60.06
C THR A 617 -24.30 9.70 -60.92
N ARG A 618 -25.02 9.40 -62.01
CA ARG A 618 -24.63 8.38 -63.03
C ARG A 618 -23.24 8.73 -63.55
N ASN A 619 -22.31 7.78 -63.49
CA ASN A 619 -20.88 7.95 -63.86
C ASN A 619 -20.30 6.57 -64.18
N PRO A 620 -19.15 6.50 -64.89
CA PRO A 620 -18.64 5.22 -65.38
C PRO A 620 -17.94 4.38 -64.28
N ARG A 621 -18.28 3.09 -64.19
CA ARG A 621 -17.54 2.08 -63.38
C ARG A 621 -16.06 2.16 -63.79
N ASP A 622 -15.19 2.65 -62.89
CA ASP A 622 -13.73 2.85 -63.15
C ASP A 622 -12.93 1.72 -62.50
N ASN A 623 -11.68 1.56 -62.94
CA ASN A 623 -10.67 0.71 -62.26
C ASN A 623 -10.01 1.57 -61.18
N LEU A 624 -10.09 1.12 -59.91
CA LEU A 624 -9.46 1.78 -58.74
C LEU A 624 -8.12 1.12 -58.44
N GLY A 625 -7.78 0.03 -59.13
CA GLY A 625 -6.47 -0.64 -59.05
C GLY A 625 -6.44 -1.72 -57.99
N CYS A 626 -7.63 -2.25 -57.64
N CYS A 626 -7.63 -2.25 -57.64
CA CYS A 626 -7.85 -3.17 -56.50
CA CYS A 626 -7.85 -3.17 -56.50
C CYS A 626 -7.70 -4.61 -56.96
C CYS A 626 -7.70 -4.61 -56.96
N SER A 627 -7.11 -5.47 -56.12
CA SER A 627 -7.06 -6.95 -56.28
C SER A 627 -7.99 -7.59 -55.24
N CYS A 628 -9.30 -7.30 -55.32
CA CYS A 628 -10.33 -7.72 -54.33
C CYS A 628 -10.30 -9.25 -54.11
N ASN A 629 -10.51 -9.67 -52.86
CA ASN A 629 -10.69 -11.10 -52.47
C ASN A 629 -11.93 -11.63 -53.17
N PRO A 630 -11.90 -12.85 -53.77
CA PRO A 630 -13.04 -13.36 -54.52
C PRO A 630 -14.34 -13.45 -53.69
N SER A 631 -14.23 -13.80 -52.41
CA SER A 631 -15.35 -14.01 -51.44
C SER A 631 -16.34 -12.82 -51.48
N ILE A 632 -15.82 -11.59 -51.57
CA ILE A 632 -16.60 -10.33 -51.41
C ILE A 632 -17.56 -10.19 -52.60
N LEU A 633 -18.87 -10.13 -52.35
CA LEU A 633 -19.92 -9.89 -53.37
C LEU A 633 -19.96 -8.39 -53.68
N PRO A 634 -19.51 -7.94 -54.87
CA PRO A 634 -19.48 -6.50 -55.18
C PRO A 634 -20.86 -5.84 -55.29
N ILE A 635 -20.87 -4.52 -55.50
CA ILE A 635 -22.11 -3.70 -55.67
C ILE A 635 -22.34 -3.48 -57.18
N GLU A 636 -23.24 -4.26 -57.77
CA GLU A 636 -23.39 -4.42 -59.24
C GLU A 636 -24.39 -3.39 -59.77
N ASP A 637 -25.43 -3.06 -59.00
CA ASP A 637 -26.38 -1.96 -59.28
C ASP A 637 -26.42 -1.02 -58.06
N PHE A 638 -25.57 0.01 -58.08
CA PHE A 638 -25.42 1.01 -56.98
C PHE A 638 -26.73 1.77 -56.81
N GLN A 639 -27.28 2.31 -57.91
CA GLN A 639 -28.54 3.10 -57.93
C GLN A 639 -29.68 2.33 -57.25
N THR A 640 -29.75 1.01 -57.47
CA THR A 640 -30.75 0.09 -56.85
C THR A 640 -30.48 -0.08 -55.35
N GLN A 641 -29.22 -0.35 -54.97
CA GLN A 641 -28.81 -0.78 -53.59
C GLN A 641 -28.87 0.41 -52.61
N PHE A 642 -28.89 1.65 -53.11
CA PHE A 642 -28.85 2.91 -52.32
C PHE A 642 -29.99 3.85 -52.72
N ASN A 643 -31.07 3.30 -53.30
CA ASN A 643 -32.38 4.00 -53.42
C ASN A 643 -33.30 3.38 -52.35
N LEU A 644 -33.41 4.05 -51.20
CA LEU A 644 -34.03 3.53 -49.95
C LEU A 644 -35.40 4.21 -49.73
N THR A 645 -36.41 3.45 -49.29
CA THR A 645 -37.77 3.97 -48.99
C THR A 645 -37.73 4.68 -47.64
N VAL A 646 -38.57 5.72 -47.47
CA VAL A 646 -38.70 6.50 -46.20
C VAL A 646 -38.76 5.51 -45.03
N ALA A 647 -39.54 4.43 -45.19
CA ALA A 647 -39.70 3.32 -44.23
C ALA A 647 -38.33 2.70 -43.91
N GLU A 648 -37.59 2.28 -44.95
CA GLU A 648 -36.26 1.61 -44.84
C GLU A 648 -35.28 2.52 -44.09
N GLU A 649 -35.30 3.83 -44.39
CA GLU A 649 -34.39 4.85 -43.79
C GLU A 649 -34.67 5.02 -42.30
N LYS A 650 -35.95 5.18 -41.93
CA LYS A 650 -36.40 5.30 -40.51
C LYS A 650 -35.83 4.12 -39.72
N ILE A 651 -35.87 2.90 -40.26
CA ILE A 651 -35.31 1.66 -39.62
C ILE A 651 -33.79 1.83 -39.46
N ILE A 652 -33.10 2.30 -40.51
CA ILE A 652 -31.61 2.48 -40.52
C ILE A 652 -31.24 3.53 -39.47
N LYS A 653 -31.87 4.72 -39.54
CA LYS A 653 -31.63 5.85 -38.61
C LYS A 653 -31.80 5.39 -37.16
N HIS A 654 -32.90 4.70 -36.85
CA HIS A 654 -33.25 4.18 -35.50
C HIS A 654 -32.16 3.24 -34.98
N GLU A 655 -31.52 2.47 -35.85
CA GLU A 655 -30.52 1.41 -35.49
C GLU A 655 -29.12 2.01 -35.34
N THR A 656 -28.81 3.08 -36.08
CA THR A 656 -27.43 3.62 -36.21
C THR A 656 -27.27 4.98 -35.52
N LEU A 657 -28.35 5.77 -35.42
CA LEU A 657 -28.33 7.09 -34.74
C LEU A 657 -29.40 7.13 -33.65
N PRO A 658 -29.35 6.20 -32.66
CA PRO A 658 -30.36 6.14 -31.60
C PRO A 658 -30.35 7.35 -30.66
N TYR A 659 -29.33 8.20 -30.75
CA TYR A 659 -29.15 9.39 -29.89
C TYR A 659 -29.23 10.66 -30.73
N GLY A 660 -29.52 10.52 -32.02
CA GLY A 660 -29.43 11.61 -33.01
C GLY A 660 -28.08 11.63 -33.69
N ARG A 661 -28.00 12.26 -34.86
CA ARG A 661 -26.74 12.36 -35.61
C ARG A 661 -25.85 13.38 -34.91
N PRO A 662 -24.52 13.14 -34.82
CA PRO A 662 -23.58 14.18 -34.43
C PRO A 662 -23.84 15.45 -35.26
N ARG A 663 -23.86 16.61 -34.61
CA ARG A 663 -24.06 17.93 -35.26
C ARG A 663 -22.67 18.58 -35.38
N VAL A 664 -22.43 19.31 -36.47
CA VAL A 664 -21.13 20.00 -36.74
C VAL A 664 -21.31 21.47 -36.35
N LEU A 665 -20.42 21.99 -35.51
CA LEU A 665 -20.47 23.40 -35.01
C LEU A 665 -19.39 24.24 -35.69
N GLN A 666 -18.60 23.66 -36.60
CA GLN A 666 -17.54 24.38 -37.37
C GLN A 666 -18.21 25.42 -38.26
N LYS A 667 -17.57 26.58 -38.44
CA LYS A 667 -18.17 27.82 -39.05
C LYS A 667 -18.41 27.62 -40.56
N GLU A 668 -17.35 27.48 -41.36
CA GLU A 668 -17.41 27.36 -42.83
C GLU A 668 -17.05 25.93 -43.24
N ASN A 669 -18.00 25.00 -43.12
CA ASN A 669 -17.79 23.55 -43.39
C ASN A 669 -19.08 22.98 -44.01
N THR A 670 -18.93 22.12 -45.03
CA THR A 670 -20.04 21.54 -45.83
C THR A 670 -19.98 20.01 -45.76
N ILE A 671 -20.80 19.43 -44.87
CA ILE A 671 -20.91 17.98 -44.61
C ILE A 671 -22.21 17.49 -45.27
N CYS A 672 -22.25 16.21 -45.67
CA CYS A 672 -23.47 15.57 -46.23
C CYS A 672 -23.66 14.19 -45.60
N LEU A 673 -24.91 13.82 -45.33
CA LEU A 673 -25.29 12.51 -44.75
C LEU A 673 -25.20 11.43 -45.84
N LEU A 674 -24.47 10.35 -45.59
CA LEU A 674 -24.43 9.14 -46.45
C LEU A 674 -25.08 7.98 -45.69
N SER A 675 -26.12 7.37 -46.27
CA SER A 675 -26.85 6.22 -45.69
C SER A 675 -26.30 4.90 -46.23
N GLN A 676 -26.29 3.87 -45.40
CA GLN A 676 -25.89 2.48 -45.73
C GLN A 676 -26.75 1.57 -44.86
N HIS A 677 -26.72 0.25 -45.06
CA HIS A 677 -27.64 -0.68 -44.34
C HIS A 677 -27.19 -0.85 -42.89
N GLN A 678 -25.88 -0.81 -42.61
CA GLN A 678 -25.30 -1.07 -41.26
C GLN A 678 -24.76 0.21 -40.59
N PHE A 679 -24.60 1.32 -41.32
CA PHE A 679 -23.95 2.54 -40.75
C PHE A 679 -24.35 3.81 -41.51
N MET A 680 -24.31 4.94 -40.80
CA MET A 680 -24.52 6.32 -41.33
C MET A 680 -23.21 7.09 -41.12
N SER A 681 -22.97 8.15 -41.90
CA SER A 681 -21.69 8.90 -41.86
C SER A 681 -21.93 10.33 -42.32
N GLY A 682 -21.09 11.25 -41.85
CA GLY A 682 -21.08 12.66 -42.27
C GLY A 682 -19.81 12.91 -43.07
N TYR A 683 -19.94 13.13 -44.38
CA TYR A 683 -18.78 13.22 -45.30
C TYR A 683 -18.43 14.68 -45.56
N SER A 684 -17.14 15.00 -45.47
CA SER A 684 -16.56 16.33 -45.80
C SER A 684 -15.98 16.28 -47.22
N GLN A 685 -16.55 17.06 -48.13
CA GLN A 685 -16.05 17.24 -49.51
C GLN A 685 -14.74 18.03 -49.43
N ASP A 686 -14.64 18.94 -48.44
CA ASP A 686 -13.49 19.88 -48.25
C ASP A 686 -12.20 19.12 -47.88
N ILE A 687 -12.31 17.99 -47.18
CA ILE A 687 -11.12 17.19 -46.73
C ILE A 687 -11.19 15.76 -47.27
N LEU A 688 -12.15 15.44 -48.13
CA LEU A 688 -12.24 14.17 -48.91
C LEU A 688 -12.18 12.98 -47.94
N MET A 689 -13.12 12.95 -46.99
CA MET A 689 -13.04 12.10 -45.77
C MET A 689 -14.31 12.28 -44.96
N PRO A 690 -14.80 11.22 -44.29
CA PRO A 690 -15.86 11.38 -43.30
C PRO A 690 -15.31 11.99 -42.00
N LEU A 691 -16.04 12.95 -41.41
CA LEU A 691 -15.76 13.53 -40.07
C LEU A 691 -16.21 12.54 -38.99
N TRP A 692 -17.23 11.71 -39.28
CA TRP A 692 -17.76 10.71 -38.32
C TRP A 692 -18.55 9.61 -39.04
N THR A 693 -18.44 8.36 -38.58
CA THR A 693 -19.41 7.26 -38.84
C THR A 693 -20.11 6.91 -37.53
N SER A 694 -21.34 6.41 -37.62
CA SER A 694 -22.12 5.83 -36.50
C SER A 694 -22.65 4.45 -36.91
N TYR A 695 -22.42 3.42 -36.09
CA TYR A 695 -23.01 2.08 -36.24
C TYR A 695 -23.26 1.46 -34.87
N THR A 696 -23.92 0.30 -34.84
CA THR A 696 -24.31 -0.42 -33.60
C THR A 696 -23.98 -1.89 -33.76
N VAL A 697 -23.06 -2.40 -32.95
CA VAL A 697 -22.71 -3.85 -32.84
C VAL A 697 -23.68 -4.46 -31.82
N ASP A 698 -24.45 -5.47 -32.24
CA ASP A 698 -25.40 -6.21 -31.36
C ASP A 698 -24.67 -7.43 -30.78
N ARG A 699 -25.16 -7.96 -29.68
CA ARG A 699 -24.52 -9.05 -28.88
C ARG A 699 -24.14 -10.22 -29.80
N ASN A 700 -25.08 -10.69 -30.62
CA ASN A 700 -24.94 -11.92 -31.46
C ASN A 700 -24.60 -11.55 -32.92
N ASP A 701 -23.73 -10.55 -33.13
CA ASP A 701 -23.22 -10.19 -34.48
C ASP A 701 -21.89 -10.93 -34.72
N SER A 702 -21.53 -11.12 -35.99
CA SER A 702 -20.34 -11.90 -36.43
C SER A 702 -19.28 -10.97 -37.02
N PHE A 703 -18.02 -11.22 -36.67
CA PHE A 703 -16.81 -10.52 -37.17
C PHE A 703 -16.02 -11.50 -38.02
N SER A 704 -15.80 -11.18 -39.30
CA SER A 704 -15.11 -12.06 -40.28
C SER A 704 -13.60 -11.88 -40.16
N THR A 705 -12.87 -13.00 -40.26
CA THR A 705 -11.39 -13.10 -40.32
C THR A 705 -10.93 -13.01 -41.78
N GLU A 706 -11.87 -12.99 -42.75
CA GLU A 706 -11.61 -12.93 -44.21
C GLU A 706 -10.85 -11.64 -44.57
N ASP A 707 -9.81 -11.74 -45.40
CA ASP A 707 -8.98 -10.61 -45.89
C ASP A 707 -9.83 -9.67 -46.77
N PHE A 708 -9.71 -8.36 -46.57
CA PHE A 708 -10.39 -7.30 -47.36
C PHE A 708 -9.39 -6.20 -47.73
N SER A 709 -8.09 -6.49 -47.66
CA SER A 709 -7.00 -5.57 -48.08
C SER A 709 -7.10 -5.33 -49.59
N ASN A 710 -6.66 -4.16 -50.06
CA ASN A 710 -6.58 -3.80 -51.51
C ASN A 710 -7.92 -4.10 -52.19
N CYS A 711 -9.05 -3.74 -51.56
CA CYS A 711 -10.42 -3.80 -52.13
C CYS A 711 -11.20 -2.53 -51.74
N LEU A 712 -11.63 -1.76 -52.74
CA LEU A 712 -12.52 -0.59 -52.59
C LEU A 712 -13.58 -0.64 -53.69
N TYR A 713 -14.82 -0.25 -53.37
CA TYR A 713 -15.93 -0.03 -54.33
C TYR A 713 -16.23 1.47 -54.40
N GLN A 714 -16.47 1.93 -55.63
CA GLN A 714 -16.72 3.35 -55.95
C GLN A 714 -18.05 3.77 -55.34
N ASP A 715 -18.08 4.92 -54.67
CA ASP A 715 -19.33 5.57 -54.19
C ASP A 715 -19.70 6.66 -55.20
N PHE A 716 -20.79 6.47 -55.93
CA PHE A 716 -21.23 7.33 -57.06
C PHE A 716 -21.94 8.58 -56.51
N ARG A 717 -22.05 8.71 -55.18
CA ARG A 717 -22.67 9.89 -54.52
C ARG A 717 -21.66 11.04 -54.42
N ILE A 718 -20.36 10.76 -54.57
CA ILE A 718 -19.28 11.80 -54.58
C ILE A 718 -18.42 11.62 -55.82
N PRO A 719 -17.81 12.71 -56.36
CA PRO A 719 -16.83 12.59 -57.43
C PRO A 719 -15.64 11.73 -57.00
N LEU A 720 -15.21 10.83 -57.88
CA LEU A 720 -14.04 9.93 -57.67
C LEU A 720 -12.76 10.79 -57.67
N SER A 721 -11.84 10.48 -56.76
CA SER A 721 -10.58 11.24 -56.56
C SER A 721 -9.40 10.27 -56.52
N PRO A 722 -8.19 10.67 -56.98
CA PRO A 722 -7.03 9.78 -56.95
C PRO A 722 -6.79 9.13 -55.59
N VAL A 723 -7.01 9.85 -54.49
CA VAL A 723 -6.74 9.38 -53.10
C VAL A 723 -7.80 8.35 -52.65
N HIS A 724 -8.89 8.17 -53.40
CA HIS A 724 -9.94 7.15 -53.12
C HIS A 724 -9.69 5.83 -53.86
N LYS A 725 -8.55 5.70 -54.56
CA LYS A 725 -8.22 4.51 -55.39
C LYS A 725 -7.18 3.65 -54.68
N CYS A 726 -7.37 2.32 -54.66
CA CYS A 726 -6.40 1.31 -54.16
C CYS A 726 -4.98 1.60 -54.72
N SER A 727 -4.93 2.12 -55.95
CA SER A 727 -3.69 2.38 -56.73
C SER A 727 -2.84 3.44 -56.03
N PHE A 728 -3.46 4.47 -55.44
CA PHE A 728 -2.79 5.55 -54.67
C PHE A 728 -2.04 4.97 -53.47
N TYR A 729 -2.57 3.89 -52.88
CA TYR A 729 -2.06 3.27 -51.63
C TYR A 729 -1.19 2.05 -51.97
N LYS A 730 -1.34 1.47 -53.16
CA LYS A 730 -0.59 0.26 -53.59
C LYS A 730 0.92 0.51 -53.43
N ASN A 731 1.55 -0.21 -52.51
CA ASN A 731 3.00 -0.11 -52.18
C ASN A 731 3.38 1.33 -51.87
N ASN A 732 2.51 2.07 -51.18
CA ASN A 732 2.74 3.45 -50.70
C ASN A 732 3.43 3.34 -49.33
N THR A 733 4.62 3.93 -49.21
CA THR A 733 5.55 3.76 -48.06
C THR A 733 5.28 4.85 -47.01
N LYS A 734 4.54 5.91 -47.38
CA LYS A 734 4.38 7.14 -46.56
C LYS A 734 3.06 7.11 -45.77
N VAL A 735 2.00 6.59 -46.40
CA VAL A 735 0.66 6.42 -45.75
C VAL A 735 -0.04 5.20 -46.39
N SER A 736 -0.92 4.56 -45.61
CA SER A 736 -1.89 3.55 -46.07
C SER A 736 -3.31 4.09 -45.79
N TYR A 737 -4.33 3.24 -45.78
CA TYR A 737 -5.74 3.65 -45.51
C TYR A 737 -6.37 2.69 -44.51
N GLY A 738 -7.48 3.11 -43.92
CA GLY A 738 -8.30 2.31 -42.99
C GLY A 738 -9.77 2.71 -43.09
N PHE A 739 -10.65 1.84 -42.61
CA PHE A 739 -12.13 2.00 -42.66
C PHE A 739 -12.66 2.47 -41.29
N LEU A 740 -13.56 3.46 -41.28
CA LEU A 740 -14.25 3.93 -40.05
C LEU A 740 -15.24 2.86 -39.60
N SER A 741 -16.31 2.62 -40.38
CA SER A 741 -17.26 1.50 -40.17
C SER A 741 -16.59 0.22 -40.64
N PRO A 742 -16.48 -0.82 -39.78
CA PRO A 742 -15.63 -1.97 -40.07
C PRO A 742 -16.26 -2.93 -41.08
N PRO A 743 -15.57 -3.25 -42.20
CA PRO A 743 -16.08 -4.26 -43.13
C PRO A 743 -16.21 -5.66 -42.50
N GLN A 744 -15.50 -5.94 -41.40
CA GLN A 744 -15.51 -7.27 -40.72
C GLN A 744 -16.88 -7.53 -40.07
N LEU A 745 -17.69 -6.49 -39.84
CA LEU A 745 -18.98 -6.61 -39.11
C LEU A 745 -20.11 -6.90 -40.11
N ASN A 746 -20.63 -8.12 -40.09
CA ASN A 746 -21.78 -8.54 -40.94
C ASN A 746 -22.95 -8.97 -40.05
N LYS A 747 -24.16 -8.49 -40.38
CA LYS A 747 -25.45 -8.79 -39.71
C LYS A 747 -26.15 -9.90 -40.49
N ASN A 748 -26.24 -9.72 -41.81
CA ASN A 748 -27.00 -10.59 -42.76
C ASN A 748 -26.18 -11.86 -43.05
N SER A 749 -25.02 -11.70 -43.71
CA SER A 749 -24.09 -12.79 -44.13
C SER A 749 -23.16 -13.15 -42.96
N SER A 750 -22.26 -14.12 -43.18
CA SER A 750 -21.09 -14.42 -42.33
C SER A 750 -19.80 -14.03 -43.05
N GLY A 751 -19.91 -13.33 -44.20
CA GLY A 751 -18.77 -12.95 -45.05
C GLY A 751 -18.23 -11.59 -44.67
N ILE A 752 -18.08 -10.69 -45.65
CA ILE A 752 -17.63 -9.28 -45.45
C ILE A 752 -18.72 -8.33 -45.96
N TYR A 753 -19.11 -7.39 -45.10
CA TYR A 753 -20.12 -6.34 -45.41
C TYR A 753 -19.52 -5.43 -46.49
N SER A 754 -20.05 -5.54 -47.71
CA SER A 754 -19.47 -4.95 -48.94
C SER A 754 -19.62 -3.42 -48.92
N GLU A 755 -20.74 -2.91 -48.42
CA GLU A 755 -21.09 -1.46 -48.40
C GLU A 755 -20.02 -0.67 -47.62
N ALA A 756 -19.38 -1.30 -46.64
CA ALA A 756 -18.33 -0.71 -45.79
C ALA A 756 -17.03 -0.50 -46.59
N LEU A 757 -16.94 -1.09 -47.79
CA LEU A 757 -15.77 -0.96 -48.69
C LEU A 757 -15.92 0.26 -49.60
N LEU A 758 -16.97 1.07 -49.42
CA LEU A 758 -17.18 2.29 -50.23
C LEU A 758 -15.98 3.22 -50.05
N THR A 759 -15.66 4.01 -51.07
CA THR A 759 -14.55 5.01 -51.06
C THR A 759 -14.81 6.09 -49.99
N THR A 760 -16.08 6.26 -49.60
CA THR A 760 -16.52 7.33 -48.66
C THR A 760 -16.29 6.89 -47.20
N ASN A 761 -15.94 5.63 -46.96
CA ASN A 761 -15.74 5.07 -45.60
C ASN A 761 -14.25 4.77 -45.36
N ILE A 762 -13.33 5.51 -46.00
CA ILE A 762 -11.87 5.32 -45.81
C ILE A 762 -11.25 6.63 -45.33
N VAL A 763 -10.19 6.51 -44.52
CA VAL A 763 -9.39 7.63 -43.97
C VAL A 763 -7.91 7.25 -44.14
N PRO A 764 -7.03 8.22 -44.45
CA PRO A 764 -5.59 7.97 -44.45
C PRO A 764 -5.18 7.38 -43.10
N MET A 765 -4.23 6.43 -43.10
CA MET A 765 -3.83 5.69 -41.88
C MET A 765 -2.42 5.12 -42.07
N TYR A 766 -1.49 5.45 -41.18
CA TYR A 766 -0.12 4.88 -41.12
C TYR A 766 -0.24 3.37 -40.87
N GLN A 767 0.66 2.61 -41.48
CA GLN A 767 0.74 1.12 -41.38
C GLN A 767 0.92 0.71 -39.91
N SER A 768 1.64 1.53 -39.12
CA SER A 768 1.93 1.24 -37.70
C SER A 768 0.64 1.30 -36.88
N PHE A 769 -0.22 2.27 -37.18
CA PHE A 769 -1.53 2.50 -36.50
C PHE A 769 -2.53 1.40 -36.88
N GLN A 770 -2.39 0.81 -38.08
CA GLN A 770 -3.29 -0.27 -38.56
C GLN A 770 -3.33 -1.42 -37.53
N VAL A 771 -2.23 -1.67 -36.83
CA VAL A 771 -2.14 -2.78 -35.83
C VAL A 771 -3.18 -2.52 -34.74
N ILE A 772 -3.19 -1.29 -34.20
CA ILE A 772 -4.12 -0.82 -33.13
C ILE A 772 -5.56 -0.95 -33.63
N TRP A 773 -5.81 -0.33 -34.79
CA TRP A 773 -7.15 -0.26 -35.44
C TRP A 773 -7.67 -1.67 -35.75
N ARG A 774 -6.81 -2.55 -36.30
CA ARG A 774 -7.16 -3.95 -36.66
C ARG A 774 -7.55 -4.68 -35.38
N TYR A 775 -6.73 -4.56 -34.33
CA TYR A 775 -6.94 -5.25 -33.03
C TYR A 775 -8.24 -4.77 -32.37
N PHE A 776 -8.53 -3.47 -32.45
CA PHE A 776 -9.76 -2.89 -31.86
C PHE A 776 -10.99 -3.56 -32.49
N HIS A 777 -11.07 -3.59 -33.82
CA HIS A 777 -12.28 -4.01 -34.58
C HIS A 777 -12.39 -5.54 -34.61
N ASP A 778 -11.25 -6.26 -34.65
CA ASP A 778 -11.23 -7.74 -34.74
C ASP A 778 -11.54 -8.36 -33.37
N THR A 779 -10.87 -7.90 -32.31
CA THR A 779 -10.88 -8.51 -30.95
C THR A 779 -11.76 -7.69 -29.98
N LEU A 780 -11.35 -6.45 -29.68
CA LEU A 780 -11.87 -5.65 -28.54
C LEU A 780 -13.35 -5.35 -28.74
N LEU A 781 -13.72 -4.77 -29.89
CA LEU A 781 -15.11 -4.33 -30.18
C LEU A 781 -16.08 -5.50 -29.99
N ARG A 782 -15.64 -6.72 -30.31
CA ARG A 782 -16.43 -7.97 -30.13
C ARG A 782 -16.66 -8.21 -28.63
N LYS A 783 -15.59 -8.11 -27.83
CA LYS A 783 -15.64 -8.34 -26.35
C LYS A 783 -16.53 -7.29 -25.69
N TYR A 784 -16.43 -6.02 -26.11
CA TYR A 784 -17.23 -4.91 -25.54
C TYR A 784 -18.72 -5.15 -25.86
N ALA A 785 -19.03 -5.55 -27.09
CA ALA A 785 -20.41 -5.82 -27.56
C ALA A 785 -21.07 -6.87 -26.66
N GLU A 786 -20.32 -7.94 -26.34
CA GLU A 786 -20.78 -9.10 -25.53
C GLU A 786 -21.06 -8.65 -24.09
N GLU A 787 -20.07 -7.99 -23.46
CA GLU A 787 -20.07 -7.60 -22.03
C GLU A 787 -21.19 -6.60 -21.73
N ARG A 788 -21.57 -5.74 -22.70
CA ARG A 788 -22.50 -4.61 -22.48
C ARG A 788 -23.85 -4.85 -23.18
N ASN A 789 -24.02 -6.02 -23.82
CA ASN A 789 -25.26 -6.40 -24.56
C ASN A 789 -25.51 -5.37 -25.68
N GLY A 790 -24.48 -5.12 -26.50
CA GLY A 790 -24.54 -4.20 -27.65
C GLY A 790 -23.82 -2.89 -27.36
N VAL A 791 -23.30 -2.25 -28.42
CA VAL A 791 -22.50 -0.99 -28.35
C VAL A 791 -22.78 -0.14 -29.58
N ASN A 792 -23.33 1.05 -29.40
CA ASN A 792 -23.28 2.12 -30.44
C ASN A 792 -21.85 2.63 -30.51
N VAL A 793 -21.29 2.73 -31.72
CA VAL A 793 -19.92 3.23 -31.98
C VAL A 793 -20.01 4.46 -32.87
N VAL A 794 -19.33 5.53 -32.49
CA VAL A 794 -19.04 6.68 -33.38
C VAL A 794 -17.53 6.85 -33.38
N SER A 795 -16.91 6.73 -34.55
CA SER A 795 -15.45 6.94 -34.73
C SER A 795 -15.26 7.97 -35.84
N GLY A 796 -14.06 8.53 -35.94
CA GLY A 796 -13.72 9.56 -36.94
C GLY A 796 -12.28 10.02 -36.80
N PRO A 797 -11.78 10.84 -37.75
CA PRO A 797 -10.45 11.41 -37.65
C PRO A 797 -10.43 12.63 -36.72
N VAL A 798 -9.24 13.04 -36.29
CA VAL A 798 -9.03 14.28 -35.49
C VAL A 798 -7.83 15.04 -36.06
N PHE A 799 -7.99 16.34 -36.29
CA PHE A 799 -6.92 17.25 -36.79
C PHE A 799 -6.66 18.29 -35.71
N ASP A 800 -5.59 18.10 -34.93
CA ASP A 800 -5.13 19.08 -33.91
C ASP A 800 -3.65 19.36 -34.11
N PHE A 801 -3.31 20.08 -35.18
CA PHE A 801 -1.92 20.44 -35.57
C PHE A 801 -1.39 21.51 -34.60
N ASP A 802 -2.28 22.29 -33.98
CA ASP A 802 -1.93 23.36 -33.02
C ASP A 802 -1.80 22.79 -31.59
N TYR A 803 -2.09 21.49 -31.42
CA TYR A 803 -2.03 20.75 -30.12
C TYR A 803 -2.63 21.61 -29.00
N ASP A 804 -3.81 22.17 -29.25
CA ASP A 804 -4.52 23.09 -28.33
C ASP A 804 -5.83 22.43 -27.86
N GLY A 805 -6.00 21.14 -28.15
CA GLY A 805 -7.18 20.34 -27.80
C GLY A 805 -8.43 20.74 -28.58
N ARG A 806 -8.29 21.64 -29.57
CA ARG A 806 -9.41 22.17 -30.39
C ARG A 806 -9.23 21.76 -31.86
N CYS A 807 -10.33 21.50 -32.56
CA CYS A 807 -10.36 21.26 -34.02
C CYS A 807 -9.74 22.47 -34.72
N ASP A 808 -8.88 22.22 -35.71
CA ASP A 808 -8.31 23.29 -36.59
C ASP A 808 -9.41 23.78 -37.52
N SER A 809 -9.35 25.05 -37.93
CA SER A 809 -10.26 25.64 -38.94
C SER A 809 -9.96 25.01 -40.31
N LEU A 810 -10.95 24.98 -41.21
CA LEU A 810 -10.77 24.54 -42.62
C LEU A 810 -9.62 25.34 -43.25
N GLU A 811 -9.58 26.65 -43.00
CA GLU A 811 -8.51 27.56 -43.49
C GLU A 811 -7.14 26.98 -43.11
N ASN A 812 -6.92 26.69 -41.82
CA ASN A 812 -5.64 26.17 -41.27
C ASN A 812 -5.34 24.78 -41.85
N LEU A 813 -6.37 23.99 -42.18
CA LEU A 813 -6.22 22.60 -42.68
C LEU A 813 -5.67 22.61 -44.11
N ARG A 814 -6.02 23.62 -44.91
CA ARG A 814 -5.57 23.79 -46.32
C ARG A 814 -4.05 23.97 -46.37
N GLN A 815 -3.40 24.38 -45.27
CA GLN A 815 -1.92 24.62 -45.22
C GLN A 815 -1.20 23.41 -44.62
N LYS A 816 -1.93 22.43 -44.08
CA LYS A 816 -1.37 21.28 -43.32
C LYS A 816 -1.42 19.99 -44.16
N ARG A 817 -1.98 20.04 -45.36
CA ARG A 817 -1.99 18.88 -46.30
C ARG A 817 -0.53 18.56 -46.70
N ARG A 818 -0.20 17.28 -46.78
CA ARG A 818 1.07 16.74 -47.30
C ARG A 818 0.91 16.42 -48.79
N VAL A 819 2.03 16.36 -49.52
CA VAL A 819 2.08 15.91 -50.94
C VAL A 819 2.70 14.50 -50.97
N ILE A 820 1.89 13.51 -51.37
CA ILE A 820 2.29 12.08 -51.50
C ILE A 820 1.85 11.61 -52.89
N ARG A 821 2.80 11.08 -53.67
CA ARG A 821 2.60 10.70 -55.10
C ARG A 821 1.85 11.83 -55.83
N ASN A 822 2.29 13.08 -55.63
CA ASN A 822 1.80 14.28 -56.36
C ASN A 822 0.30 14.47 -56.11
N GLN A 823 -0.19 14.07 -54.94
CA GLN A 823 -1.58 14.37 -54.50
C GLN A 823 -1.49 15.07 -53.14
N GLU A 824 -2.39 16.03 -52.90
CA GLU A 824 -2.53 16.74 -51.60
C GLU A 824 -3.49 15.93 -50.72
N ILE A 825 -2.97 15.37 -49.62
CA ILE A 825 -3.72 14.48 -48.68
C ILE A 825 -3.57 15.04 -47.26
N LEU A 826 -4.65 15.00 -46.47
CA LEU A 826 -4.68 15.45 -45.05
C LEU A 826 -4.62 14.21 -44.16
N ILE A 827 -3.54 14.05 -43.38
CA ILE A 827 -3.31 12.88 -42.51
C ILE A 827 -3.68 13.24 -41.07
N PRO A 828 -4.73 12.62 -40.49
CA PRO A 828 -5.16 12.88 -39.12
C PRO A 828 -4.05 12.81 -38.05
N THR A 829 -4.08 13.75 -37.09
CA THR A 829 -3.21 13.76 -35.87
C THR A 829 -3.68 12.67 -34.89
N HIS A 830 -4.99 12.40 -34.82
CA HIS A 830 -5.60 11.41 -33.91
C HIS A 830 -6.81 10.76 -34.57
N PHE A 831 -7.30 9.66 -33.98
CA PHE A 831 -8.60 9.02 -34.28
C PHE A 831 -9.39 8.90 -32.97
N PHE A 832 -10.65 9.33 -32.99
CA PHE A 832 -11.56 9.29 -31.82
C PHE A 832 -12.52 8.12 -31.98
N ILE A 833 -12.87 7.49 -30.87
CA ILE A 833 -13.92 6.44 -30.77
C ILE A 833 -14.79 6.80 -29.57
N VAL A 834 -16.12 6.68 -29.70
CA VAL A 834 -17.09 6.88 -28.59
C VAL A 834 -18.02 5.66 -28.55
N LEU A 835 -17.84 4.78 -27.56
CA LEU A 835 -18.71 3.62 -27.29
C LEU A 835 -19.85 4.06 -26.36
N THR A 836 -21.09 3.63 -26.64
CA THR A 836 -22.31 3.95 -25.84
C THR A 836 -23.17 2.68 -25.70
N SER A 837 -23.30 2.16 -24.49
CA SER A 837 -24.23 1.06 -24.11
C SER A 837 -25.21 1.58 -23.03
N CYS A 838 -26.00 0.70 -22.41
CA CYS A 838 -26.89 1.08 -21.28
C CYS A 838 -26.21 0.71 -19.95
N LYS A 839 -26.46 1.51 -18.91
CA LYS A 839 -26.10 1.18 -17.50
C LYS A 839 -26.67 -0.22 -17.17
N ASP A 840 -27.93 -0.46 -17.53
CA ASP A 840 -28.63 -1.75 -17.35
C ASP A 840 -28.36 -2.65 -18.56
N THR A 841 -27.61 -3.74 -18.37
CA THR A 841 -27.20 -4.67 -19.47
C THR A 841 -28.40 -5.51 -19.94
N SER A 842 -29.54 -5.46 -19.24
CA SER A 842 -30.79 -6.14 -19.67
C SER A 842 -31.29 -5.48 -20.96
N GLN A 843 -31.07 -4.17 -21.12
CA GLN A 843 -31.55 -3.39 -22.30
C GLN A 843 -30.39 -3.27 -23.31
N THR A 844 -30.72 -3.04 -24.57
CA THR A 844 -29.72 -2.88 -25.66
C THR A 844 -29.58 -1.39 -25.93
N PRO A 845 -28.48 -0.95 -26.60
CA PRO A 845 -28.21 0.46 -26.86
C PRO A 845 -29.26 1.35 -27.55
N LEU A 846 -30.35 0.79 -28.08
CA LEU A 846 -31.41 1.58 -28.76
C LEU A 846 -32.53 1.93 -27.75
N HIS A 847 -32.54 1.26 -26.59
CA HIS A 847 -33.60 1.38 -25.54
C HIS A 847 -32.93 1.52 -24.16
N CYS A 848 -32.00 2.46 -23.98
CA CYS A 848 -31.33 2.75 -22.68
C CYS A 848 -32.11 3.84 -21.94
N GLU A 849 -32.32 3.64 -20.64
CA GLU A 849 -32.82 4.67 -19.69
C GLU A 849 -31.64 5.57 -19.29
N ASN A 850 -30.45 4.98 -19.13
CA ASN A 850 -29.21 5.67 -18.70
C ASN A 850 -28.02 5.18 -19.54
N LEU A 851 -27.31 6.11 -20.20
CA LEU A 851 -26.17 5.79 -21.10
C LEU A 851 -24.91 5.50 -20.28
N ASP A 852 -24.20 4.42 -20.61
CA ASP A 852 -22.83 4.13 -20.12
C ASP A 852 -21.85 4.34 -21.29
N THR A 853 -20.98 5.35 -21.19
CA THR A 853 -20.10 5.80 -22.30
C THR A 853 -18.64 5.49 -21.98
N LEU A 854 -17.83 5.40 -23.04
CA LEU A 854 -16.37 5.18 -22.96
C LEU A 854 -15.76 5.72 -24.25
N ALA A 855 -14.88 6.72 -24.16
CA ALA A 855 -14.34 7.47 -25.32
C ALA A 855 -12.82 7.46 -25.30
N PHE A 856 -12.21 7.58 -26.48
CA PHE A 856 -10.75 7.50 -26.72
C PHE A 856 -10.37 8.56 -27.74
N ILE A 857 -9.21 9.18 -27.56
CA ILE A 857 -8.53 10.03 -28.58
C ILE A 857 -7.15 9.40 -28.79
N LEU A 858 -7.08 8.46 -29.74
CA LEU A 858 -5.87 7.65 -30.02
C LEU A 858 -4.91 8.47 -30.88
N PRO A 859 -3.63 8.62 -30.48
CA PRO A 859 -2.67 9.37 -31.28
C PRO A 859 -2.35 8.56 -32.53
N HIS A 860 -2.28 9.25 -33.67
CA HIS A 860 -1.98 8.68 -35.01
C HIS A 860 -0.50 8.89 -35.30
N ARG A 861 0.32 7.90 -34.96
CA ARG A 861 1.80 7.99 -35.03
C ARG A 861 2.34 6.97 -36.04
N THR A 862 3.48 7.31 -36.64
CA THR A 862 4.13 6.56 -37.73
C THR A 862 4.83 5.30 -37.19
N ASP A 863 5.11 5.24 -35.88
CA ASP A 863 5.63 4.02 -35.22
C ASP A 863 4.80 3.74 -33.96
N ASN A 864 5.06 2.62 -33.29
CA ASN A 864 4.42 2.24 -32.01
C ASN A 864 5.48 2.25 -30.91
N SER A 865 6.37 3.25 -30.90
CA SER A 865 7.48 3.39 -29.93
C SER A 865 6.93 3.66 -28.53
N GLU A 866 5.79 4.35 -28.46
CA GLU A 866 5.02 4.66 -27.22
C GLU A 866 4.76 3.37 -26.41
N SER A 867 4.42 2.27 -27.07
CA SER A 867 3.89 1.04 -26.43
C SER A 867 5.00 0.01 -26.17
N CYS A 868 6.23 0.26 -26.63
CA CYS A 868 7.41 -0.63 -26.46
C CYS A 868 7.07 -2.09 -26.85
N VAL A 869 6.79 -2.33 -28.14
CA VAL A 869 6.36 -3.65 -28.71
C VAL A 869 7.52 -4.63 -28.94
N HIS A 870 7.65 -5.66 -28.08
CA HIS A 870 8.78 -6.64 -28.07
C HIS A 870 8.25 -8.05 -27.73
N GLY A 871 7.66 -8.22 -26.54
CA GLY A 871 7.21 -9.52 -26.00
C GLY A 871 6.00 -10.08 -26.75
N ASP A 874 1.43 -11.26 -28.63
CA ASP A 874 0.57 -10.69 -27.56
C ASP A 874 0.36 -9.19 -27.81
N SER A 875 -0.81 -8.82 -28.36
CA SER A 875 -1.26 -7.42 -28.58
C SER A 875 -2.08 -6.94 -27.38
N SER A 876 -1.63 -7.25 -26.16
CA SER A 876 -2.22 -6.80 -24.87
C SER A 876 -1.91 -5.31 -24.63
N TRP A 877 -0.82 -4.81 -25.23
CA TRP A 877 -0.33 -3.41 -25.15
C TRP A 877 -1.36 -2.43 -25.74
N VAL A 878 -2.20 -2.89 -26.67
CA VAL A 878 -3.21 -2.04 -27.35
C VAL A 878 -4.25 -1.58 -26.33
N GLU A 879 -4.74 -2.49 -25.49
CA GLU A 879 -5.71 -2.18 -24.41
C GLU A 879 -5.11 -1.11 -23.49
N GLU A 880 -3.84 -1.26 -23.09
CA GLU A 880 -3.13 -0.32 -22.19
C GLU A 880 -3.08 1.06 -22.83
N LEU A 881 -2.79 1.13 -24.13
CA LEU A 881 -2.71 2.39 -24.91
C LEU A 881 -4.09 3.05 -24.95
N LEU A 882 -5.14 2.25 -25.13
CA LEU A 882 -6.55 2.76 -25.19
C LEU A 882 -6.92 3.37 -23.84
N MET A 883 -6.68 2.66 -22.74
CA MET A 883 -6.94 3.16 -21.36
C MET A 883 -6.19 4.46 -21.13
N LEU A 884 -4.89 4.53 -21.44
CA LEU A 884 -4.06 5.74 -21.19
C LEU A 884 -4.63 6.93 -21.97
N HIS A 885 -5.21 6.68 -23.16
CA HIS A 885 -5.70 7.73 -24.08
C HIS A 885 -7.24 7.80 -24.05
N ARG A 886 -7.86 7.37 -22.95
CA ARG A 886 -9.32 7.58 -22.77
C ARG A 886 -9.57 9.08 -22.63
N ALA A 887 -10.79 9.53 -22.90
CA ALA A 887 -11.13 10.96 -22.89
C ALA A 887 -12.59 11.14 -22.48
N ARG A 888 -12.91 12.32 -21.99
CA ARG A 888 -14.31 12.76 -21.80
C ARG A 888 -14.90 12.96 -23.19
N ILE A 889 -16.19 12.65 -23.39
CA ILE A 889 -16.89 12.96 -24.66
C ILE A 889 -16.69 14.46 -24.98
N THR A 890 -16.70 15.33 -23.97
CA THR A 890 -16.48 16.79 -24.10
C THR A 890 -15.12 17.06 -24.76
N ASP A 891 -14.09 16.29 -24.43
CA ASP A 891 -12.73 16.42 -25.03
C ASP A 891 -12.83 16.12 -26.53
N VAL A 892 -13.53 15.04 -26.87
CA VAL A 892 -13.81 14.64 -28.28
C VAL A 892 -14.56 15.79 -28.97
N GLU A 893 -15.63 16.29 -28.35
CA GLU A 893 -16.47 17.38 -28.92
C GLU A 893 -15.58 18.58 -29.28
N HIS A 894 -14.72 19.00 -28.36
CA HIS A 894 -13.84 20.19 -28.52
C HIS A 894 -12.88 19.99 -29.70
N ILE A 895 -12.34 18.79 -29.87
CA ILE A 895 -11.19 18.51 -30.78
C ILE A 895 -11.68 18.11 -32.18
N THR A 896 -12.96 17.74 -32.32
CA THR A 896 -13.61 17.35 -33.60
C THR A 896 -14.54 18.44 -34.12
N GLY A 897 -15.03 19.32 -33.24
CA GLY A 897 -16.08 20.31 -33.57
C GLY A 897 -17.45 19.68 -33.67
N LEU A 898 -17.62 18.45 -33.15
CA LEU A 898 -18.90 17.69 -33.15
C LEU A 898 -19.61 17.84 -31.79
N SER A 899 -20.90 17.51 -31.75
CA SER A 899 -21.76 17.55 -30.54
C SER A 899 -22.72 16.37 -30.59
N PHE A 900 -22.63 15.47 -29.61
CA PHE A 900 -23.33 14.15 -29.59
C PHE A 900 -24.59 14.22 -28.72
N TYR A 901 -25.46 13.21 -28.87
CA TYR A 901 -26.61 12.89 -27.99
C TYR A 901 -27.67 14.01 -27.97
N GLN A 902 -27.73 14.87 -28.99
CA GLN A 902 -28.64 16.05 -29.01
C GLN A 902 -30.12 15.63 -29.10
N GLN A 903 -30.43 14.34 -29.27
CA GLN A 903 -31.84 13.84 -29.36
C GLN A 903 -32.16 12.90 -28.20
N ARG A 904 -31.33 12.84 -27.16
CA ARG A 904 -31.70 12.15 -25.90
C ARG A 904 -32.76 12.99 -25.18
N LYS A 905 -33.74 12.32 -24.57
CA LYS A 905 -34.92 12.95 -23.92
C LYS A 905 -34.49 13.62 -22.60
N GLU A 906 -33.41 13.14 -21.96
CA GLU A 906 -32.86 13.67 -20.68
C GLU A 906 -32.70 15.19 -20.76
N PRO A 907 -32.81 15.93 -19.64
CA PRO A 907 -32.49 17.37 -19.63
C PRO A 907 -31.02 17.60 -20.00
N VAL A 908 -30.71 18.79 -20.53
CA VAL A 908 -29.39 19.11 -21.14
C VAL A 908 -28.29 18.98 -20.07
N SER A 909 -28.53 19.50 -18.86
CA SER A 909 -27.57 19.45 -17.74
C SER A 909 -27.17 18.00 -17.43
N ASP A 910 -28.12 17.06 -17.51
CA ASP A 910 -27.86 15.61 -17.21
C ASP A 910 -26.95 15.03 -18.31
N ILE A 911 -27.10 15.51 -19.55
CA ILE A 911 -26.26 15.10 -20.72
C ILE A 911 -24.85 15.68 -20.53
N LEU A 912 -24.74 16.95 -20.17
CA LEU A 912 -23.44 17.61 -19.89
C LEU A 912 -22.70 16.84 -18.80
N LYS A 913 -23.42 16.36 -17.77
CA LYS A 913 -22.84 15.52 -16.69
C LYS A 913 -22.19 14.30 -17.32
N LEU A 914 -22.91 13.63 -18.23
CA LEU A 914 -22.49 12.39 -18.92
C LEU A 914 -21.28 12.67 -19.82
N LYS A 915 -21.27 13.83 -20.50
CA LYS A 915 -20.24 14.18 -21.50
C LYS A 915 -18.92 14.55 -20.80
N THR A 916 -18.99 15.14 -19.60
CA THR A 916 -17.80 15.55 -18.81
C THR A 916 -17.23 14.36 -18.04
N HIS A 917 -17.94 13.23 -17.96
CA HIS A 917 -17.46 12.02 -17.23
C HIS A 917 -16.17 11.52 -17.85
N LEU A 918 -15.18 11.18 -17.03
CA LEU A 918 -14.02 10.34 -17.43
C LEU A 918 -14.15 9.01 -16.71
N PRO A 919 -14.05 7.86 -17.40
CA PRO A 919 -14.13 6.56 -16.73
C PRO A 919 -12.87 6.22 -15.92
N THR A 920 -12.98 5.33 -14.94
CA THR A 920 -11.84 4.73 -14.18
C THR A 920 -11.94 3.20 -14.28
N PHE A 921 -10.83 2.49 -14.07
CA PHE A 921 -10.71 1.02 -14.24
C PHE A 921 -9.93 0.40 -13.06
N GLU B 104 -18.33 27.89 42.73
CA GLU B 104 -18.75 27.30 44.04
C GLU B 104 -20.27 27.11 44.04
N VAL B 105 -21.03 28.18 43.78
CA VAL B 105 -22.52 28.18 43.79
C VAL B 105 -23.03 27.48 42.52
N LYS B 106 -22.24 27.51 41.44
CA LYS B 106 -22.65 26.99 40.10
C LYS B 106 -22.01 25.62 39.82
N SER B 107 -21.55 24.92 40.86
CA SER B 107 -20.83 23.62 40.74
C SER B 107 -21.41 22.59 41.72
N CYS B 108 -21.40 21.32 41.29
CA CYS B 108 -21.85 20.14 42.09
C CYS B 108 -20.77 19.65 43.06
N LYS B 109 -19.55 20.19 42.99
CA LYS B 109 -18.45 19.81 43.92
C LYS B 109 -18.96 19.89 45.36
N GLY B 110 -18.84 18.79 46.12
CA GLY B 110 -19.19 18.71 47.56
C GLY B 110 -20.66 18.44 47.82
N ARG B 111 -21.52 18.43 46.79
CA ARG B 111 -23.00 18.42 46.93
C ARG B 111 -23.66 17.30 46.11
N CYS B 112 -22.94 16.37 45.48
CA CYS B 112 -23.57 15.35 44.62
C CYS B 112 -24.73 14.67 45.38
N PHE B 113 -25.92 14.70 44.81
CA PHE B 113 -27.14 13.94 45.22
C PHE B 113 -27.80 14.54 46.46
N GLU B 114 -27.30 15.67 46.96
CA GLU B 114 -27.94 16.46 48.04
C GLU B 114 -29.00 17.37 47.42
N ARG B 115 -30.15 17.50 48.10
CA ARG B 115 -31.18 18.54 47.87
C ARG B 115 -30.59 19.93 48.14
N THR B 116 -31.00 20.93 47.34
CA THR B 116 -30.52 22.33 47.42
C THR B 116 -31.72 23.25 47.23
N PHE B 117 -31.59 24.56 47.46
CA PHE B 117 -32.68 25.54 47.19
C PHE B 117 -32.41 26.42 45.95
N GLY B 118 -31.58 27.46 46.09
CA GLY B 118 -31.55 28.60 45.15
C GLY B 118 -30.42 28.55 44.14
N ASN B 119 -30.17 27.38 43.52
CA ASN B 119 -29.03 27.14 42.60
C ASN B 119 -29.34 25.95 41.68
N CYS B 120 -28.39 25.63 40.80
CA CYS B 120 -28.40 24.47 39.86
C CYS B 120 -28.37 23.16 40.67
N ARG B 121 -28.91 22.07 40.12
CA ARG B 121 -29.17 20.80 40.87
C ARG B 121 -28.11 19.74 40.57
N CYS B 122 -28.01 18.75 41.45
CA CYS B 122 -26.98 17.70 41.45
C CYS B 122 -27.63 16.35 41.79
N ASP B 123 -28.91 16.19 41.49
CA ASP B 123 -29.69 14.95 41.75
C ASP B 123 -30.17 14.44 40.40
N ALA B 124 -30.49 13.14 40.30
CA ALA B 124 -30.77 12.42 39.03
C ALA B 124 -31.93 13.08 38.28
N ALA B 125 -32.87 13.68 39.00
CA ALA B 125 -34.09 14.32 38.45
C ALA B 125 -33.73 15.55 37.62
N CYS B 126 -32.62 16.25 37.92
CA CYS B 126 -32.21 17.53 37.26
C CYS B 126 -32.19 17.39 35.74
N VAL B 127 -31.86 16.20 35.21
CA VAL B 127 -31.66 15.95 33.76
C VAL B 127 -32.96 16.29 33.01
N GLU B 128 -34.07 15.64 33.41
CA GLU B 128 -35.44 15.83 32.83
C GLU B 128 -35.81 17.32 32.90
N LEU B 129 -35.51 17.97 34.03
CA LEU B 129 -35.91 19.39 34.32
C LEU B 129 -34.96 20.37 33.62
N GLY B 130 -33.80 19.90 33.14
CA GLY B 130 -32.75 20.71 32.49
C GLY B 130 -32.24 21.84 33.39
N ASN B 131 -32.08 21.57 34.69
CA ASN B 131 -31.56 22.56 35.67
C ASN B 131 -30.33 21.99 36.39
N CYS B 132 -29.67 20.96 35.85
CA CYS B 132 -28.38 20.41 36.37
C CYS B 132 -27.32 21.52 36.31
N CYS B 133 -26.40 21.57 37.28
CA CYS B 133 -25.14 22.36 37.16
C CYS B 133 -24.42 21.85 35.90
N LEU B 134 -23.57 22.66 35.29
CA LEU B 134 -22.87 22.26 34.04
C LEU B 134 -21.95 21.07 34.31
N ASP B 135 -21.43 20.92 35.54
CA ASP B 135 -20.43 19.87 35.87
C ASP B 135 -21.08 18.66 36.57
N TYR B 136 -22.41 18.49 36.50
CA TYR B 136 -23.13 17.39 37.18
C TYR B 136 -22.60 16.02 36.71
N GLN B 137 -22.57 15.78 35.40
CA GLN B 137 -22.15 14.48 34.81
C GLN B 137 -20.69 14.18 35.21
N GLU B 138 -19.79 15.16 35.05
CA GLU B 138 -18.33 15.01 35.26
C GLU B 138 -18.06 14.73 36.74
N THR B 139 -18.73 15.43 37.66
CA THR B 139 -18.45 15.35 39.11
C THR B 139 -19.18 14.17 39.76
N CYS B 140 -20.40 13.81 39.33
CA CYS B 140 -21.30 12.88 40.07
C CYS B 140 -21.48 11.53 39.37
N ILE B 141 -21.48 11.46 38.03
CA ILE B 141 -21.87 10.24 37.27
C ILE B 141 -20.64 9.56 36.66
N GLU B 142 -19.83 10.31 35.89
CA GLU B 142 -18.63 9.81 35.18
C GLU B 142 -17.79 8.92 36.10
N PRO B 143 -17.50 9.32 37.37
CA PRO B 143 -16.68 8.50 38.26
C PRO B 143 -17.13 7.04 38.44
N GLU B 144 -18.39 6.72 38.12
CA GLU B 144 -18.93 5.34 38.17
C GLU B 144 -18.43 4.53 36.97
N HIS B 145 -17.90 5.18 35.93
CA HIS B 145 -17.61 4.58 34.60
C HIS B 145 -16.14 4.73 34.20
N ILE B 146 -15.32 5.48 34.95
CA ILE B 146 -13.90 5.75 34.58
C ILE B 146 -12.96 5.31 35.71
N TRP B 147 -11.68 5.12 35.39
CA TRP B 147 -10.64 4.65 36.33
C TRP B 147 -9.57 5.74 36.53
N THR B 148 -9.90 6.98 36.17
CA THR B 148 -8.94 8.11 36.17
C THR B 148 -9.45 9.24 37.06
N CYS B 149 -8.52 9.93 37.72
CA CYS B 149 -8.73 11.28 38.27
C CYS B 149 -8.55 12.29 37.14
N ASN B 150 -9.06 13.49 37.38
CA ASN B 150 -8.79 14.70 36.57
C ASN B 150 -8.72 15.84 37.58
N LYS B 151 -8.24 17.01 37.18
CA LYS B 151 -7.96 18.13 38.12
C LYS B 151 -9.26 18.59 38.80
N PHE B 152 -10.43 18.26 38.23
CA PHE B 152 -11.75 18.66 38.76
C PHE B 152 -12.41 17.53 39.56
N ARG B 153 -11.67 16.45 39.84
CA ARG B 153 -12.04 15.43 40.86
C ARG B 153 -11.12 15.54 42.07
N CYS B 154 -10.01 16.29 41.96
CA CYS B 154 -8.99 16.41 43.04
C CYS B 154 -9.64 17.02 44.29
N GLY B 155 -9.65 16.27 45.39
CA GLY B 155 -10.30 16.69 46.65
C GLY B 155 -11.82 16.59 46.55
N GLU B 156 -12.32 15.70 45.70
CA GLU B 156 -13.77 15.40 45.61
C GLU B 156 -14.26 14.90 46.97
N LYS B 157 -15.51 15.19 47.30
CA LYS B 157 -16.26 14.46 48.34
C LYS B 157 -16.41 13.01 47.85
N ARG B 158 -15.93 12.05 48.62
CA ARG B 158 -15.95 10.60 48.27
C ARG B 158 -17.36 10.26 47.78
N LEU B 159 -17.46 9.66 46.59
CA LEU B 159 -18.71 9.05 46.04
C LEU B 159 -18.69 7.54 46.35
N THR B 160 -19.82 6.97 46.72
CA THR B 160 -19.93 5.55 47.16
C THR B 160 -19.84 4.61 45.94
N ARG B 161 -20.31 5.07 44.78
CA ARG B 161 -20.44 4.25 43.56
C ARG B 161 -19.21 4.35 42.64
N SER B 162 -18.25 5.23 42.95
CA SER B 162 -17.08 5.53 42.09
C SER B 162 -16.14 4.32 42.08
N LEU B 163 -15.57 3.98 40.91
CA LEU B 163 -14.69 2.80 40.71
C LEU B 163 -13.37 2.98 41.48
N CYS B 164 -12.84 4.19 41.50
CA CYS B 164 -11.72 4.59 42.40
C CYS B 164 -11.95 6.02 42.87
N ALA B 165 -11.19 6.47 43.86
CA ALA B 165 -11.39 7.76 44.57
C ALA B 165 -10.29 8.76 44.21
N CYS B 166 -10.62 10.05 44.28
CA CYS B 166 -9.66 11.18 44.16
C CYS B 166 -9.84 12.09 45.39
N SER B 167 -10.52 11.60 46.43
CA SER B 167 -10.76 12.31 47.71
C SER B 167 -9.45 12.41 48.49
N ASP B 168 -9.34 13.41 49.38
CA ASP B 168 -8.13 13.67 50.21
C ASP B 168 -7.74 12.38 50.96
N ASP B 169 -8.74 11.61 51.41
CA ASP B 169 -8.57 10.43 52.29
C ASP B 169 -8.24 9.16 51.48
N CYS B 170 -8.01 9.25 50.17
CA CYS B 170 -7.92 8.05 49.27
C CYS B 170 -6.64 7.26 49.56
N LYS B 171 -5.52 7.92 49.88
CA LYS B 171 -4.23 7.24 50.17
C LYS B 171 -4.39 6.38 51.44
N ASP B 172 -5.02 6.94 52.46
CA ASP B 172 -5.30 6.25 53.77
C ASP B 172 -6.19 5.03 53.53
N LYS B 173 -7.31 5.18 52.82
CA LYS B 173 -8.24 4.07 52.51
C LYS B 173 -7.67 3.18 51.39
N GLY B 174 -6.59 3.63 50.73
CA GLY B 174 -5.80 2.83 49.76
C GLY B 174 -6.62 2.42 48.54
N ASP B 175 -7.32 3.37 47.90
CA ASP B 175 -8.13 3.12 46.67
C ASP B 175 -8.09 4.35 45.74
N CYS B 176 -7.03 5.15 45.80
CA CYS B 176 -6.80 6.26 44.83
C CYS B 176 -6.76 5.66 43.42
N CYS B 177 -7.32 6.35 42.42
CA CYS B 177 -7.09 6.04 40.99
C CYS B 177 -5.58 6.08 40.73
N ILE B 178 -5.09 5.21 39.85
CA ILE B 178 -3.64 5.06 39.52
C ILE B 178 -3.00 6.44 39.29
N ASN B 179 -3.67 7.32 38.57
CA ASN B 179 -3.08 8.61 38.11
C ASN B 179 -3.27 9.72 39.18
N TYR B 180 -3.70 9.39 40.40
CA TYR B 180 -4.00 10.37 41.48
C TYR B 180 -2.77 11.23 41.80
N SER B 181 -1.64 10.59 42.09
CA SER B 181 -0.36 11.26 42.41
C SER B 181 0.04 12.25 41.30
N SER B 182 -0.10 11.84 40.05
CA SER B 182 0.38 12.64 38.88
C SER B 182 -0.55 13.84 38.67
N VAL B 183 -1.86 13.68 38.85
CA VAL B 183 -2.89 14.71 38.53
C VAL B 183 -3.08 15.64 39.74
N CYS B 184 -3.21 15.07 40.94
CA CYS B 184 -3.70 15.78 42.16
C CYS B 184 -2.54 16.20 43.08
N GLN B 185 -1.39 15.54 43.03
CA GLN B 185 -0.27 15.83 43.97
C GLN B 185 1.00 16.25 43.23
N GLY B 186 0.91 16.51 41.92
CA GLY B 186 1.96 17.17 41.12
C GLY B 186 3.18 16.29 40.89
N GLU B 187 3.07 14.98 41.12
CA GLU B 187 4.15 14.02 40.73
C GLU B 187 4.14 13.91 39.20
N LYS B 188 5.25 13.48 38.60
CA LYS B 188 5.30 13.14 37.17
C LYS B 188 4.74 11.73 36.99
N SER B 189 3.99 11.50 35.92
CA SER B 189 3.62 10.13 35.46
C SER B 189 4.88 9.41 34.98
N TRP B 190 4.88 8.09 34.95
CA TRP B 190 6.03 7.31 34.43
C TRP B 190 6.44 7.87 33.06
N VAL B 191 5.49 8.07 32.15
CA VAL B 191 5.79 8.44 30.73
C VAL B 191 6.47 9.82 30.68
N GLU B 192 6.15 10.71 31.61
CA GLU B 192 6.68 12.11 31.66
C GLU B 192 8.16 12.11 32.07
N GLU B 193 8.59 11.14 32.87
CA GLU B 193 9.97 11.08 33.41
C GLU B 193 10.93 10.75 32.28
N PRO B 194 12.11 11.41 32.24
CA PRO B 194 13.14 11.08 31.25
C PRO B 194 13.67 9.66 31.46
N CYS B 195 14.28 9.08 30.44
CA CYS B 195 14.94 7.76 30.50
C CYS B 195 15.92 7.71 31.67
N GLU B 196 16.00 6.55 32.33
CA GLU B 196 16.87 6.24 33.50
C GLU B 196 17.75 5.04 33.16
N SER B 197 19.00 5.03 33.60
CA SER B 197 19.84 3.81 33.64
C SER B 197 19.46 3.06 34.91
N ILE B 198 19.14 1.78 34.81
CA ILE B 198 18.82 0.90 35.97
C ILE B 198 19.88 -0.19 36.02
N ASN B 199 21.06 0.11 36.56
CA ASN B 199 22.18 -0.86 36.66
C ASN B 199 21.99 -1.66 37.95
N GLU B 200 21.78 -0.97 39.06
CA GLU B 200 21.35 -1.54 40.36
C GLU B 200 19.83 -1.44 40.40
N PRO B 201 19.10 -2.57 40.59
CA PRO B 201 17.65 -2.51 40.75
C PRO B 201 17.32 -1.87 42.11
N GLN B 202 16.17 -1.20 42.19
CA GLN B 202 15.56 -0.72 43.47
C GLN B 202 14.33 -1.58 43.77
N CYS B 203 14.54 -2.67 44.52
CA CYS B 203 13.54 -3.74 44.78
C CYS B 203 13.29 -3.87 46.28
N PRO B 204 12.07 -4.24 46.69
CA PRO B 204 11.81 -4.54 48.10
C PRO B 204 12.38 -5.91 48.47
N ALA B 205 12.40 -6.21 49.76
CA ALA B 205 12.79 -7.54 50.30
C ALA B 205 11.95 -8.61 49.62
N GLY B 206 12.60 -9.68 49.17
CA GLY B 206 11.95 -10.82 48.48
C GLY B 206 12.23 -10.80 46.98
N PHE B 207 12.69 -9.65 46.46
CA PHE B 207 12.94 -9.44 45.01
C PHE B 207 14.45 -9.27 44.75
N GLU B 208 15.28 -9.97 45.53
CA GLU B 208 16.74 -10.05 45.31
C GLU B 208 16.97 -10.55 43.88
N THR B 209 16.12 -11.47 43.40
CA THR B 209 15.84 -11.70 41.96
C THR B 209 14.58 -10.93 41.59
N PRO B 210 14.66 -9.94 40.67
CA PRO B 210 13.50 -9.09 40.36
C PRO B 210 12.40 -9.86 39.64
N PRO B 211 11.14 -9.39 39.71
CA PRO B 211 10.05 -10.07 39.01
C PRO B 211 10.15 -9.79 37.50
N THR B 212 9.62 -10.71 36.69
CA THR B 212 9.40 -10.53 35.24
C THR B 212 7.88 -10.56 34.98
N LEU B 213 7.38 -9.61 34.18
CA LEU B 213 5.97 -9.57 33.74
C LEU B 213 5.95 -9.70 32.22
N LEU B 214 5.23 -10.69 31.71
CA LEU B 214 5.02 -10.96 30.27
C LEU B 214 3.66 -10.38 29.88
N PHE B 215 3.66 -9.23 29.19
CA PHE B 215 2.45 -8.44 28.84
C PHE B 215 2.20 -8.57 27.34
N SER B 216 1.13 -9.27 26.96
CA SER B 216 0.76 -9.55 25.56
C SER B 216 -0.39 -8.63 25.11
N LEU B 217 -0.16 -7.93 24.00
CA LEU B 217 -1.18 -7.20 23.22
C LEU B 217 -1.47 -8.05 21.97
N ASP B 218 -2.56 -8.81 22.01
CA ASP B 218 -2.99 -9.74 20.94
C ASP B 218 -3.05 -8.98 19.61
N GLY B 219 -2.39 -9.49 18.57
CA GLY B 219 -2.52 -9.01 17.18
C GLY B 219 -1.90 -7.65 16.97
N PHE B 220 -0.98 -7.24 17.82
CA PHE B 220 -0.19 -5.99 17.65
C PHE B 220 0.91 -6.30 16.64
N ARG B 221 0.66 -6.02 15.37
CA ARG B 221 1.69 -6.21 14.32
C ARG B 221 2.79 -5.18 14.55
N ALA B 222 4.05 -5.57 14.31
CA ALA B 222 5.25 -4.74 14.51
C ALA B 222 5.07 -3.40 13.80
N GLU B 223 4.45 -3.42 12.62
CA GLU B 223 4.29 -2.22 11.74
C GLU B 223 3.50 -1.13 12.47
N TYR B 224 2.57 -1.49 13.35
CA TYR B 224 1.74 -0.51 14.12
C TYR B 224 2.66 0.48 14.85
N LEU B 225 3.77 0.02 15.43
CA LEU B 225 4.71 0.90 16.16
C LEU B 225 5.58 1.68 15.17
N HIS B 226 5.94 1.07 14.03
CA HIS B 226 6.72 1.75 12.96
C HIS B 226 6.00 3.02 12.50
N THR B 227 4.68 2.96 12.34
CA THR B 227 3.84 3.97 11.66
C THR B 227 3.13 4.89 12.67
N TRP B 228 2.65 4.34 13.78
CA TRP B 228 1.77 5.06 14.76
C TRP B 228 2.51 5.34 16.07
N GLY B 229 3.83 5.20 16.09
CA GLY B 229 4.66 5.49 17.28
C GLY B 229 4.30 6.84 17.89
N GLY B 230 4.08 7.86 17.06
CA GLY B 230 3.77 9.23 17.49
C GLY B 230 2.43 9.32 18.22
N LEU B 231 1.55 8.33 18.06
CA LEU B 231 0.22 8.26 18.70
C LEU B 231 0.27 7.42 19.97
N LEU B 232 1.43 6.82 20.26
CA LEU B 232 1.62 5.78 21.32
C LEU B 232 2.80 6.17 22.21
N PRO B 233 2.65 7.21 23.05
CA PRO B 233 3.79 7.74 23.80
C PRO B 233 4.41 6.76 24.81
N VAL B 234 3.59 5.94 25.49
CA VAL B 234 4.09 5.02 26.56
C VAL B 234 4.94 3.95 25.89
N ILE B 235 4.39 3.24 24.91
CA ILE B 235 5.11 2.15 24.20
C ILE B 235 6.35 2.75 23.52
N SER B 236 6.25 3.94 22.95
CA SER B 236 7.38 4.66 22.30
C SER B 236 8.49 4.91 23.32
N LYS B 237 8.16 5.30 24.55
CA LYS B 237 9.16 5.55 25.62
C LYS B 237 9.81 4.23 26.05
N LEU B 238 9.02 3.16 26.18
CA LEU B 238 9.57 1.82 26.53
C LEU B 238 10.63 1.45 25.49
N LYS B 239 10.32 1.63 24.21
CA LYS B 239 11.26 1.40 23.09
C LYS B 239 12.52 2.26 23.31
N LYS B 240 12.33 3.56 23.54
CA LYS B 240 13.43 4.54 23.65
C LYS B 240 14.33 4.19 24.84
N CYS B 241 13.77 3.87 25.99
CA CYS B 241 14.51 3.69 27.26
C CYS B 241 14.94 2.24 27.42
N GLY B 242 14.48 1.33 26.56
CA GLY B 242 14.61 -0.11 26.77
C GLY B 242 15.30 -0.82 25.62
N THR B 243 14.95 -2.08 25.41
CA THR B 243 15.54 -3.00 24.41
C THR B 243 14.43 -3.40 23.45
N TYR B 244 14.60 -3.07 22.17
CA TYR B 244 13.56 -3.16 21.12
C TYR B 244 14.12 -3.91 19.91
N THR B 245 13.26 -4.67 19.23
CA THR B 245 13.51 -5.12 17.84
C THR B 245 12.37 -4.62 16.96
N LYS B 246 12.67 -4.17 15.75
CA LYS B 246 11.64 -3.69 14.80
C LYS B 246 10.69 -4.85 14.46
N ASN B 247 11.16 -6.09 14.56
CA ASN B 247 10.37 -7.30 14.20
C ASN B 247 10.76 -8.49 15.08
N MET B 248 9.80 -9.05 15.80
CA MET B 248 9.95 -10.39 16.42
C MET B 248 9.21 -11.37 15.51
N ARG B 249 9.90 -12.41 15.03
CA ARG B 249 9.30 -13.44 14.14
C ARG B 249 8.47 -14.37 15.01
N PRO B 250 7.16 -14.52 14.71
CA PRO B 250 6.33 -15.52 15.37
C PRO B 250 6.60 -16.93 14.82
N VAL B 251 5.96 -17.93 15.43
CA VAL B 251 5.93 -19.33 14.93
C VAL B 251 4.73 -19.47 13.99
N TYR B 252 4.79 -20.44 13.07
CA TYR B 252 3.71 -20.83 12.13
C TYR B 252 2.88 -21.93 12.77
N PRO B 253 1.54 -21.96 12.61
CA PRO B 253 0.80 -20.87 11.97
C PRO B 253 0.72 -19.65 12.91
N THR B 254 0.68 -18.44 12.34
CA THR B 254 0.73 -17.15 13.07
C THR B 254 -0.63 -16.87 13.69
N LYS B 255 -0.96 -17.64 14.72
CA LYS B 255 -2.26 -17.60 15.45
C LYS B 255 -1.99 -17.48 16.95
N THR B 256 -3.03 -17.17 17.72
CA THR B 256 -2.97 -16.77 19.16
C THR B 256 -2.44 -17.89 20.06
N PHE B 257 -3.11 -19.04 20.13
CA PHE B 257 -2.74 -20.12 21.08
C PHE B 257 -1.35 -20.66 20.73
N PRO B 258 -1.04 -21.03 19.46
CA PRO B 258 0.30 -21.55 19.14
C PRO B 258 1.45 -20.62 19.57
N ASN B 259 1.29 -19.32 19.34
CA ASN B 259 2.37 -18.32 19.58
C ASN B 259 2.48 -18.03 21.08
N HIS B 260 1.38 -17.88 21.81
CA HIS B 260 1.40 -17.65 23.28
C HIS B 260 2.06 -18.85 23.96
N TYR B 261 1.71 -20.07 23.57
CA TYR B 261 2.22 -21.29 24.24
C TYR B 261 3.68 -21.50 23.82
N SER B 262 4.04 -21.11 22.59
CA SER B 262 5.45 -21.09 22.12
C SER B 262 6.27 -20.12 22.97
N ILE B 263 5.74 -18.94 23.28
CA ILE B 263 6.51 -17.88 24.01
C ILE B 263 6.93 -18.44 25.37
N VAL B 264 6.04 -19.12 26.08
CA VAL B 264 6.27 -19.56 27.50
C VAL B 264 6.86 -20.98 27.56
N THR B 265 7.13 -21.65 26.44
CA THR B 265 7.78 -22.98 26.41
C THR B 265 9.09 -22.98 25.63
N GLY B 266 9.31 -22.03 24.72
CA GLY B 266 10.48 -22.03 23.82
C GLY B 266 10.42 -23.16 22.79
N LEU B 267 9.24 -23.76 22.59
CA LEU B 267 9.05 -24.89 21.64
C LEU B 267 8.28 -24.42 20.40
N TYR B 268 8.58 -25.02 19.25
CA TYR B 268 7.74 -24.97 18.02
C TYR B 268 6.40 -25.62 18.34
N PRO B 269 5.27 -25.17 17.74
CA PRO B 269 3.99 -25.84 17.93
C PRO B 269 4.01 -27.35 17.65
N GLU B 270 4.78 -27.80 16.65
CA GLU B 270 4.92 -29.24 16.28
C GLU B 270 5.41 -30.05 17.49
N SER B 271 6.08 -29.41 18.46
CA SER B 271 6.64 -30.07 19.67
C SER B 271 5.77 -29.81 20.91
N HIS B 272 5.13 -28.65 21.03
CA HIS B 272 4.34 -28.31 22.25
C HIS B 272 2.88 -28.74 22.06
N GLY B 273 2.47 -29.03 20.82
CA GLY B 273 1.21 -29.72 20.51
C GLY B 273 0.02 -28.80 20.28
N ILE B 274 0.15 -27.50 20.58
CA ILE B 274 -0.93 -26.49 20.35
C ILE B 274 -0.70 -25.85 18.99
N ILE B 275 -1.14 -26.51 17.93
CA ILE B 275 -0.83 -26.12 16.52
C ILE B 275 -1.91 -25.15 16.00
N ASP B 276 -3.05 -25.05 16.68
CA ASP B 276 -4.14 -24.09 16.33
C ASP B 276 -5.20 -24.06 17.44
N ASN B 277 -6.17 -23.14 17.33
CA ASN B 277 -7.31 -23.02 18.28
C ASN B 277 -8.31 -24.14 18.00
N LYS B 278 -8.25 -24.76 16.82
CA LYS B 278 -9.04 -25.98 16.44
C LYS B 278 -8.06 -27.01 15.85
N MET B 279 -8.02 -28.23 16.40
CA MET B 279 -7.24 -29.36 15.81
C MET B 279 -7.96 -30.67 16.13
N TYR B 280 -7.53 -31.76 15.50
CA TYR B 280 -7.98 -33.14 15.79
C TYR B 280 -6.75 -33.99 16.07
N ASP B 281 -6.75 -34.75 17.17
CA ASP B 281 -5.69 -35.75 17.46
C ASP B 281 -6.24 -37.14 17.14
N PRO B 282 -5.62 -37.88 16.19
CA PRO B 282 -6.10 -39.21 15.82
C PRO B 282 -6.00 -40.22 16.98
N LYS B 283 -4.82 -40.33 17.61
CA LYS B 283 -4.56 -41.28 18.74
C LYS B 283 -5.62 -41.07 19.82
N MET B 284 -5.88 -39.82 20.20
CA MET B 284 -6.87 -39.49 21.26
C MET B 284 -8.28 -39.61 20.69
N ASN B 285 -8.42 -39.56 19.36
CA ASN B 285 -9.72 -39.45 18.65
C ASN B 285 -10.60 -38.42 19.37
N ALA B 286 -10.05 -37.20 19.54
CA ALA B 286 -10.73 -36.04 20.15
C ALA B 286 -10.41 -34.78 19.34
N SER B 287 -11.27 -33.78 19.40
CA SER B 287 -11.10 -32.46 18.76
C SER B 287 -10.85 -31.39 19.85
N PHE B 288 -9.91 -30.48 19.59
CA PHE B 288 -9.61 -29.33 20.46
C PHE B 288 -10.40 -28.11 19.96
N SER B 289 -11.13 -27.45 20.85
CA SER B 289 -11.89 -26.20 20.60
C SER B 289 -11.85 -25.32 21.86
N LEU B 290 -11.80 -23.99 21.71
CA LEU B 290 -11.74 -23.02 22.83
C LEU B 290 -13.10 -22.95 23.56
N LYS B 291 -14.20 -23.33 22.88
CA LYS B 291 -15.57 -23.32 23.45
C LYS B 291 -15.87 -24.66 24.15
N SER B 292 -15.04 -25.68 23.92
CA SER B 292 -15.22 -27.06 24.41
C SER B 292 -14.54 -27.22 25.77
N LYS B 293 -14.83 -28.33 26.48
CA LYS B 293 -14.19 -28.68 27.78
C LYS B 293 -12.82 -29.32 27.51
N GLU B 294 -12.50 -29.62 26.25
CA GLU B 294 -11.21 -30.26 25.84
C GLU B 294 -10.09 -29.24 25.99
N LYS B 295 -10.43 -27.95 25.94
CA LYS B 295 -9.50 -26.82 26.20
C LYS B 295 -8.74 -27.04 27.52
N PHE B 296 -9.37 -27.69 28.50
CA PHE B 296 -8.83 -27.89 29.87
C PHE B 296 -8.19 -29.29 30.02
N ASN B 297 -8.13 -30.07 28.94
CA ASN B 297 -7.56 -31.45 28.95
C ASN B 297 -6.03 -31.35 28.82
N PRO B 298 -5.28 -31.68 29.89
CA PRO B 298 -3.81 -31.64 29.85
C PRO B 298 -3.10 -32.41 28.73
N GLU B 299 -3.78 -33.39 28.12
CA GLU B 299 -3.20 -34.25 27.06
C GLU B 299 -2.70 -33.38 25.90
N TRP B 300 -3.38 -32.26 25.64
CA TRP B 300 -3.11 -31.31 24.51
C TRP B 300 -1.79 -30.57 24.71
N TYR B 301 -1.47 -30.19 25.94
CA TYR B 301 -0.35 -29.25 26.26
C TYR B 301 0.89 -30.06 26.60
N LYS B 302 1.88 -30.06 25.71
CA LYS B 302 3.18 -30.73 25.93
C LYS B 302 4.21 -29.68 26.33
N GLY B 303 5.47 -30.07 26.49
CA GLY B 303 6.57 -29.20 26.94
C GLY B 303 6.36 -28.72 28.37
N GLU B 304 7.11 -27.70 28.79
CA GLU B 304 7.12 -27.17 30.18
C GLU B 304 6.99 -25.65 30.12
N PRO B 305 5.81 -25.08 30.44
CA PRO B 305 5.64 -23.64 30.47
C PRO B 305 6.52 -23.05 31.58
N ILE B 306 6.95 -21.79 31.43
CA ILE B 306 7.93 -21.14 32.36
C ILE B 306 7.39 -21.15 33.79
N TRP B 307 6.07 -21.11 34.00
CA TRP B 307 5.50 -21.09 35.38
C TRP B 307 5.72 -22.44 36.06
N VAL B 308 5.81 -23.52 35.29
CA VAL B 308 6.13 -24.89 35.79
C VAL B 308 7.64 -24.95 36.09
N THR B 309 8.47 -24.51 35.15
CA THR B 309 9.95 -24.38 35.34
C THR B 309 10.23 -23.62 36.64
N ALA B 310 9.54 -22.49 36.84
CA ALA B 310 9.68 -21.58 37.99
C ALA B 310 9.31 -22.30 39.28
N LYS B 311 8.23 -23.07 39.27
CA LYS B 311 7.70 -23.73 40.50
C LYS B 311 8.71 -24.78 40.99
N TYR B 312 9.29 -25.56 40.09
CA TYR B 312 10.31 -26.60 40.39
C TYR B 312 11.56 -25.96 41.02
N GLN B 313 11.83 -24.67 40.74
CA GLN B 313 13.01 -23.96 41.27
C GLN B 313 12.56 -22.90 42.28
N GLY B 314 11.33 -23.02 42.79
CA GLY B 314 10.86 -22.34 44.02
C GLY B 314 10.29 -20.95 43.80
N LEU B 315 9.98 -20.53 42.57
CA LEU B 315 9.38 -19.20 42.30
C LEU B 315 7.90 -19.39 41.98
N LYS B 316 7.05 -18.54 42.56
CA LYS B 316 5.59 -18.56 42.36
C LYS B 316 5.23 -17.72 41.13
N SER B 317 3.99 -17.87 40.64
CA SER B 317 3.54 -17.29 39.35
C SER B 317 2.13 -16.72 39.50
N GLY B 318 1.87 -15.60 38.83
CA GLY B 318 0.54 -14.97 38.76
C GLY B 318 0.19 -14.68 37.32
N THR B 319 -0.75 -15.43 36.75
CA THR B 319 -1.17 -15.26 35.33
C THR B 319 -2.57 -14.66 35.30
N PHE B 320 -2.73 -13.46 34.72
CA PHE B 320 -4.06 -12.88 34.43
C PHE B 320 -4.33 -13.06 32.94
N PHE B 321 -4.69 -14.31 32.59
CA PHE B 321 -5.02 -14.80 31.22
C PHE B 321 -3.71 -15.13 30.50
N TRP B 322 -3.61 -16.38 30.03
CA TRP B 322 -2.55 -16.87 29.11
C TRP B 322 -2.92 -18.27 28.67
N PRO B 323 -2.82 -18.65 27.37
CA PRO B 323 -3.02 -20.04 26.96
C PRO B 323 -2.17 -21.04 27.78
N GLY B 324 -2.86 -21.96 28.46
CA GLY B 324 -2.27 -23.05 29.27
C GLY B 324 -2.27 -22.74 30.76
N SER B 325 -2.55 -21.51 31.17
CA SER B 325 -2.39 -21.05 32.57
C SER B 325 -3.61 -21.49 33.39
N ASP B 326 -4.71 -21.86 32.72
CA ASP B 326 -5.96 -22.35 33.36
C ASP B 326 -6.06 -23.88 33.18
N VAL B 327 -4.93 -24.54 32.92
CA VAL B 327 -4.85 -26.00 32.64
C VAL B 327 -3.85 -26.62 33.63
N GLU B 328 -4.15 -27.82 34.14
CA GLU B 328 -3.27 -28.57 35.05
C GLU B 328 -2.20 -29.27 34.21
N ILE B 329 -1.05 -28.62 34.01
CA ILE B 329 0.07 -29.10 33.15
C ILE B 329 1.13 -29.75 34.05
N ASN B 330 1.46 -31.02 33.77
CA ASN B 330 2.27 -31.90 34.65
C ASN B 330 1.83 -31.72 36.12
N GLY B 331 0.52 -31.67 36.36
CA GLY B 331 -0.06 -31.65 37.71
C GLY B 331 0.01 -30.28 38.38
N ILE B 332 0.39 -29.23 37.65
CA ILE B 332 0.67 -27.87 38.22
C ILE B 332 -0.18 -26.79 37.54
N PHE B 333 -0.80 -25.94 38.36
CA PHE B 333 -1.34 -24.61 37.96
C PHE B 333 -0.36 -23.53 38.42
N PRO B 334 -0.42 -22.30 37.85
CA PRO B 334 0.20 -21.15 38.49
C PRO B 334 -0.36 -20.95 39.90
N ASP B 335 0.41 -20.34 40.80
CA ASP B 335 0.00 -20.10 42.20
C ASP B 335 -1.25 -19.20 42.23
N ILE B 336 -1.36 -18.28 41.26
CA ILE B 336 -2.57 -17.47 41.02
C ILE B 336 -2.83 -17.51 39.51
N TYR B 337 -4.06 -17.82 39.11
CA TYR B 337 -4.49 -17.85 37.69
C TYR B 337 -5.96 -17.47 37.61
N LYS B 338 -6.38 -17.04 36.42
CA LYS B 338 -7.77 -16.62 36.14
C LYS B 338 -8.32 -17.53 35.03
N MET B 339 -9.52 -18.06 35.23
CA MET B 339 -10.32 -18.70 34.15
C MET B 339 -10.58 -17.59 33.13
N TYR B 340 -10.29 -17.85 31.85
CA TYR B 340 -10.37 -16.84 30.77
C TYR B 340 -11.80 -16.30 30.71
N ASN B 341 -11.91 -14.98 30.68
CA ASN B 341 -13.18 -14.23 30.59
C ASN B 341 -12.87 -12.91 29.88
N GLY B 342 -13.02 -12.89 28.56
CA GLY B 342 -12.71 -11.72 27.70
C GLY B 342 -13.47 -10.47 28.11
N SER B 343 -14.49 -10.59 28.98
CA SER B 343 -15.41 -9.49 29.40
C SER B 343 -14.80 -8.66 30.53
N VAL B 344 -13.76 -9.16 31.19
CA VAL B 344 -13.09 -8.43 32.30
C VAL B 344 -12.44 -7.21 31.68
N PRO B 345 -12.80 -5.97 32.09
CA PRO B 345 -12.21 -4.76 31.51
C PRO B 345 -10.70 -4.73 31.74
N PHE B 346 -9.94 -4.16 30.80
CA PHE B 346 -8.45 -4.14 30.83
C PHE B 346 -7.95 -3.53 32.15
N GLU B 347 -8.61 -2.47 32.64
CA GLU B 347 -8.20 -1.76 33.87
C GLU B 347 -8.19 -2.72 35.06
N GLU B 348 -9.16 -3.63 35.15
CA GLU B 348 -9.31 -4.56 36.29
C GLU B 348 -8.18 -5.60 36.25
N ARG B 349 -7.76 -6.00 35.05
CA ARG B 349 -6.66 -7.01 34.90
C ARG B 349 -5.39 -6.38 35.46
N ILE B 350 -5.11 -5.14 35.07
CA ILE B 350 -3.89 -4.39 35.48
C ILE B 350 -3.95 -4.14 36.99
N LEU B 351 -5.11 -3.75 37.53
CA LEU B 351 -5.25 -3.46 38.98
C LEU B 351 -4.99 -4.74 39.80
N ALA B 352 -5.42 -5.89 39.29
CA ALA B 352 -5.25 -7.19 39.97
C ALA B 352 -3.76 -7.53 40.04
N VAL B 353 -3.04 -7.38 38.93
CA VAL B 353 -1.58 -7.68 38.90
C VAL B 353 -0.87 -6.74 39.87
N LEU B 354 -1.31 -5.48 39.98
CA LEU B 354 -0.71 -4.52 40.94
C LEU B 354 -1.00 -4.95 42.38
N GLN B 355 -2.14 -5.61 42.64
CA GLN B 355 -2.43 -6.20 43.98
C GLN B 355 -1.46 -7.35 44.26
N TRP B 356 -1.24 -8.24 43.29
CA TRP B 356 -0.33 -9.40 43.45
C TRP B 356 1.09 -8.92 43.81
N LEU B 357 1.55 -7.82 43.22
CA LEU B 357 2.90 -7.24 43.47
C LEU B 357 2.99 -6.62 44.88
N GLN B 358 1.86 -6.48 45.59
CA GLN B 358 1.80 -5.96 46.98
C GLN B 358 1.49 -7.08 47.99
N LEU B 359 1.41 -8.33 47.56
CA LEU B 359 1.28 -9.48 48.49
C LEU B 359 2.54 -9.53 49.36
N PRO B 360 2.45 -10.11 50.57
CA PRO B 360 3.66 -10.37 51.37
C PRO B 360 4.59 -11.35 50.64
N LYS B 361 5.90 -11.24 50.91
CA LYS B 361 7.02 -11.86 50.13
C LYS B 361 6.87 -13.39 50.06
N ASP B 362 6.23 -14.01 51.05
CA ASP B 362 6.10 -15.50 51.11
C ASP B 362 5.14 -15.99 50.03
N GLU B 363 4.12 -15.21 49.64
CA GLU B 363 3.08 -15.69 48.67
C GLU B 363 3.10 -14.86 47.36
N ARG B 364 3.98 -13.86 47.24
CA ARG B 364 4.03 -12.94 46.08
C ARG B 364 4.79 -13.56 44.92
N PRO B 365 4.18 -13.69 43.72
CA PRO B 365 4.89 -14.25 42.56
C PRO B 365 6.14 -13.48 42.10
N HIS B 366 6.99 -14.15 41.33
CA HIS B 366 8.14 -13.59 40.59
C HIS B 366 7.79 -13.48 39.09
N PHE B 367 7.03 -14.42 38.55
CA PHE B 367 6.62 -14.42 37.12
C PHE B 367 5.14 -14.08 37.03
N TYR B 368 4.83 -13.08 36.19
CA TYR B 368 3.46 -12.56 35.95
C TYR B 368 3.16 -12.58 34.46
N THR B 369 1.90 -12.77 34.09
CA THR B 369 1.41 -12.56 32.71
C THR B 369 0.19 -11.66 32.73
N LEU B 370 0.04 -10.91 31.64
CA LEU B 370 -1.10 -10.00 31.37
C LEU B 370 -1.41 -10.18 29.89
N TYR B 371 -2.68 -10.34 29.54
CA TYR B 371 -3.12 -10.55 28.14
C TYR B 371 -4.32 -9.62 27.89
N LEU B 372 -4.26 -8.84 26.80
CA LEU B 372 -5.37 -8.00 26.27
C LEU B 372 -5.73 -8.48 24.85
N GLU B 373 -7.01 -8.46 24.50
CA GLU B 373 -7.53 -8.94 23.20
C GLU B 373 -7.32 -7.87 22.13
N GLU B 374 -6.94 -6.64 22.49
CA GLU B 374 -6.66 -5.57 21.50
C GLU B 374 -5.16 -5.44 21.27
N PRO B 375 -4.71 -5.02 20.08
CA PRO B 375 -5.59 -4.59 18.98
C PRO B 375 -6.08 -5.65 17.98
N ASP B 376 -6.04 -6.94 18.34
CA ASP B 376 -6.42 -8.05 17.43
C ASP B 376 -7.91 -7.92 17.09
N SER B 377 -8.73 -7.72 18.11
CA SER B 377 -10.20 -7.68 18.00
C SER B 377 -10.61 -6.60 17.00
N SER B 378 -10.10 -5.37 17.14
CA SER B 378 -10.39 -4.24 16.22
C SER B 378 -9.77 -4.51 14.84
N GLY B 379 -8.61 -5.17 14.81
CA GLY B 379 -7.93 -5.55 13.56
C GLY B 379 -8.83 -6.39 12.67
N HIS B 380 -9.39 -7.48 13.21
CA HIS B 380 -10.38 -8.35 12.52
C HIS B 380 -11.57 -7.51 12.05
N SER B 381 -12.25 -6.85 12.99
CA SER B 381 -13.55 -6.16 12.79
C SER B 381 -13.46 -5.01 11.78
N TYR B 382 -12.34 -4.28 11.70
CA TYR B 382 -12.24 -3.01 10.93
C TYR B 382 -11.03 -2.99 9.99
N GLY B 383 -10.14 -3.99 10.07
CA GLY B 383 -8.92 -4.03 9.27
C GLY B 383 -7.77 -3.29 9.95
N PRO B 384 -6.51 -3.68 9.66
CA PRO B 384 -5.35 -3.11 10.34
C PRO B 384 -5.11 -1.62 10.08
N VAL B 385 -5.61 -1.08 8.97
CA VAL B 385 -5.49 0.38 8.67
C VAL B 385 -6.89 0.96 8.73
N SER B 386 -7.26 1.50 9.90
CA SER B 386 -8.63 1.93 10.25
C SER B 386 -8.61 2.86 11.47
N SER B 387 -9.58 3.74 11.56
CA SER B 387 -9.77 4.63 12.74
C SER B 387 -9.91 3.79 14.01
N GLU B 388 -10.56 2.64 13.92
CA GLU B 388 -10.87 1.78 15.09
C GLU B 388 -9.58 1.16 15.62
N VAL B 389 -8.67 0.75 14.74
CA VAL B 389 -7.36 0.18 15.17
C VAL B 389 -6.50 1.29 15.81
N ILE B 390 -6.52 2.50 15.27
CA ILE B 390 -5.75 3.62 15.89
C ILE B 390 -6.29 3.85 17.30
N LYS B 391 -7.61 3.86 17.47
CA LYS B 391 -8.24 4.09 18.80
C LYS B 391 -7.90 2.91 19.72
N ALA B 392 -7.84 1.70 19.18
CA ALA B 392 -7.51 0.48 19.94
C ALA B 392 -6.05 0.55 20.42
N LEU B 393 -5.16 1.02 19.54
CA LEU B 393 -3.71 1.15 19.84
C LEU B 393 -3.52 2.20 20.94
N GLN B 394 -4.22 3.32 20.87
CA GLN B 394 -4.16 4.36 21.91
C GLN B 394 -4.65 3.79 23.23
N ARG B 395 -5.73 3.00 23.21
CA ARG B 395 -6.29 2.38 24.44
C ARG B 395 -5.22 1.47 25.08
N VAL B 396 -4.62 0.55 24.34
CA VAL B 396 -3.61 -0.39 24.92
C VAL B 396 -2.37 0.40 25.36
N ASP B 397 -1.96 1.45 24.65
CA ASP B 397 -0.85 2.33 25.07
C ASP B 397 -1.17 2.86 26.47
N GLY B 398 -2.41 3.31 26.68
CA GLY B 398 -2.90 3.86 27.96
C GLY B 398 -2.88 2.79 29.05
N MET B 399 -3.25 1.57 28.71
CA MET B 399 -3.25 0.43 29.67
C MET B 399 -1.82 0.13 30.11
N VAL B 400 -0.85 0.13 29.18
CA VAL B 400 0.59 -0.06 29.53
C VAL B 400 1.00 1.07 30.46
N GLY B 401 0.57 2.30 30.16
CA GLY B 401 0.87 3.48 30.98
C GLY B 401 0.28 3.34 32.36
N MET B 402 -0.90 2.73 32.46
CA MET B 402 -1.60 2.51 33.75
C MET B 402 -0.75 1.56 34.60
N LEU B 403 -0.18 0.52 33.98
CA LEU B 403 0.71 -0.42 34.68
C LEU B 403 1.94 0.34 35.16
N MET B 404 2.58 1.12 34.28
CA MET B 404 3.87 1.79 34.61
C MET B 404 3.62 2.82 35.72
N ASP B 405 2.50 3.55 35.67
CA ASP B 405 2.13 4.55 36.71
C ASP B 405 1.90 3.79 38.04
N GLY B 406 1.25 2.64 37.97
CA GLY B 406 1.01 1.79 39.14
C GLY B 406 2.31 1.30 39.75
N LEU B 407 3.24 0.82 38.93
CA LEU B 407 4.57 0.32 39.40
C LEU B 407 5.31 1.49 40.06
N LYS B 408 5.26 2.69 39.47
CA LYS B 408 5.90 3.91 40.03
C LYS B 408 5.36 4.18 41.44
N GLU B 409 4.03 4.17 41.62
CA GLU B 409 3.39 4.39 42.95
C GLU B 409 3.95 3.39 43.96
N LEU B 410 4.20 2.14 43.53
CA LEU B 410 4.68 1.03 44.40
C LEU B 410 6.21 1.03 44.49
N ASN B 411 6.90 1.95 43.81
CA ASN B 411 8.38 1.99 43.75
C ASN B 411 8.91 0.67 43.19
N LEU B 412 8.25 0.13 42.17
CA LEU B 412 8.64 -1.14 41.48
C LEU B 412 9.07 -0.84 40.04
N HIS B 413 9.09 0.42 39.63
CA HIS B 413 9.34 0.86 38.23
C HIS B 413 10.84 0.78 37.88
N ARG B 414 11.71 0.58 38.88
CA ARG B 414 13.15 0.27 38.66
C ARG B 414 13.46 -1.09 39.29
N CYS B 415 12.48 -1.99 39.27
CA CYS B 415 12.57 -3.35 39.85
C CYS B 415 12.11 -4.38 38.81
N LEU B 416 10.89 -4.24 38.34
CA LEU B 416 10.23 -5.25 37.48
C LEU B 416 10.87 -5.25 36.08
N ASN B 417 11.13 -6.43 35.54
CA ASN B 417 11.50 -6.64 34.12
C ASN B 417 10.19 -6.82 33.34
N LEU B 418 9.85 -5.86 32.48
CA LEU B 418 8.64 -5.89 31.63
C LEU B 418 9.04 -6.37 30.24
N ILE B 419 8.37 -7.40 29.74
CA ILE B 419 8.46 -7.82 28.32
C ILE B 419 7.09 -7.56 27.71
N LEU B 420 6.98 -6.46 26.97
CA LEU B 420 5.77 -6.11 26.18
C LEU B 420 5.92 -6.83 24.86
N ILE B 421 4.93 -7.63 24.46
CA ILE B 421 5.06 -8.63 23.38
C ILE B 421 3.71 -8.77 22.67
N SER B 422 3.69 -9.35 21.48
CA SER B 422 2.46 -9.82 20.81
C SER B 422 2.72 -11.19 20.19
N ASP B 423 1.63 -11.88 19.84
CA ASP B 423 1.64 -13.26 19.33
C ASP B 423 1.92 -13.25 17.83
N HIS B 424 1.43 -12.24 17.11
CA HIS B 424 1.41 -12.20 15.63
C HIS B 424 0.91 -10.85 15.14
N GLY B 425 0.99 -10.63 13.83
CA GLY B 425 0.51 -9.39 13.20
C GLY B 425 -0.92 -9.52 12.71
N MET B 426 -1.25 -8.79 11.65
CA MET B 426 -2.62 -8.63 11.11
C MET B 426 -2.50 -8.17 9.66
N GLU B 427 -3.28 -8.77 8.78
CA GLU B 427 -3.32 -8.48 7.32
C GLU B 427 -4.76 -8.13 6.95
N GLN B 428 -4.94 -7.31 5.92
CA GLN B 428 -6.28 -7.02 5.34
C GLN B 428 -6.69 -8.18 4.42
N GLY B 429 -7.79 -8.86 4.75
CA GLY B 429 -8.43 -9.86 3.89
C GLY B 429 -9.30 -9.21 2.83
N SER B 430 -9.57 -9.92 1.75
CA SER B 430 -10.43 -9.49 0.62
C SER B 430 -11.21 -10.70 0.08
N CYS B 431 -12.50 -10.52 -0.23
CA CYS B 431 -13.37 -11.56 -0.83
C CYS B 431 -12.84 -11.92 -2.23
N LYS B 432 -12.11 -11.00 -2.86
CA LYS B 432 -11.41 -11.20 -4.16
C LYS B 432 -10.10 -11.96 -3.97
N LYS B 433 -9.65 -12.19 -2.74
CA LYS B 433 -8.37 -12.91 -2.44
C LYS B 433 -8.66 -14.12 -1.54
N TYR B 434 -9.78 -14.81 -1.79
CA TYR B 434 -10.19 -16.03 -1.05
C TYR B 434 -10.42 -17.15 -2.08
N ILE B 435 -9.76 -18.29 -1.88
CA ILE B 435 -9.82 -19.48 -2.77
C ILE B 435 -10.79 -20.50 -2.17
N TYR B 436 -11.70 -21.03 -3.00
CA TYR B 436 -12.69 -22.07 -2.60
C TYR B 436 -12.35 -23.36 -3.34
N LEU B 437 -12.05 -24.43 -2.60
CA LEU B 437 -11.57 -25.72 -3.16
C LEU B 437 -12.70 -26.42 -3.92
N ASN B 438 -13.96 -26.17 -3.56
CA ASN B 438 -15.15 -26.78 -4.22
C ASN B 438 -15.15 -26.43 -5.72
N LYS B 439 -14.52 -25.32 -6.10
CA LYS B 439 -14.33 -24.97 -7.53
C LYS B 439 -13.56 -26.08 -8.26
N TYR B 440 -12.56 -26.69 -7.61
CA TYR B 440 -11.64 -27.68 -8.22
C TYR B 440 -12.04 -29.12 -7.88
N LEU B 441 -12.71 -29.33 -6.73
CA LEU B 441 -13.02 -30.69 -6.22
C LEU B 441 -14.52 -31.00 -6.33
N GLY B 442 -15.37 -29.97 -6.50
CA GLY B 442 -16.84 -30.10 -6.40
C GLY B 442 -17.29 -30.19 -4.95
N ASP B 443 -18.60 -30.11 -4.69
CA ASP B 443 -19.18 -30.05 -3.32
C ASP B 443 -19.09 -31.45 -2.67
N VAL B 444 -17.87 -31.97 -2.54
CA VAL B 444 -17.55 -33.29 -1.90
C VAL B 444 -17.78 -33.16 -0.39
N LYS B 445 -18.17 -34.26 0.28
CA LYS B 445 -18.57 -34.28 1.72
C LYS B 445 -17.66 -35.21 2.51
N ASN B 446 -16.53 -35.64 1.95
CA ASN B 446 -15.63 -36.67 2.55
C ASN B 446 -14.40 -36.01 3.22
N ILE B 447 -14.20 -34.69 3.05
CA ILE B 447 -13.02 -33.96 3.60
C ILE B 447 -13.50 -32.79 4.48
N LYS B 448 -12.79 -32.56 5.58
CA LYS B 448 -12.90 -31.35 6.44
C LYS B 448 -11.66 -30.49 6.20
N VAL B 449 -11.88 -29.22 5.80
CA VAL B 449 -10.79 -28.24 5.45
C VAL B 449 -10.75 -27.13 6.49
N ILE B 450 -9.64 -27.01 7.22
CA ILE B 450 -9.36 -25.88 8.15
C ILE B 450 -9.08 -24.65 7.28
N TYR B 451 -9.93 -23.62 7.38
CA TYR B 451 -9.93 -22.43 6.49
C TYR B 451 -8.92 -21.39 7.00
N GLY B 452 -8.64 -20.38 6.17
CA GLY B 452 -7.73 -19.25 6.47
C GLY B 452 -6.44 -19.36 5.65
N PRO B 453 -5.39 -18.59 6.00
CA PRO B 453 -4.13 -18.62 5.26
C PRO B 453 -3.24 -19.83 5.58
N ALA B 454 -3.53 -20.55 6.67
CA ALA B 454 -2.75 -21.73 7.13
C ALA B 454 -3.58 -23.00 6.90
N ALA B 455 -4.25 -23.08 5.75
CA ALA B 455 -5.31 -24.06 5.46
C ALA B 455 -4.71 -25.48 5.43
N ARG B 456 -5.46 -26.43 5.96
CA ARG B 456 -5.08 -27.87 6.06
C ARG B 456 -6.30 -28.72 5.74
N LEU B 457 -6.14 -29.91 5.15
CA LEU B 457 -7.30 -30.81 4.92
C LEU B 457 -7.04 -32.21 5.47
N ARG B 458 -8.11 -32.86 5.91
CA ARG B 458 -8.11 -34.26 6.38
C ARG B 458 -9.46 -34.89 6.04
N PRO B 459 -9.51 -36.23 5.97
CA PRO B 459 -10.77 -36.95 5.75
C PRO B 459 -11.76 -36.77 6.90
N SER B 460 -13.06 -36.77 6.59
CA SER B 460 -14.17 -36.71 7.58
C SER B 460 -14.27 -38.03 8.35
N ASP B 461 -13.95 -39.17 7.71
CA ASP B 461 -14.03 -40.52 8.33
C ASP B 461 -12.73 -40.78 9.12
N VAL B 462 -12.70 -40.29 10.37
CA VAL B 462 -11.52 -40.37 11.29
C VAL B 462 -11.99 -40.97 12.61
N PRO B 463 -11.15 -41.77 13.33
CA PRO B 463 -9.73 -41.94 13.00
C PRO B 463 -9.36 -43.02 11.98
N ASP B 464 -10.35 -43.62 11.32
CA ASP B 464 -10.19 -44.88 10.53
C ASP B 464 -9.31 -44.60 9.30
N LYS B 465 -9.64 -43.57 8.52
CA LYS B 465 -8.99 -43.29 7.20
C LYS B 465 -7.89 -42.23 7.33
N TYR B 466 -7.51 -41.82 8.56
CA TYR B 466 -6.62 -40.65 8.79
C TYR B 466 -5.26 -40.85 8.10
N TYR B 467 -4.69 -42.05 8.15
CA TYR B 467 -3.36 -42.37 7.56
C TYR B 467 -3.50 -42.98 6.16
N SER B 468 -4.57 -43.76 5.93
CA SER B 468 -4.79 -44.55 4.68
C SER B 468 -5.28 -43.67 3.53
N PHE B 469 -5.87 -42.50 3.83
CA PHE B 469 -6.51 -41.57 2.85
C PHE B 469 -5.49 -41.09 1.80
N ASN B 470 -5.97 -40.84 0.59
CA ASN B 470 -5.13 -40.53 -0.60
C ASN B 470 -4.90 -39.01 -0.66
N TYR B 471 -4.01 -38.51 0.20
CA TYR B 471 -3.60 -37.09 0.25
C TYR B 471 -2.88 -36.73 -1.04
N GLU B 472 -1.93 -37.56 -1.47
CA GLU B 472 -1.10 -37.36 -2.69
C GLU B 472 -2.02 -37.17 -3.91
N GLY B 473 -3.15 -37.88 -3.93
CA GLY B 473 -4.18 -37.75 -5.00
C GLY B 473 -4.66 -36.32 -5.13
N ILE B 474 -5.12 -35.74 -4.01
CA ILE B 474 -5.67 -34.36 -3.96
C ILE B 474 -4.55 -33.35 -4.18
N ALA B 475 -3.37 -33.60 -3.60
CA ALA B 475 -2.15 -32.78 -3.82
C ALA B 475 -1.95 -32.57 -5.32
N ARG B 476 -1.89 -33.66 -6.10
CA ARG B 476 -1.63 -33.63 -7.56
C ARG B 476 -2.83 -33.00 -8.27
N ASN B 477 -4.05 -33.25 -7.78
CA ASN B 477 -5.31 -32.70 -8.32
C ASN B 477 -5.27 -31.16 -8.26
N LEU B 478 -4.73 -30.57 -7.19
CA LEU B 478 -4.81 -29.10 -6.92
C LEU B 478 -3.53 -28.37 -7.32
N SER B 479 -2.50 -29.06 -7.83
CA SER B 479 -1.21 -28.47 -8.26
C SER B 479 -1.34 -27.83 -9.65
N CYS B 480 -0.83 -26.60 -9.80
CA CYS B 480 -0.53 -25.94 -11.11
C CYS B 480 -1.78 -25.95 -12.02
N ARG B 481 -2.96 -25.75 -11.44
CA ARG B 481 -4.26 -25.78 -12.18
C ARG B 481 -4.47 -24.48 -12.96
N GLU B 482 -4.03 -23.34 -12.41
CA GLU B 482 -4.09 -22.01 -13.06
C GLU B 482 -2.68 -21.41 -13.08
N PRO B 483 -2.38 -20.45 -13.98
CA PRO B 483 -1.01 -19.97 -14.15
C PRO B 483 -0.52 -19.24 -12.90
N ASN B 484 -1.24 -18.19 -12.48
CA ASN B 484 -0.84 -17.30 -11.35
C ASN B 484 -1.60 -17.75 -10.10
N GLN B 485 -1.53 -19.04 -9.76
CA GLN B 485 -2.25 -19.68 -8.62
C GLN B 485 -1.66 -19.15 -7.31
N HIS B 486 -2.52 -18.74 -6.36
CA HIS B 486 -2.11 -18.00 -5.14
C HIS B 486 -2.01 -18.95 -3.94
N PHE B 487 -2.23 -20.25 -4.14
CA PHE B 487 -2.06 -21.29 -3.10
C PHE B 487 -1.27 -22.45 -3.69
N LYS B 488 -0.67 -23.26 -2.81
CA LYS B 488 0.21 -24.39 -3.18
C LYS B 488 -0.09 -25.53 -2.21
N PRO B 489 -0.51 -26.72 -2.71
CA PRO B 489 -0.69 -27.89 -1.84
C PRO B 489 0.68 -28.48 -1.50
N TYR B 490 0.85 -28.89 -0.25
CA TYR B 490 2.08 -29.51 0.29
C TYR B 490 1.71 -30.66 1.24
N LEU B 491 2.28 -31.84 1.03
CA LEU B 491 2.36 -32.85 2.10
C LEU B 491 3.27 -32.25 3.17
N LYS B 492 2.84 -32.28 4.44
CA LYS B 492 3.48 -31.51 5.55
C LYS B 492 5.01 -31.69 5.53
N HIS B 493 5.54 -32.86 5.16
CA HIS B 493 7.00 -33.15 5.19
C HIS B 493 7.74 -32.45 4.04
N PHE B 494 7.03 -31.91 3.05
CA PHE B 494 7.62 -31.17 1.90
C PHE B 494 7.58 -29.66 2.12
N LEU B 495 6.87 -29.18 3.16
CA LEU B 495 6.87 -27.75 3.57
C LEU B 495 8.29 -27.31 3.85
N PRO B 496 8.63 -26.03 3.66
CA PRO B 496 9.95 -25.51 4.04
C PRO B 496 10.26 -25.83 5.51
N LYS B 497 11.49 -26.26 5.78
CA LYS B 497 11.91 -26.76 7.11
C LYS B 497 11.92 -25.60 8.11
N ARG B 498 12.14 -24.37 7.64
CA ARG B 498 12.13 -23.14 8.49
C ARG B 498 10.79 -23.00 9.23
N LEU B 499 9.69 -23.54 8.69
CA LEU B 499 8.35 -23.48 9.34
C LEU B 499 8.23 -24.49 10.48
N HIS B 500 9.10 -25.51 10.54
CA HIS B 500 9.05 -26.59 11.57
C HIS B 500 7.58 -26.95 11.85
N PHE B 501 6.84 -27.39 10.83
CA PHE B 501 5.38 -27.65 10.92
C PHE B 501 5.00 -29.03 10.33
N ALA B 502 5.43 -30.13 10.96
CA ALA B 502 5.23 -31.50 10.44
C ALA B 502 5.26 -32.60 11.53
N LYS B 503 6.17 -32.56 12.50
CA LYS B 503 6.36 -33.70 13.45
C LYS B 503 5.01 -34.20 14.02
N SER B 504 4.20 -33.31 14.59
CA SER B 504 2.95 -33.69 15.34
C SER B 504 1.95 -34.38 14.40
N ASP B 505 1.22 -35.37 14.92
CA ASP B 505 0.14 -36.11 14.20
C ASP B 505 -1.12 -35.24 14.16
N ARG B 506 -1.14 -34.14 14.92
CA ARG B 506 -2.26 -33.17 14.95
C ARG B 506 -2.18 -32.25 13.72
N ILE B 507 -1.03 -32.25 13.04
CA ILE B 507 -0.82 -31.52 11.75
C ILE B 507 -1.31 -32.44 10.62
N GLU B 508 -2.43 -32.08 9.99
CA GLU B 508 -3.07 -32.83 8.88
C GLU B 508 -2.00 -33.10 7.82
N PRO B 509 -1.87 -34.33 7.31
CA PRO B 509 -0.86 -34.66 6.28
C PRO B 509 -0.84 -33.76 5.03
N LEU B 510 -1.95 -33.13 4.66
CA LEU B 510 -2.00 -32.17 3.52
C LEU B 510 -2.27 -30.77 4.06
N THR B 511 -1.30 -29.87 3.83
CA THR B 511 -1.34 -28.43 4.20
C THR B 511 -1.37 -27.61 2.92
N PHE B 512 -1.75 -26.34 3.03
CA PHE B 512 -1.70 -25.35 1.93
C PHE B 512 -0.81 -24.18 2.36
N TYR B 513 0.07 -23.74 1.46
CA TYR B 513 0.88 -22.51 1.60
C TYR B 513 0.24 -21.41 0.75
N LEU B 514 -0.18 -20.32 1.39
CA LEU B 514 -0.88 -19.22 0.70
C LEU B 514 -0.02 -17.96 0.60
N ASP B 515 -0.14 -17.28 -0.54
CA ASP B 515 0.57 -16.01 -0.84
C ASP B 515 0.04 -14.94 0.13
N PRO B 516 0.83 -13.88 0.37
CA PRO B 516 0.39 -12.81 1.27
C PRO B 516 -1.01 -12.31 0.87
N GLN B 517 -1.88 -12.11 1.86
CA GLN B 517 -3.24 -11.50 1.73
C GLN B 517 -4.27 -12.53 1.27
N TRP B 518 -3.85 -13.77 0.95
CA TRP B 518 -4.74 -14.81 0.40
C TRP B 518 -5.13 -15.82 1.49
N GLN B 519 -6.38 -16.26 1.45
CA GLN B 519 -6.96 -17.29 2.35
C GLN B 519 -7.62 -18.39 1.51
N LEU B 520 -8.00 -19.50 2.15
CA LEU B 520 -8.56 -20.70 1.48
C LEU B 520 -9.60 -21.35 2.40
N ALA B 521 -10.69 -21.84 1.83
CA ALA B 521 -11.70 -22.68 2.52
C ALA B 521 -12.23 -23.72 1.53
N LEU B 522 -13.03 -24.67 2.02
CA LEU B 522 -13.74 -25.66 1.16
C LEU B 522 -14.74 -24.92 0.26
N ASN B 523 -15.55 -24.03 0.85
CA ASN B 523 -16.65 -23.29 0.19
C ASN B 523 -16.98 -22.03 0.99
N PRO B 524 -17.66 -21.03 0.38
CA PRO B 524 -18.00 -19.78 1.07
C PRO B 524 -18.84 -19.90 2.35
N SER B 525 -19.53 -21.03 2.57
CA SER B 525 -20.36 -21.27 3.78
C SER B 525 -19.45 -21.47 5.01
N GLU B 526 -18.34 -22.19 4.82
CA GLU B 526 -17.43 -22.64 5.92
C GLU B 526 -16.21 -21.70 6.00
N ARG B 527 -16.46 -20.43 6.31
CA ARG B 527 -15.42 -19.39 6.56
C ARG B 527 -16.10 -18.21 7.25
N LYS B 528 -15.33 -17.27 7.80
CA LYS B 528 -15.89 -16.02 8.41
C LYS B 528 -15.85 -14.92 7.35
N TYR B 529 -16.21 -13.69 7.71
CA TYR B 529 -16.28 -12.59 6.72
C TYR B 529 -14.94 -12.53 5.98
N CYS B 530 -14.98 -12.65 4.65
CA CYS B 530 -13.77 -12.68 3.78
C CYS B 530 -13.07 -11.31 3.80
N GLY B 531 -13.80 -10.23 4.06
CA GLY B 531 -13.28 -8.85 3.98
C GLY B 531 -12.69 -8.37 5.28
N SER B 532 -12.71 -9.21 6.32
CA SER B 532 -12.19 -8.90 7.67
C SER B 532 -10.66 -8.91 7.66
N GLY B 533 -10.05 -8.34 8.70
CA GLY B 533 -8.62 -8.53 8.99
C GLY B 533 -8.37 -9.98 9.36
N PHE B 534 -7.17 -10.50 9.05
CA PHE B 534 -6.81 -11.90 9.38
C PHE B 534 -5.32 -12.02 9.66
N HIS B 535 -4.93 -13.16 10.21
CA HIS B 535 -3.52 -13.59 10.42
C HIS B 535 -3.46 -15.12 10.29
N GLY B 536 -2.27 -15.70 10.26
CA GLY B 536 -2.07 -17.16 10.14
C GLY B 536 -1.04 -17.50 9.07
N SER B 537 -0.76 -16.55 8.17
CA SER B 537 0.16 -16.70 7.02
C SER B 537 1.57 -17.06 7.49
N ASP B 538 2.44 -17.39 6.53
CA ASP B 538 3.89 -17.63 6.66
C ASP B 538 4.49 -16.62 7.66
N ASN B 539 5.30 -17.10 8.60
CA ASN B 539 5.80 -16.27 9.73
C ASN B 539 6.95 -15.37 9.29
N VAL B 540 7.32 -15.33 8.00
CA VAL B 540 8.33 -14.35 7.51
C VAL B 540 7.66 -13.19 6.78
N PHE B 541 6.35 -13.23 6.55
CA PHE B 541 5.60 -12.10 5.93
C PHE B 541 5.66 -10.87 6.86
N SER B 542 5.98 -9.71 6.30
CA SER B 542 6.15 -8.44 7.04
C SER B 542 5.00 -8.18 8.02
N ASN B 543 3.75 -8.32 7.56
CA ASN B 543 2.55 -7.92 8.34
C ASN B 543 2.24 -8.94 9.42
N MET B 544 2.91 -10.10 9.45
CA MET B 544 2.73 -11.13 10.51
C MET B 544 3.74 -10.89 11.65
N GLN B 545 4.74 -10.03 11.44
CA GLN B 545 5.80 -9.76 12.46
C GLN B 545 5.16 -9.17 13.71
N ALA B 546 5.76 -9.44 14.88
CA ALA B 546 5.17 -9.18 16.20
C ALA B 546 5.96 -8.09 16.94
N LEU B 547 5.35 -7.59 18.03
CA LEU B 547 5.95 -6.58 18.93
C LEU B 547 6.88 -7.28 19.92
N PHE B 548 7.99 -6.66 20.26
CA PHE B 548 8.80 -7.01 21.46
C PHE B 548 9.49 -5.76 21.98
N VAL B 549 9.25 -5.41 23.24
CA VAL B 549 10.01 -4.37 23.98
C VAL B 549 10.34 -4.93 25.36
N GLY B 550 11.62 -4.90 25.72
CA GLY B 550 12.09 -5.27 27.06
C GLY B 550 12.55 -4.04 27.81
N TYR B 551 12.03 -3.83 29.00
CA TYR B 551 12.39 -2.68 29.86
C TYR B 551 12.50 -3.16 31.32
N GLY B 552 13.58 -2.77 31.99
CA GLY B 552 13.83 -3.15 33.39
C GLY B 552 15.33 -3.24 33.68
N PRO B 553 15.71 -3.54 34.94
CA PRO B 553 17.12 -3.67 35.30
C PRO B 553 17.88 -4.71 34.45
N GLY B 554 17.21 -5.77 34.02
CA GLY B 554 17.83 -6.89 33.30
C GLY B 554 18.16 -6.56 31.85
N PHE B 555 17.46 -5.59 31.28
CA PHE B 555 17.55 -5.22 29.85
C PHE B 555 18.44 -3.99 29.65
N LYS B 556 19.11 -3.93 28.51
CA LYS B 556 19.89 -2.75 28.09
C LYS B 556 18.93 -1.59 27.79
N HIS B 557 19.46 -0.38 27.69
CA HIS B 557 18.70 0.88 27.50
C HIS B 557 19.08 1.50 26.16
N GLY B 558 18.08 1.79 25.31
CA GLY B 558 18.29 2.47 24.02
C GLY B 558 18.95 1.57 23.00
N ILE B 559 18.77 0.25 23.12
CA ILE B 559 19.30 -0.77 22.18
C ILE B 559 18.20 -1.15 21.18
N GLU B 560 18.56 -1.24 19.91
CA GLU B 560 17.70 -1.72 18.81
C GLU B 560 18.35 -3.00 18.28
N ALA B 561 17.89 -4.17 18.72
CA ALA B 561 18.43 -5.48 18.30
C ALA B 561 17.90 -5.86 16.92
N ASP B 562 18.64 -6.71 16.21
CA ASP B 562 18.22 -7.32 14.92
C ASP B 562 17.08 -8.29 15.22
N THR B 563 16.27 -8.60 14.20
CA THR B 563 15.13 -9.54 14.27
C THR B 563 15.56 -10.84 14.94
N PHE B 564 14.76 -11.34 15.90
CA PHE B 564 14.89 -12.68 16.53
C PHE B 564 13.52 -13.35 16.61
N GLU B 565 13.50 -14.65 16.90
CA GLU B 565 12.26 -15.49 16.91
C GLU B 565 11.76 -15.60 18.35
N ASN B 566 10.44 -15.70 18.53
CA ASN B 566 9.80 -15.65 19.88
C ASN B 566 10.13 -16.92 20.67
N ILE B 567 10.60 -17.98 20.01
CA ILE B 567 11.06 -19.24 20.68
C ILE B 567 12.31 -18.98 21.52
N GLU B 568 13.01 -17.88 21.28
CA GLU B 568 14.24 -17.49 22.03
C GLU B 568 13.86 -16.83 23.36
N VAL B 569 12.60 -16.44 23.55
CA VAL B 569 12.16 -15.58 24.71
C VAL B 569 12.14 -16.42 25.99
N TYR B 570 11.77 -17.70 25.94
CA TYR B 570 11.73 -18.60 27.12
C TYR B 570 13.09 -18.59 27.83
N ASN B 571 14.18 -18.89 27.11
CA ASN B 571 15.56 -18.87 27.68
C ASN B 571 15.83 -17.51 28.34
N LEU B 572 15.51 -16.42 27.64
CA LEU B 572 15.73 -15.02 28.09
C LEU B 572 14.98 -14.79 29.41
N MET B 573 13.73 -15.21 29.50
CA MET B 573 12.92 -15.05 30.73
C MET B 573 13.52 -15.90 31.85
N CYS B 574 13.99 -17.10 31.54
CA CYS B 574 14.68 -17.99 32.51
C CYS B 574 15.91 -17.26 33.05
N ASP B 575 16.70 -16.63 32.18
CA ASP B 575 17.92 -15.88 32.56
C ASP B 575 17.52 -14.73 33.51
N LEU B 576 16.44 -14.01 33.21
CA LEU B 576 15.98 -12.86 34.02
C LEU B 576 15.53 -13.34 35.40
N LEU B 577 15.15 -14.61 35.53
CA LEU B 577 14.65 -15.20 36.80
C LEU B 577 15.71 -16.12 37.44
N ASN B 578 16.92 -16.15 36.90
CA ASN B 578 18.00 -17.09 37.32
C ASN B 578 17.43 -18.51 37.41
N LEU B 579 16.69 -18.95 36.39
CA LEU B 579 16.18 -20.34 36.26
C LEU B 579 17.03 -21.11 35.25
N THR B 580 17.15 -22.42 35.47
CA THR B 580 17.67 -23.38 34.47
C THR B 580 16.54 -23.71 33.50
N PRO B 581 16.68 -23.36 32.21
CA PRO B 581 15.63 -23.63 31.24
C PRO B 581 15.50 -25.14 30.96
N ALA B 582 14.26 -25.62 30.82
CA ALA B 582 13.93 -26.94 30.23
C ALA B 582 14.51 -27.01 28.82
N PRO B 583 14.74 -28.22 28.27
CA PRO B 583 15.15 -28.34 26.86
C PRO B 583 14.06 -27.73 25.97
N ASN B 584 14.47 -26.87 25.03
CA ASN B 584 13.55 -26.08 24.14
C ASN B 584 14.27 -25.80 22.82
N ASN B 585 13.62 -25.10 21.89
CA ASN B 585 14.10 -24.89 20.50
C ASN B 585 14.80 -23.54 20.37
N GLY B 586 14.86 -22.77 21.45
CA GLY B 586 15.75 -21.60 21.56
C GLY B 586 17.20 -22.04 21.62
N THR B 587 18.10 -21.19 21.12
CA THR B 587 19.58 -21.32 21.23
C THR B 587 20.06 -20.45 22.39
N HIS B 588 20.21 -21.05 23.57
CA HIS B 588 20.58 -20.36 24.85
C HIS B 588 21.86 -19.54 24.64
N GLY B 589 21.77 -18.22 24.79
CA GLY B 589 22.91 -17.28 24.63
C GLY B 589 22.81 -16.47 23.36
N SER B 590 21.95 -16.86 22.42
CA SER B 590 21.71 -16.11 21.15
C SER B 590 21.13 -14.72 21.45
N LEU B 591 20.50 -14.52 22.62
CA LEU B 591 19.90 -13.23 23.05
C LEU B 591 20.68 -12.59 24.21
N ASN B 592 21.95 -12.98 24.42
CA ASN B 592 22.79 -12.39 25.50
C ASN B 592 23.01 -10.89 25.25
N HIS B 593 23.00 -10.46 23.99
CA HIS B 593 23.19 -9.04 23.58
C HIS B 593 22.02 -8.16 24.06
N LEU B 594 20.89 -8.73 24.49
CA LEU B 594 19.73 -7.97 25.02
C LEU B 594 19.94 -7.62 26.51
N LEU B 595 20.82 -8.36 27.21
CA LEU B 595 20.90 -8.35 28.70
C LEU B 595 22.10 -7.53 29.20
N LYS B 596 21.93 -6.79 30.30
CA LYS B 596 23.02 -6.02 30.95
C LYS B 596 24.10 -6.99 31.43
N ASN B 597 23.68 -8.11 32.03
CA ASN B 597 24.54 -9.05 32.79
C ASN B 597 24.14 -10.47 32.42
N PRO B 598 24.57 -10.99 31.26
CA PRO B 598 24.24 -12.36 30.86
C PRO B 598 24.64 -13.35 31.95
N VAL B 599 23.82 -14.37 32.22
CA VAL B 599 24.04 -15.37 33.31
C VAL B 599 24.56 -16.68 32.73
N TYR B 600 24.32 -16.94 31.44
CA TYR B 600 24.77 -18.16 30.73
C TYR B 600 25.78 -17.78 29.65
N THR B 601 27.01 -18.29 29.77
CA THR B 601 28.06 -18.18 28.73
C THR B 601 28.05 -19.45 27.88
N PRO B 602 27.61 -19.39 26.61
CA PRO B 602 27.54 -20.58 25.76
C PRO B 602 28.95 -20.97 25.28
N LYS B 603 29.13 -22.26 25.01
CA LYS B 603 30.37 -22.84 24.45
C LYS B 603 29.99 -23.62 23.18
N HIS B 604 30.82 -23.55 22.14
CA HIS B 604 30.70 -24.41 20.94
C HIS B 604 30.54 -25.85 21.41
N PRO B 605 29.65 -26.67 20.79
CA PRO B 605 29.49 -28.05 21.20
C PRO B 605 30.73 -28.88 20.81
N LYS B 606 31.10 -29.86 21.65
CA LYS B 606 32.34 -30.67 21.52
C LYS B 606 32.12 -31.82 20.51
N GLU B 607 33.03 -31.96 19.53
CA GLU B 607 33.05 -33.08 18.55
C GLU B 607 33.39 -34.38 19.30
N VAL B 608 32.54 -35.40 19.18
CA VAL B 608 32.77 -36.76 19.74
C VAL B 608 33.61 -37.55 18.74
N HIS B 609 34.23 -38.66 19.16
CA HIS B 609 34.97 -39.62 18.28
C HIS B 609 36.00 -38.89 17.42
N PRO B 610 37.02 -38.23 18.01
CA PRO B 610 37.96 -37.39 17.25
C PRO B 610 38.45 -38.01 15.92
N LEU B 611 37.94 -37.50 14.79
CA LEU B 611 38.30 -37.82 13.38
C LEU B 611 38.38 -39.34 13.14
N VAL B 612 39.42 -39.83 12.45
CA VAL B 612 39.61 -41.27 12.10
C VAL B 612 41.09 -41.53 11.79
N ASN B 619 45.58 -51.27 -3.48
CA ASN B 619 44.97 -50.17 -4.30
C ASN B 619 44.81 -50.66 -5.74
N PRO B 620 43.90 -51.64 -6.01
CA PRO B 620 43.69 -52.15 -7.37
C PRO B 620 42.87 -51.17 -8.24
N ARG B 621 43.34 -50.90 -9.48
CA ARG B 621 42.75 -49.92 -10.43
C ARG B 621 41.73 -50.64 -11.33
N ASP B 622 40.43 -50.44 -11.10
CA ASP B 622 39.30 -51.13 -11.80
C ASP B 622 38.67 -50.19 -12.83
N ASN B 623 37.90 -50.77 -13.76
CA ASN B 623 37.12 -50.03 -14.80
C ASN B 623 35.77 -49.63 -14.20
N LEU B 624 35.46 -48.33 -14.22
CA LEU B 624 34.26 -47.72 -13.58
C LEU B 624 33.13 -47.59 -14.61
N GLY B 625 33.41 -47.82 -15.90
CA GLY B 625 32.43 -47.77 -17.00
C GLY B 625 32.27 -46.37 -17.56
N CYS B 626 33.32 -45.54 -17.43
CA CYS B 626 33.32 -44.08 -17.70
C CYS B 626 33.53 -43.78 -19.19
N SER B 627 32.70 -42.91 -19.76
CA SER B 627 32.67 -42.53 -21.20
C SER B 627 33.12 -41.07 -21.33
N CYS B 628 34.25 -40.71 -20.72
CA CYS B 628 34.63 -39.30 -20.41
C CYS B 628 34.74 -38.48 -21.69
N ASN B 629 34.32 -37.20 -21.65
CA ASN B 629 34.56 -36.19 -22.70
C ASN B 629 36.07 -36.00 -22.84
N PRO B 630 36.62 -35.96 -24.07
CA PRO B 630 38.07 -35.94 -24.28
C PRO B 630 38.79 -34.81 -23.54
N SER B 631 38.17 -33.63 -23.45
CA SER B 631 38.71 -32.39 -22.82
C SER B 631 39.35 -32.66 -21.46
N ILE B 632 38.71 -33.49 -20.63
CA ILE B 632 39.08 -33.73 -19.20
C ILE B 632 40.47 -34.40 -19.13
N LEU B 633 41.45 -33.74 -18.50
CA LEU B 633 42.82 -34.27 -18.28
C LEU B 633 42.79 -35.22 -17.08
N PRO B 634 42.90 -36.55 -17.29
CA PRO B 634 42.68 -37.53 -16.22
C PRO B 634 43.72 -37.50 -15.09
N ILE B 635 43.49 -38.32 -14.06
CA ILE B 635 44.23 -38.27 -12.76
C ILE B 635 45.24 -39.43 -12.72
N GLU B 636 46.51 -39.14 -12.99
CA GLU B 636 47.67 -40.07 -12.82
C GLU B 636 48.61 -39.53 -11.74
N ASP B 637 48.05 -39.08 -10.61
CA ASP B 637 48.74 -38.29 -9.55
C ASP B 637 50.05 -38.97 -9.14
N LEU B 644 50.28 -33.98 -1.30
CA LEU B 644 50.50 -32.56 -0.89
C LEU B 644 51.33 -32.52 0.39
N THR B 645 52.30 -31.61 0.46
CA THR B 645 53.20 -31.36 1.63
C THR B 645 52.42 -30.64 2.74
N VAL B 646 52.79 -30.85 4.01
CA VAL B 646 52.21 -30.16 5.20
C VAL B 646 52.02 -28.66 4.87
N ALA B 647 53.03 -28.03 4.26
CA ALA B 647 53.02 -26.62 3.80
C ALA B 647 51.85 -26.38 2.82
N GLU B 648 51.78 -27.21 1.76
CA GLU B 648 50.73 -27.12 0.70
C GLU B 648 49.33 -27.27 1.32
N GLU B 649 49.16 -28.18 2.29
CA GLU B 649 47.88 -28.47 2.98
C GLU B 649 47.43 -27.25 3.81
N LYS B 650 48.33 -26.66 4.60
CA LYS B 650 48.06 -25.44 5.42
C LYS B 650 47.48 -24.36 4.50
N ILE B 651 48.04 -24.18 3.30
CA ILE B 651 47.54 -23.20 2.27
C ILE B 651 46.12 -23.60 1.84
N ILE B 652 45.89 -24.89 1.55
CA ILE B 652 44.56 -25.44 1.10
C ILE B 652 43.53 -25.23 2.23
N LYS B 653 43.84 -25.68 3.45
CA LYS B 653 42.95 -25.56 4.64
C LYS B 653 42.56 -24.09 4.85
N HIS B 654 43.53 -23.17 4.81
CA HIS B 654 43.33 -21.71 5.00
C HIS B 654 42.37 -21.14 3.96
N GLU B 655 42.37 -21.68 2.73
CA GLU B 655 41.56 -21.18 1.58
C GLU B 655 40.15 -21.78 1.59
N THR B 656 39.98 -22.98 2.14
CA THR B 656 38.80 -23.86 1.98
C THR B 656 38.00 -23.96 3.30
N LEU B 657 38.68 -23.87 4.45
CA LEU B 657 38.05 -23.91 5.79
C LEU B 657 38.48 -22.67 6.57
N PRO B 658 38.16 -21.46 6.06
CA PRO B 658 38.59 -20.21 6.70
C PRO B 658 37.93 -19.96 8.07
N TYR B 659 36.90 -20.75 8.41
CA TYR B 659 36.12 -20.62 9.66
C TYR B 659 36.31 -21.86 10.54
N GLY B 660 37.20 -22.77 10.12
CA GLY B 660 37.37 -24.10 10.73
C GLY B 660 36.50 -25.13 10.05
N ARG B 661 36.85 -26.41 10.19
CA ARG B 661 36.11 -27.51 9.53
C ARG B 661 34.80 -27.72 10.29
N PRO B 662 33.69 -27.98 9.57
CA PRO B 662 32.46 -28.45 10.23
C PRO B 662 32.79 -29.64 11.14
N ARG B 663 32.27 -29.64 12.36
CA ARG B 663 32.45 -30.73 13.35
C ARG B 663 31.18 -31.58 13.37
N VAL B 664 31.32 -32.90 13.54
CA VAL B 664 30.19 -33.86 13.58
C VAL B 664 29.88 -34.16 15.05
N LEU B 665 28.62 -34.00 15.46
CA LEU B 665 28.18 -34.19 16.87
C LEU B 665 27.39 -35.50 17.02
N GLN B 666 27.21 -36.26 15.93
CA GLN B 666 26.40 -37.51 15.89
C GLN B 666 26.99 -38.53 16.88
N LYS B 667 26.10 -39.28 17.56
CA LYS B 667 26.42 -40.15 18.73
C LYS B 667 27.29 -41.34 18.32
N GLU B 668 27.31 -41.70 17.03
CA GLU B 668 28.19 -42.76 16.45
C GLU B 668 28.45 -42.42 14.98
N ASN B 669 29.68 -42.04 14.63
CA ASN B 669 30.06 -41.61 13.25
C ASN B 669 31.56 -41.78 13.05
N THR B 670 31.98 -42.06 11.82
CA THR B 670 33.39 -42.32 11.43
C THR B 670 33.72 -41.50 10.18
N ILE B 671 33.64 -40.17 10.28
CA ILE B 671 33.99 -39.23 9.17
C ILE B 671 35.52 -39.14 9.06
N CYS B 672 36.04 -38.96 7.85
CA CYS B 672 37.49 -38.75 7.59
C CYS B 672 37.67 -37.58 6.61
N LEU B 673 38.70 -36.76 6.87
CA LEU B 673 39.04 -35.56 6.05
C LEU B 673 39.69 -36.00 4.73
N LEU B 674 39.17 -35.52 3.61
CA LEU B 674 39.78 -35.71 2.25
C LEU B 674 40.25 -34.35 1.75
N SER B 675 41.53 -34.23 1.38
CA SER B 675 42.14 -33.01 0.81
C SER B 675 42.10 -33.05 -0.72
N GLN B 676 41.88 -31.90 -1.34
CA GLN B 676 41.95 -31.68 -2.81
C GLN B 676 42.46 -30.25 -3.01
N HIS B 677 42.79 -29.85 -4.24
CA HIS B 677 43.44 -28.55 -4.55
C HIS B 677 42.42 -27.41 -4.37
N GLN B 678 41.14 -27.64 -4.69
CA GLN B 678 40.08 -26.61 -4.73
C GLN B 678 39.07 -26.78 -3.58
N PHE B 679 39.03 -27.92 -2.89
CA PHE B 679 37.98 -28.24 -1.89
C PHE B 679 38.42 -29.31 -0.89
N MET B 680 37.86 -29.28 0.33
CA MET B 680 38.00 -30.33 1.37
C MET B 680 36.62 -30.89 1.66
N SER B 681 36.55 -32.10 2.24
CA SER B 681 35.28 -32.83 2.46
C SER B 681 35.42 -33.76 3.65
N GLY B 682 34.29 -34.07 4.30
CA GLY B 682 34.20 -35.08 5.37
C GLY B 682 33.43 -36.27 4.83
N TYR B 683 34.12 -37.40 4.62
CA TYR B 683 33.54 -38.62 4.01
C TYR B 683 33.06 -39.60 5.09
N SER B 684 31.85 -40.12 4.93
CA SER B 684 31.25 -41.19 5.78
C SER B 684 31.41 -42.54 5.08
N GLN B 685 32.21 -43.43 5.67
CA GLN B 685 32.37 -44.84 5.21
C GLN B 685 31.04 -45.58 5.49
N ASP B 686 30.35 -45.21 6.56
CA ASP B 686 29.11 -45.86 7.06
C ASP B 686 27.94 -45.64 6.07
N ILE B 687 27.91 -44.52 5.34
CA ILE B 687 26.80 -44.18 4.38
C ILE B 687 27.35 -44.01 2.96
N LEU B 688 28.64 -44.26 2.73
CA LEU B 688 29.28 -44.31 1.39
C LEU B 688 29.01 -42.99 0.64
N MET B 689 29.39 -41.87 1.26
CA MET B 689 28.93 -40.51 0.85
C MET B 689 29.63 -39.46 1.72
N PRO B 690 29.95 -38.26 1.18
CA PRO B 690 30.38 -37.15 2.01
C PRO B 690 29.20 -36.51 2.75
N LEU B 691 29.39 -36.20 4.04
CA LEU B 691 28.41 -35.46 4.89
C LEU B 691 28.49 -33.97 4.57
N TRP B 692 29.66 -33.48 4.14
CA TRP B 692 29.89 -32.05 3.77
C TRP B 692 31.11 -31.90 2.86
N THR B 693 31.05 -30.98 1.88
CA THR B 693 32.23 -30.36 1.21
C THR B 693 32.29 -28.89 1.58
N SER B 694 33.51 -28.32 1.56
CA SER B 694 33.76 -26.86 1.72
C SER B 694 34.68 -26.40 0.58
N TYR B 695 34.30 -25.33 -0.13
CA TYR B 695 35.15 -24.67 -1.14
C TYR B 695 34.86 -23.17 -1.14
N THR B 696 35.66 -22.41 -1.90
CA THR B 696 35.59 -20.92 -1.96
C THR B 696 35.66 -20.49 -3.42
N VAL B 697 34.58 -19.88 -3.92
CA VAL B 697 34.52 -19.23 -5.26
C VAL B 697 35.01 -17.79 -5.10
N ASP B 698 36.07 -17.42 -5.82
CA ASP B 698 36.65 -16.04 -5.81
C ASP B 698 35.97 -15.22 -6.92
N ARG B 699 36.04 -13.89 -6.80
CA ARG B 699 35.41 -12.91 -7.74
C ARG B 699 35.76 -13.28 -9.19
N ASN B 700 37.05 -13.52 -9.48
CA ASN B 700 37.59 -13.63 -10.87
C ASN B 700 37.71 -15.09 -11.31
N ASP B 701 36.89 -16.00 -10.76
CA ASP B 701 36.89 -17.43 -11.14
C ASP B 701 35.97 -17.64 -12.34
N SER B 702 36.26 -18.67 -13.15
CA SER B 702 35.55 -19.03 -14.40
C SER B 702 34.83 -20.36 -14.21
N PHE B 703 33.62 -20.46 -14.77
CA PHE B 703 32.77 -21.68 -14.76
C PHE B 703 32.70 -22.25 -16.18
N SER B 704 33.17 -23.49 -16.35
CA SER B 704 33.31 -24.16 -17.67
C SER B 704 31.98 -24.80 -18.08
N THR B 705 31.68 -24.70 -19.37
CA THR B 705 30.38 -25.09 -19.99
C THR B 705 30.41 -26.56 -20.45
N GLU B 706 31.60 -27.19 -20.46
CA GLU B 706 31.85 -28.53 -21.08
C GLU B 706 31.04 -29.62 -20.36
N ASP B 707 30.35 -30.49 -21.11
CA ASP B 707 29.54 -31.62 -20.58
C ASP B 707 30.47 -32.66 -19.95
N PHE B 708 30.11 -33.19 -18.77
CA PHE B 708 30.96 -34.12 -17.97
C PHE B 708 30.13 -35.30 -17.46
N SER B 709 29.04 -35.64 -18.16
CA SER B 709 28.14 -36.77 -17.85
C SER B 709 28.91 -38.10 -17.94
N ASN B 710 28.52 -39.08 -17.13
CA ASN B 710 29.07 -40.47 -17.13
C ASN B 710 30.60 -40.45 -17.13
N CYS B 711 31.22 -39.60 -16.29
CA CYS B 711 32.69 -39.58 -16.03
C CYS B 711 32.94 -39.45 -14.52
N LEU B 712 33.57 -40.48 -13.94
CA LEU B 712 34.04 -40.53 -12.53
C LEU B 712 35.43 -41.18 -12.51
N TYR B 713 36.31 -40.74 -11.61
CA TYR B 713 37.63 -41.37 -11.35
C TYR B 713 37.63 -42.00 -9.95
N GLN B 714 38.28 -43.16 -9.81
CA GLN B 714 38.42 -43.89 -8.53
C GLN B 714 39.29 -43.05 -7.59
N ASP B 715 38.84 -42.85 -6.34
CA ASP B 715 39.66 -42.32 -5.22
C ASP B 715 40.17 -43.51 -4.40
N PHE B 716 41.48 -43.77 -4.46
CA PHE B 716 42.13 -44.97 -3.85
C PHE B 716 42.27 -44.80 -2.34
N ARG B 717 41.81 -43.66 -1.78
CA ARG B 717 41.83 -43.36 -0.33
C ARG B 717 40.66 -44.08 0.38
N ILE B 718 39.62 -44.49 -0.36
CA ILE B 718 38.43 -45.21 0.19
C ILE B 718 38.18 -46.45 -0.66
N PRO B 719 37.60 -47.53 -0.09
CA PRO B 719 37.24 -48.71 -0.87
C PRO B 719 36.20 -48.36 -1.96
N LEU B 720 36.40 -48.86 -3.18
CA LEU B 720 35.40 -48.76 -4.28
C LEU B 720 34.21 -49.64 -3.92
N SER B 721 32.98 -49.16 -4.18
CA SER B 721 31.71 -49.82 -3.81
C SER B 721 30.78 -49.84 -5.02
N PRO B 722 29.87 -50.85 -5.17
CA PRO B 722 29.01 -50.93 -6.34
C PRO B 722 28.26 -49.63 -6.67
N VAL B 723 27.78 -48.93 -5.64
CA VAL B 723 26.93 -47.71 -5.75
C VAL B 723 27.77 -46.50 -6.20
N HIS B 724 29.11 -46.60 -6.15
CA HIS B 724 30.06 -45.51 -6.55
C HIS B 724 30.52 -45.67 -8.00
N LYS B 725 29.95 -46.63 -8.75
CA LYS B 725 30.41 -47.02 -10.12
C LYS B 725 29.43 -46.47 -11.17
N CYS B 726 29.95 -45.88 -12.25
CA CYS B 726 29.16 -45.20 -13.31
C CYS B 726 28.08 -46.15 -13.87
N SER B 727 28.36 -47.45 -13.85
CA SER B 727 27.49 -48.54 -14.37
C SER B 727 26.15 -48.58 -13.62
N PHE B 728 26.18 -48.37 -12.29
CA PHE B 728 25.00 -48.32 -11.39
C PHE B 728 24.05 -47.19 -11.83
N TYR B 729 24.58 -46.09 -12.36
CA TYR B 729 23.78 -44.90 -12.77
C TYR B 729 23.51 -44.92 -14.28
N LYS B 730 24.35 -45.61 -15.07
CA LYS B 730 24.26 -45.62 -16.56
C LYS B 730 22.85 -46.08 -16.96
N ASN B 731 22.06 -45.18 -17.57
CA ASN B 731 20.68 -45.41 -18.04
C ASN B 731 19.81 -45.97 -16.90
N ASN B 732 19.99 -45.45 -15.68
CA ASN B 732 19.23 -45.86 -14.46
C ASN B 732 17.92 -45.07 -14.41
N THR B 733 16.79 -45.77 -14.30
CA THR B 733 15.40 -45.23 -14.37
C THR B 733 14.93 -44.70 -13.00
N LYS B 734 15.59 -45.12 -11.90
CA LYS B 734 15.15 -44.85 -10.51
C LYS B 734 15.93 -43.67 -9.91
N VAL B 735 17.22 -43.52 -10.24
CA VAL B 735 18.16 -42.61 -9.53
C VAL B 735 19.24 -42.10 -10.50
N SER B 736 19.82 -40.92 -10.25
CA SER B 736 21.06 -40.45 -10.92
C SER B 736 22.05 -40.01 -9.82
N TYR B 737 23.11 -39.26 -10.17
CA TYR B 737 24.12 -38.76 -9.21
C TYR B 737 24.41 -37.28 -9.49
N GLY B 738 25.02 -36.61 -8.52
CA GLY B 738 25.49 -35.21 -8.62
C GLY B 738 26.73 -34.99 -7.77
N PHE B 739 27.44 -33.89 -8.03
CA PHE B 739 28.73 -33.52 -7.39
C PHE B 739 28.48 -32.45 -6.32
N LEU B 740 29.06 -32.59 -5.12
CA LEU B 740 28.98 -31.58 -4.03
C LEU B 740 29.84 -30.37 -4.42
N SER B 741 31.16 -30.54 -4.50
CA SER B 741 32.10 -29.53 -5.05
C SER B 741 31.97 -29.56 -6.58
N PRO B 742 31.69 -28.41 -7.23
CA PRO B 742 31.35 -28.39 -8.65
C PRO B 742 32.57 -28.57 -9.56
N PRO B 743 32.56 -29.57 -10.47
CA PRO B 743 33.63 -29.72 -11.47
C PRO B 743 33.83 -28.50 -12.38
N GLN B 744 32.79 -27.65 -12.53
CA GLN B 744 32.79 -26.50 -13.47
C GLN B 744 33.66 -25.35 -12.94
N LEU B 745 34.30 -25.49 -11.77
CA LEU B 745 35.06 -24.40 -11.10
C LEU B 745 36.56 -24.73 -11.09
N ASN B 746 37.36 -23.94 -11.81
CA ASN B 746 38.84 -24.09 -11.90
C ASN B 746 39.50 -22.79 -11.40
N LYS B 747 40.61 -22.92 -10.65
CA LYS B 747 41.32 -21.81 -9.95
C LYS B 747 41.92 -20.80 -10.94
N ASN B 748 42.89 -21.21 -11.77
CA ASN B 748 43.58 -20.33 -12.76
C ASN B 748 43.45 -20.90 -14.18
N SER B 749 43.24 -22.22 -14.33
CA SER B 749 43.03 -22.90 -15.63
C SER B 749 41.59 -22.67 -16.11
N SER B 750 41.35 -22.86 -17.40
CA SER B 750 40.06 -22.56 -18.09
C SER B 750 39.36 -23.85 -18.53
N GLY B 751 39.85 -25.01 -18.08
CA GLY B 751 39.29 -26.33 -18.41
C GLY B 751 38.19 -26.73 -17.43
N ILE B 752 38.18 -28.00 -17.01
CA ILE B 752 37.29 -28.55 -15.96
C ILE B 752 38.18 -29.15 -14.86
N TYR B 753 38.10 -28.61 -13.63
CA TYR B 753 38.72 -29.26 -12.45
C TYR B 753 38.38 -30.74 -12.60
N SER B 754 39.38 -31.60 -12.85
CA SER B 754 39.23 -33.06 -13.01
C SER B 754 39.11 -33.71 -11.64
N GLU B 755 39.83 -33.15 -10.65
CA GLU B 755 39.93 -33.64 -9.25
C GLU B 755 38.54 -33.75 -8.61
N ALA B 756 37.60 -32.88 -9.01
CA ALA B 756 36.21 -32.82 -8.51
C ALA B 756 35.41 -34.05 -9.00
N LEU B 757 35.95 -34.78 -9.98
CA LEU B 757 35.30 -35.98 -10.56
C LEU B 757 35.67 -37.24 -9.75
N LEU B 758 36.43 -37.10 -8.66
CA LEU B 758 36.73 -38.22 -7.73
C LEU B 758 35.41 -38.83 -7.23
N THR B 759 35.39 -40.15 -7.00
CA THR B 759 34.19 -40.93 -6.61
C THR B 759 33.71 -40.47 -5.23
N THR B 760 34.58 -39.84 -4.44
CA THR B 760 34.30 -39.37 -3.05
C THR B 760 33.46 -38.08 -3.04
N ASN B 761 33.30 -37.40 -4.18
CA ASN B 761 32.56 -36.11 -4.27
C ASN B 761 31.27 -36.29 -5.06
N ILE B 762 30.62 -37.46 -4.97
CA ILE B 762 29.31 -37.72 -5.63
C ILE B 762 28.27 -38.11 -4.56
N VAL B 763 27.02 -37.73 -4.79
CA VAL B 763 25.83 -38.06 -3.94
C VAL B 763 24.70 -38.50 -4.84
N PRO B 764 23.90 -39.51 -4.44
CA PRO B 764 22.69 -39.89 -5.17
C PRO B 764 21.81 -38.66 -5.40
N MET B 765 21.16 -38.56 -6.56
CA MET B 765 20.39 -37.35 -6.96
C MET B 765 19.36 -37.72 -8.04
N TYR B 766 18.08 -37.45 -7.78
CA TYR B 766 16.98 -37.61 -8.76
C TYR B 766 17.23 -36.64 -9.93
N GLN B 767 16.90 -37.07 -11.15
CA GLN B 767 17.21 -36.32 -12.40
C GLN B 767 16.42 -35.01 -12.42
N SER B 768 15.24 -34.97 -11.78
CA SER B 768 14.39 -33.75 -11.70
C SER B 768 15.10 -32.67 -10.86
N PHE B 769 15.75 -33.07 -9.77
CA PHE B 769 16.50 -32.16 -8.85
C PHE B 769 17.78 -31.66 -9.52
N GLN B 770 18.35 -32.43 -10.46
CA GLN B 770 19.59 -32.05 -11.19
C GLN B 770 19.40 -30.68 -11.87
N VAL B 771 18.17 -30.35 -12.30
CA VAL B 771 17.86 -29.05 -12.97
C VAL B 771 18.21 -27.91 -12.00
N ILE B 772 17.73 -28.01 -10.75
CA ILE B 772 17.96 -27.03 -9.65
C ILE B 772 19.46 -26.93 -9.40
N TRP B 773 20.09 -28.08 -9.14
CA TRP B 773 21.52 -28.23 -8.79
C TRP B 773 22.40 -27.67 -9.92
N ARG B 774 22.08 -28.01 -11.18
CA ARG B 774 22.85 -27.56 -12.37
C ARG B 774 22.75 -26.03 -12.46
N TYR B 775 21.53 -25.49 -12.34
CA TYR B 775 21.25 -24.04 -12.44
C TYR B 775 21.98 -23.27 -11.32
N PHE B 776 22.01 -23.83 -10.11
CA PHE B 776 22.68 -23.19 -8.94
C PHE B 776 24.16 -22.98 -9.27
N HIS B 777 24.85 -24.05 -9.69
CA HIS B 777 26.33 -24.09 -9.84
C HIS B 777 26.76 -23.39 -11.13
N ASP B 778 25.95 -23.46 -12.20
CA ASP B 778 26.27 -22.86 -13.52
C ASP B 778 26.03 -21.34 -13.47
N THR B 779 24.85 -20.90 -13.01
CA THR B 779 24.37 -19.49 -13.11
C THR B 779 24.46 -18.76 -11.76
N LEU B 780 23.71 -19.23 -10.75
CA LEU B 780 23.49 -18.49 -9.47
C LEU B 780 24.80 -18.28 -8.72
N LEU B 781 25.54 -19.36 -8.46
CA LEU B 781 26.78 -19.34 -7.66
C LEU B 781 27.76 -18.32 -8.25
N ARG B 782 27.78 -18.18 -9.59
CA ARG B 782 28.62 -17.18 -10.30
C ARG B 782 28.16 -15.77 -9.92
N LYS B 783 26.85 -15.51 -9.96
CA LYS B 783 26.25 -14.18 -9.65
C LYS B 783 26.51 -13.82 -8.18
N TYR B 784 26.37 -14.79 -7.27
CA TYR B 784 26.58 -14.59 -5.81
C TYR B 784 28.04 -14.24 -5.56
N ALA B 785 28.97 -14.96 -6.20
CA ALA B 785 30.43 -14.75 -6.07
C ALA B 785 30.79 -13.30 -6.42
N GLU B 786 30.20 -12.80 -7.51
CA GLU B 786 30.46 -11.45 -8.07
C GLU B 786 29.91 -10.38 -7.10
N GLU B 787 28.64 -10.51 -6.70
CA GLU B 787 27.89 -9.52 -5.88
C GLU B 787 28.53 -9.36 -4.49
N ARG B 788 29.16 -10.41 -3.94
CA ARG B 788 29.66 -10.45 -2.53
C ARG B 788 31.19 -10.43 -2.49
N ASN B 789 31.85 -10.35 -3.65
CA ASN B 789 33.33 -10.35 -3.78
C ASN B 789 33.91 -11.64 -3.17
N GLY B 790 33.37 -12.79 -3.59
CA GLY B 790 33.79 -14.13 -3.15
C GLY B 790 32.79 -14.75 -2.20
N VAL B 791 32.69 -16.09 -2.19
CA VAL B 791 31.73 -16.88 -1.37
C VAL B 791 32.36 -18.19 -0.94
N ASN B 792 32.52 -18.41 0.36
CA ASN B 792 32.75 -19.76 0.92
C ASN B 792 31.43 -20.54 0.81
N VAL B 793 31.48 -21.75 0.28
CA VAL B 793 30.29 -22.66 0.13
C VAL B 793 30.55 -23.92 0.93
N VAL B 794 29.56 -24.32 1.73
CA VAL B 794 29.50 -25.68 2.34
C VAL B 794 28.16 -26.27 1.93
N SER B 795 28.17 -27.39 1.22
CA SER B 795 26.96 -28.14 0.82
C SER B 795 27.10 -29.59 1.27
N GLY B 796 25.98 -30.32 1.29
CA GLY B 796 25.96 -31.73 1.72
C GLY B 796 24.53 -32.29 1.66
N PRO B 797 24.37 -33.61 1.91
CA PRO B 797 23.04 -34.22 1.94
C PRO B 797 22.37 -34.01 3.29
N VAL B 798 21.05 -34.24 3.35
CA VAL B 798 20.24 -34.20 4.60
C VAL B 798 19.32 -35.45 4.63
N PHE B 799 19.31 -36.18 5.74
CA PHE B 799 18.45 -37.37 5.95
C PHE B 799 17.50 -37.10 7.11
N ASP B 800 16.25 -36.73 6.80
CA ASP B 800 15.18 -36.47 7.80
C ASP B 800 13.93 -37.25 7.41
N PHE B 801 13.98 -38.58 7.57
CA PHE B 801 12.87 -39.52 7.24
C PHE B 801 11.77 -39.39 8.29
N ASP B 802 12.11 -38.93 9.50
CA ASP B 802 11.15 -38.73 10.62
C ASP B 802 10.51 -37.34 10.54
N TYR B 803 10.93 -36.51 9.58
CA TYR B 803 10.44 -35.13 9.32
C TYR B 803 10.28 -34.38 10.65
N ASP B 804 11.30 -34.44 11.50
CA ASP B 804 11.31 -33.85 12.87
C ASP B 804 12.37 -32.73 12.93
N GLY B 805 12.91 -32.33 11.77
CA GLY B 805 13.93 -31.27 11.64
C GLY B 805 15.28 -31.68 12.20
N ARG B 806 15.43 -32.95 12.60
CA ARG B 806 16.68 -33.49 13.20
C ARG B 806 17.26 -34.58 12.30
N CYS B 807 18.59 -34.66 12.24
CA CYS B 807 19.35 -35.75 11.58
C CYS B 807 18.90 -37.08 12.21
N ASP B 808 18.62 -38.09 11.38
CA ASP B 808 18.29 -39.47 11.86
C ASP B 808 19.60 -40.11 12.36
N SER B 809 19.51 -41.02 13.33
CA SER B 809 20.65 -41.82 13.85
C SER B 809 21.14 -42.76 12.75
N LEU B 810 22.42 -43.14 12.79
CA LEU B 810 23.00 -44.15 11.87
C LEU B 810 22.16 -45.44 11.94
N GLU B 811 21.75 -45.85 13.15
CA GLU B 811 20.90 -47.04 13.40
C GLU B 811 19.64 -46.95 12.52
N ASN B 812 18.91 -45.84 12.61
CA ASN B 812 17.63 -45.60 11.88
C ASN B 812 17.90 -45.53 10.37
N LEU B 813 19.08 -45.05 9.95
CA LEU B 813 19.45 -44.86 8.52
C LEU B 813 19.64 -46.22 7.84
N ARG B 814 20.17 -47.21 8.57
CA ARG B 814 20.44 -48.59 8.05
C ARG B 814 19.12 -49.20 7.50
N GLN B 815 17.98 -48.82 8.10
CA GLN B 815 16.65 -49.42 7.81
C GLN B 815 15.88 -48.59 6.77
N LYS B 816 16.40 -47.41 6.38
CA LYS B 816 15.76 -46.47 5.43
C LYS B 816 16.42 -46.56 4.05
N ARG B 817 17.52 -47.29 3.93
CA ARG B 817 18.26 -47.47 2.64
C ARG B 817 17.36 -48.26 1.68
N ARG B 818 17.27 -47.82 0.42
CA ARG B 818 16.69 -48.62 -0.70
C ARG B 818 17.87 -49.19 -1.50
N VAL B 819 17.69 -50.34 -2.16
CA VAL B 819 18.70 -50.94 -3.08
C VAL B 819 18.02 -51.11 -4.44
N ILE B 820 18.54 -50.45 -5.48
CA ILE B 820 18.02 -50.48 -6.88
C ILE B 820 19.17 -50.90 -7.81
N ARG B 821 18.94 -51.92 -8.65
CA ARG B 821 19.98 -52.61 -9.46
C ARG B 821 21.18 -52.94 -8.57
N ASN B 822 20.92 -53.52 -7.40
CA ASN B 822 21.94 -53.98 -6.42
C ASN B 822 22.75 -52.76 -5.92
N ILE B 825 21.54 -48.38 -1.18
CA ILE B 825 21.80 -46.92 -1.40
C ILE B 825 20.89 -46.10 -0.48
N LEU B 826 21.43 -45.03 0.10
CA LEU B 826 20.67 -44.00 0.88
C LEU B 826 20.44 -42.80 -0.02
N ILE B 827 19.18 -42.48 -0.36
CA ILE B 827 18.77 -41.29 -1.16
C ILE B 827 18.37 -40.16 -0.20
N PRO B 828 19.16 -39.05 -0.15
CA PRO B 828 18.85 -37.90 0.71
C PRO B 828 17.41 -37.36 0.60
N THR B 829 16.82 -36.98 1.75
CA THR B 829 15.51 -36.27 1.82
C THR B 829 15.67 -34.81 1.37
N HIS B 830 16.83 -34.20 1.65
CA HIS B 830 17.13 -32.78 1.32
C HIS B 830 18.62 -32.61 1.00
N PHE B 831 18.98 -31.47 0.40
CA PHE B 831 20.38 -30.99 0.24
C PHE B 831 20.50 -29.58 0.84
N PHE B 832 21.51 -29.39 1.68
CA PHE B 832 21.78 -28.09 2.36
C PHE B 832 22.92 -27.38 1.63
N ILE B 833 22.83 -26.05 1.58
CA ILE B 833 23.90 -25.13 1.09
C ILE B 833 24.05 -24.01 2.12
N VAL B 834 25.27 -23.60 2.44
CA VAL B 834 25.57 -22.47 3.36
C VAL B 834 26.61 -21.57 2.68
N LEU B 835 26.17 -20.41 2.19
CA LEU B 835 27.04 -19.37 1.59
C LEU B 835 27.52 -18.42 2.69
N THR B 836 28.80 -18.04 2.68
CA THR B 836 29.44 -17.15 3.67
C THR B 836 30.37 -16.17 2.94
N SER B 837 30.03 -14.87 2.97
CA SER B 837 30.88 -13.75 2.50
C SER B 837 31.12 -12.79 3.68
N CYS B 838 31.67 -11.60 3.44
CA CYS B 838 31.83 -10.55 4.48
C CYS B 838 30.70 -9.52 4.34
N LYS B 839 30.29 -8.93 5.47
CA LYS B 839 29.39 -7.76 5.52
C LYS B 839 29.98 -6.67 4.62
N ASP B 840 31.29 -6.42 4.75
CA ASP B 840 32.06 -5.43 3.95
C ASP B 840 32.57 -6.13 2.69
N THR B 841 32.01 -5.78 1.53
CA THR B 841 32.34 -6.43 0.22
C THR B 841 33.78 -6.08 -0.19
N SER B 842 34.36 -5.01 0.36
CA SER B 842 35.77 -4.60 0.11
C SER B 842 36.71 -5.76 0.49
N GLN B 843 36.34 -6.56 1.49
CA GLN B 843 37.14 -7.69 1.99
C GLN B 843 36.65 -8.99 1.33
N THR B 844 37.50 -10.02 1.31
CA THR B 844 37.22 -11.35 0.71
C THR B 844 36.75 -12.28 1.82
N PRO B 845 36.05 -13.39 1.52
CA PRO B 845 35.68 -14.40 2.53
C PRO B 845 36.76 -14.99 3.45
N LEU B 846 38.05 -14.76 3.19
CA LEU B 846 39.16 -15.31 4.01
C LEU B 846 39.54 -14.31 5.11
N HIS B 847 39.18 -13.04 4.94
CA HIS B 847 39.53 -11.93 5.87
C HIS B 847 38.30 -11.07 6.16
N CYS B 848 37.22 -11.68 6.68
CA CYS B 848 35.98 -10.99 7.12
C CYS B 848 36.11 -10.61 8.59
N GLU B 849 35.73 -9.38 8.92
CA GLU B 849 35.55 -8.90 10.32
C GLU B 849 34.16 -9.36 10.81
N ASN B 850 33.17 -9.35 9.91
CA ASN B 850 31.76 -9.74 10.19
C ASN B 850 31.23 -10.60 9.04
N LEU B 851 30.72 -11.80 9.34
CA LEU B 851 30.19 -12.76 8.34
C LEU B 851 28.79 -12.34 7.89
N ASP B 852 28.54 -12.36 6.58
CA ASP B 852 27.18 -12.32 5.98
C ASP B 852 26.86 -13.71 5.42
N THR B 853 25.87 -14.39 6.01
CA THR B 853 25.54 -15.81 5.71
C THR B 853 24.19 -15.89 5.01
N LEU B 854 23.97 -16.95 4.24
CA LEU B 854 22.70 -17.29 3.57
C LEU B 854 22.67 -18.80 3.36
N ALA B 855 21.68 -19.50 3.93
CA ALA B 855 21.61 -20.98 3.96
C ALA B 855 20.27 -21.45 3.40
N PHE B 856 20.25 -22.68 2.89
CA PHE B 856 19.11 -23.32 2.19
C PHE B 856 19.03 -24.78 2.62
N ILE B 857 17.81 -25.29 2.78
CA ILE B 857 17.51 -26.74 2.94
C ILE B 857 16.54 -27.10 1.81
N LEU B 858 17.08 -27.48 0.66
CA LEU B 858 16.31 -27.77 -0.58
C LEU B 858 15.73 -29.17 -0.49
N PRO B 859 14.40 -29.32 -0.70
CA PRO B 859 13.79 -30.66 -0.67
C PRO B 859 14.22 -31.44 -1.91
N HIS B 860 14.56 -32.73 -1.71
CA HIS B 860 15.04 -33.67 -2.76
C HIS B 860 13.86 -34.52 -3.24
N ARG B 861 13.18 -34.09 -4.29
CA ARG B 861 11.93 -34.72 -4.80
C ARG B 861 12.13 -35.24 -6.23
N THR B 862 11.34 -36.25 -6.61
CA THR B 862 11.45 -37.02 -7.88
C THR B 862 10.90 -36.20 -9.05
N ASP B 863 10.06 -35.19 -8.79
CA ASP B 863 9.54 -34.24 -9.80
C ASP B 863 9.71 -32.81 -9.27
N ASN B 864 9.43 -31.81 -10.11
CA ASN B 864 9.47 -30.37 -9.72
C ASN B 864 8.04 -29.83 -9.79
N SER B 865 7.07 -30.59 -9.25
CA SER B 865 5.62 -30.22 -9.25
C SER B 865 5.39 -28.99 -8.36
N GLU B 866 6.20 -28.85 -7.31
CA GLU B 866 6.21 -27.71 -6.35
C GLU B 866 6.31 -26.38 -7.10
N SER B 867 7.15 -26.31 -8.14
CA SER B 867 7.58 -25.05 -8.80
C SER B 867 6.73 -24.72 -10.03
N CYS B 868 5.83 -25.63 -10.44
CA CYS B 868 4.92 -25.46 -11.63
C CYS B 868 5.71 -24.96 -12.85
N VAL B 869 6.60 -25.81 -13.39
CA VAL B 869 7.55 -25.48 -14.50
C VAL B 869 6.80 -25.33 -15.83
N HIS B 870 7.41 -24.59 -16.77
CA HIS B 870 6.86 -24.18 -18.10
C HIS B 870 6.32 -22.76 -17.97
N SER B 875 14.52 -20.51 -16.21
CA SER B 875 14.71 -21.17 -14.88
C SER B 875 14.77 -20.12 -13.77
N SER B 876 13.87 -19.13 -13.81
CA SER B 876 13.70 -18.07 -12.77
C SER B 876 13.03 -18.66 -11.52
N TRP B 877 12.27 -19.75 -11.70
CA TRP B 877 11.53 -20.49 -10.64
C TRP B 877 12.49 -21.08 -9.59
N VAL B 878 13.73 -21.36 -9.99
CA VAL B 878 14.76 -21.98 -9.10
C VAL B 878 15.10 -21.00 -7.98
N GLU B 879 15.32 -19.72 -8.31
CA GLU B 879 15.60 -18.64 -7.31
C GLU B 879 14.46 -18.59 -6.30
N GLU B 880 13.22 -18.60 -6.77
CA GLU B 880 12.01 -18.52 -5.92
C GLU B 880 11.97 -19.71 -4.96
N LEU B 881 12.28 -20.91 -5.44
CA LEU B 881 12.32 -22.16 -4.63
C LEU B 881 13.41 -22.04 -3.57
N LEU B 882 14.57 -21.49 -3.93
CA LEU B 882 15.72 -21.32 -2.98
C LEU B 882 15.30 -20.36 -1.86
N MET B 883 14.73 -19.20 -2.19
CA MET B 883 14.24 -18.21 -1.21
C MET B 883 13.20 -18.86 -0.28
N LEU B 884 12.20 -19.56 -0.82
CA LEU B 884 11.13 -20.18 0.01
C LEU B 884 11.74 -21.17 1.00
N HIS B 885 12.84 -21.84 0.61
CA HIS B 885 13.49 -22.93 1.40
C HIS B 885 14.79 -22.42 2.04
N ARG B 886 14.91 -21.10 2.25
CA ARG B 886 16.05 -20.54 3.02
C ARG B 886 15.89 -21.02 4.47
N ALA B 887 16.97 -21.04 5.23
CA ALA B 887 16.96 -21.57 6.61
C ALA B 887 18.00 -20.84 7.44
N ARG B 888 17.81 -20.87 8.76
CA ARG B 888 18.85 -20.45 9.74
C ARG B 888 19.96 -21.49 9.67
N ILE B 889 21.22 -21.08 9.84
CA ILE B 889 22.36 -22.05 9.96
C ILE B 889 22.04 -23.07 11.06
N THR B 890 21.40 -22.63 12.15
CA THR B 890 20.98 -23.48 13.29
C THR B 890 20.05 -24.60 12.80
N ASP B 891 19.16 -24.31 11.84
CA ASP B 891 18.24 -25.32 11.24
C ASP B 891 19.08 -26.39 10.52
N VAL B 892 20.08 -25.94 9.76
CA VAL B 892 21.03 -26.83 9.04
C VAL B 892 21.76 -27.68 10.08
N GLU B 893 22.31 -27.05 11.13
CA GLU B 893 23.09 -27.75 12.18
C GLU B 893 22.23 -28.87 12.79
N HIS B 894 20.98 -28.59 13.11
CA HIS B 894 20.04 -29.54 13.77
C HIS B 894 19.79 -30.75 12.86
N ILE B 895 19.65 -30.53 11.55
CA ILE B 895 19.13 -31.54 10.57
C ILE B 895 20.28 -32.34 9.96
N THR B 896 21.53 -31.87 10.08
CA THR B 896 22.74 -32.54 9.55
C THR B 896 23.58 -33.15 10.69
N GLY B 897 23.42 -32.65 11.92
CA GLY B 897 24.28 -33.03 13.06
C GLY B 897 25.65 -32.39 12.99
N LEU B 898 25.81 -31.35 12.16
CA LEU B 898 27.07 -30.58 11.99
C LEU B 898 27.02 -29.29 12.83
N SER B 899 28.20 -28.68 13.03
CA SER B 899 28.40 -27.42 13.78
C SER B 899 29.50 -26.59 13.10
N PHE B 900 29.15 -25.40 12.60
CA PHE B 900 30.00 -24.54 11.73
C PHE B 900 30.66 -23.42 12.55
N TYR B 901 31.68 -22.80 11.95
CA TYR B 901 32.31 -21.52 12.38
C TYR B 901 32.98 -21.64 13.76
N GLN B 902 33.35 -22.86 14.18
CA GLN B 902 33.90 -23.11 15.54
C GLN B 902 35.30 -22.49 15.71
N GLN B 903 35.91 -21.93 14.65
CA GLN B 903 37.25 -21.30 14.74
C GLN B 903 37.18 -19.81 14.43
N ARG B 904 35.98 -19.20 14.41
CA ARG B 904 35.86 -17.72 14.34
C ARG B 904 36.28 -17.15 15.70
N LYS B 905 36.99 -16.02 15.69
CA LYS B 905 37.59 -15.39 16.90
C LYS B 905 36.50 -14.75 17.77
N GLU B 906 35.36 -14.36 17.16
CA GLU B 906 34.19 -13.74 17.86
C GLU B 906 33.79 -14.57 19.08
N PRO B 907 33.23 -13.93 20.14
CA PRO B 907 32.64 -14.66 21.25
C PRO B 907 31.49 -15.57 20.79
N VAL B 908 31.23 -16.65 21.52
CA VAL B 908 30.29 -17.74 21.11
C VAL B 908 28.88 -17.16 20.94
N SER B 909 28.44 -16.32 21.89
CA SER B 909 27.10 -15.70 21.87
C SER B 909 26.90 -14.92 20.56
N ASP B 910 27.94 -14.23 20.07
CA ASP B 910 27.87 -13.43 18.81
C ASP B 910 27.69 -14.37 17.61
N ILE B 911 28.30 -15.56 17.67
CA ILE B 911 28.18 -16.62 16.62
C ILE B 911 26.76 -17.21 16.66
N LEU B 912 26.26 -17.54 17.86
CA LEU B 912 24.87 -18.05 18.03
C LEU B 912 23.88 -17.04 17.43
N LYS B 913 24.12 -15.73 17.63
CA LYS B 913 23.27 -14.65 17.05
C LYS B 913 23.25 -14.82 15.54
N LEU B 914 24.43 -15.00 14.93
CA LEU B 914 24.64 -15.17 13.47
C LEU B 914 23.95 -16.45 12.97
N LYS B 915 24.03 -17.54 13.73
CA LYS B 915 23.53 -18.87 13.32
C LYS B 915 22.00 -18.92 13.38
N THR B 916 21.39 -18.19 14.30
CA THR B 916 19.91 -18.12 14.47
C THR B 916 19.29 -17.13 13.49
N HIS B 917 20.09 -16.30 12.81
CA HIS B 917 19.59 -15.30 11.83
C HIS B 917 18.85 -16.02 10.69
N LEU B 918 17.67 -15.52 10.31
CA LEU B 918 17.03 -15.84 9.01
C LEU B 918 17.09 -14.60 8.14
N PRO B 919 17.58 -14.68 6.89
CA PRO B 919 17.65 -13.51 6.02
C PRO B 919 16.27 -13.12 5.46
N THR B 920 16.12 -11.87 5.00
CA THR B 920 14.95 -11.39 4.20
C THR B 920 15.44 -10.72 2.92
C1 NAG C . -10.02 26.63 -22.45
C2 NAG C . -9.87 26.18 -23.90
C3 NAG C . -9.04 27.24 -24.61
C4 NAG C . -9.53 28.66 -24.33
C5 NAG C . -9.88 28.87 -22.85
C6 NAG C . -10.63 30.14 -22.53
C7 NAG C . -9.77 23.81 -24.49
C8 NAG C . -8.88 22.61 -24.65
N2 NAG C . -9.19 24.91 -23.98
O3 NAG C . -9.09 27.00 -26.02
O4 NAG C . -8.41 29.51 -24.61
O5 NAG C . -10.74 27.84 -22.48
O6 NAG C . -11.74 30.26 -23.42
O7 NAG C . -10.93 23.79 -24.85
C1 NAG C . -8.52 30.49 -25.64
C2 NAG C . -7.52 31.57 -25.30
C3 NAG C . -7.58 32.69 -26.31
C4 NAG C . -7.69 32.17 -27.75
C5 NAG C . -8.48 30.87 -27.95
C6 NAG C . -8.12 30.13 -29.23
C7 NAG C . -6.76 31.66 -22.97
C8 NAG C . -7.10 32.14 -21.61
N2 NAG C . -7.65 32.05 -23.93
O3 NAG C . -6.37 33.45 -26.18
O4 NAG C . -8.29 33.21 -28.54
O5 NAG C . -8.20 29.96 -26.90
O6 NAG C . -6.69 30.04 -29.33
O7 NAG C . -5.77 30.96 -23.16
C1 MAN C . -7.33 33.70 -29.50
C2 MAN C . -7.17 35.22 -29.51
C3 MAN C . -5.78 35.49 -30.08
C4 MAN C . -5.43 34.36 -31.03
C5 MAN C . -6.72 33.93 -31.76
C6 MAN C . -6.44 32.98 -32.93
O2 MAN C . -7.29 35.78 -28.20
O3 MAN C . -4.82 35.56 -29.02
O4 MAN C . -4.46 34.79 -31.96
O5 MAN C . -7.63 33.32 -30.84
O6 MAN C . -6.95 33.59 -34.12
C1 NAG D . 4.67 36.34 9.69
C2 NAG D . 5.17 37.75 10.10
C3 NAG D . 5.86 37.70 11.47
C4 NAG D . 5.06 36.89 12.50
C5 NAG D . 4.43 35.61 11.94
C6 NAG D . 3.40 35.00 12.89
C7 NAG D . 5.51 39.19 8.20
C8 NAG D . 4.70 40.41 8.67
N2 NAG D . 6.02 38.29 9.05
O3 NAG D . 5.97 39.06 11.91
O4 NAG D . 5.98 36.58 13.57
O5 NAG D . 3.77 35.91 10.71
O6 NAG D . 2.12 35.59 12.63
O7 NAG D . 5.53 38.84 7.06
C1 NAG D . 5.71 37.26 14.83
C2 NAG D . 6.17 36.36 15.96
C3 NAG D . 6.01 37.02 17.33
C4 NAG D . 6.57 38.44 17.30
C5 NAG D . 5.94 39.22 16.15
C6 NAG D . 6.44 40.66 16.10
C7 NAG D . 5.99 33.95 15.58
C8 NAG D . 5.24 32.74 16.01
N2 NAG D . 5.45 35.10 15.96
O3 NAG D . 6.71 36.25 18.33
O4 NAG D . 6.35 39.13 18.53
O5 NAG D . 6.29 38.54 14.96
O6 NAG D . 6.86 41.00 14.78
O7 NAG D . 7.04 33.90 14.93
C1 NAG E . 12.79 -28.80 19.92
C2 NAG E . 13.40 -29.81 18.96
C3 NAG E . 12.77 -31.17 19.27
C4 NAG E . 12.74 -31.48 20.76
C5 NAG E . 12.47 -30.27 21.66
C6 NAG E . 12.90 -30.50 23.11
C7 NAG E . 14.18 -29.19 16.77
C8 NAG E . 13.83 -29.13 15.31
N2 NAG E . 13.16 -29.49 17.58
O3 NAG E . 13.51 -32.19 18.60
O4 NAG E . 11.70 -32.45 20.96
O5 NAG E . 13.22 -29.16 21.20
O6 NAG E . 14.28 -30.15 23.23
O7 NAG E . 15.31 -29.00 17.18
C1 NAG E . 12.28 -33.65 21.49
C2 NAG E . 11.22 -34.37 22.29
C3 NAG E . 11.79 -35.67 22.84
C4 NAG E . 12.53 -36.46 21.76
C5 NAG E . 13.49 -35.59 20.95
C6 NAG E . 14.08 -36.30 19.73
C7 NAG E . 9.67 -32.79 23.33
C8 NAG E . 9.42 -31.96 24.54
N2 NAG E . 10.79 -33.52 23.39
O3 NAG E . 10.70 -36.43 23.34
O4 NAG E . 13.26 -37.52 22.41
O5 NAG E . 12.77 -34.48 20.45
O6 NAG E . 13.15 -36.26 18.64
O7 NAG E . 8.91 -32.81 22.36
C1 BMA E . 12.77 -38.80 21.96
C2 BMA E . 13.86 -39.84 22.10
C3 BMA E . 13.39 -41.17 21.50
C4 BMA E . 11.95 -41.53 21.90
C5 BMA E . 11.02 -40.33 21.95
C6 BMA E . 9.70 -40.68 22.63
O2 BMA E . 14.18 -40.00 23.48
O3 BMA E . 14.28 -42.20 21.91
O4 BMA E . 11.46 -42.44 20.92
O5 BMA E . 11.62 -39.25 22.64
O6 BMA E . 9.83 -40.37 24.02
C1 NAG F . -16.85 -12.31 33.43
C2 NAG F . -17.86 -13.07 34.32
C3 NAG F . -19.15 -12.31 34.28
C4 NAG F . -18.86 -10.85 34.67
C5 NAG F . -17.83 -10.25 33.69
C6 NAG F . -17.55 -8.77 33.93
C7 NAG F . -17.40 -15.44 34.50
C8 NAG F . -17.46 -15.51 36.01
N2 NAG F . -17.96 -14.42 33.84
O3 NAG F . -20.07 -12.90 35.20
O4 NAG F . -20.06 -10.08 34.64
O5 NAG F . -16.63 -10.99 33.90
O6 NAG F . -16.13 -8.59 34.10
O7 NAG F . -16.67 -16.15 33.84
C1 NAG F . -20.64 -9.65 35.90
C2 NAG F . -21.36 -8.34 35.64
C3 NAG F . -21.83 -7.75 36.98
C4 NAG F . -21.84 -8.82 38.07
C5 NAG F . -20.44 -9.39 38.26
C6 NAG F . -20.50 -10.78 38.88
C7 NAG F . -20.83 -7.02 33.71
C8 NAG F . -21.22 -5.59 33.57
N2 NAG F . -20.57 -7.31 34.98
O3 NAG F . -23.11 -7.15 36.84
O4 NAG F . -22.27 -8.22 39.30
O5 NAG F . -19.75 -9.46 37.00
O6 NAG F . -19.19 -11.38 38.79
O7 NAG F . -20.96 -7.87 32.84
ZN ZN G . 3.09 19.71 -1.60
ZN ZN H . -0.46 21.57 -2.67
C1 NAG I . 22.25 8.69 -25.61
C2 NAG I . 23.10 7.45 -25.84
C3 NAG I . 24.28 7.44 -24.88
C4 NAG I . 24.93 8.82 -24.69
C5 NAG I . 23.93 9.97 -24.66
C6 NAG I . 24.63 11.32 -24.68
C7 NAG I . 21.83 5.53 -26.66
C8 NAG I . 22.61 5.48 -27.95
N2 NAG I . 22.28 6.26 -25.64
O3 NAG I . 25.26 6.54 -25.38
O4 NAG I . 25.66 8.82 -23.45
O5 NAG I . 23.04 9.86 -25.78
O6 NAG I . 23.82 12.25 -23.93
O7 NAG I . 20.73 5.03 -26.57
C1 NAG J . 18.17 36.16 -21.22
C2 NAG J . 18.92 37.42 -21.69
C3 NAG J . 20.42 37.36 -21.38
C4 NAG J . 20.64 36.91 -19.94
C5 NAG J . 19.77 35.72 -19.54
C6 NAG J . 19.89 35.39 -18.07
C7 NAG J . 18.70 37.01 -24.13
C8 NAG J . 17.61 37.23 -25.14
N2 NAG J . 18.56 37.79 -23.05
O3 NAG J . 20.96 38.67 -21.54
O4 NAG J . 22.02 36.55 -19.77
O5 NAG J . 18.40 36.01 -19.82
O6 NAG J . 20.12 36.58 -17.33
O7 NAG J . 19.52 36.12 -24.28
C1 NAG K . 3.49 -4.27 -51.96
C2 NAG K . 4.70 -4.97 -51.36
C3 NAG K . 4.40 -6.44 -51.14
C4 NAG K . 2.89 -6.69 -51.10
C5 NAG K . 2.21 -6.22 -52.39
C6 NAG K . 0.75 -5.85 -52.15
C7 NAG K . 6.82 -3.96 -52.00
C8 NAG K . 7.71 -3.63 -53.16
N2 NAG K . 5.83 -4.81 -52.25
O3 NAG K . 4.99 -6.86 -49.91
O4 NAG K . 2.64 -8.09 -50.94
O5 NAG K . 2.87 -5.09 -52.94
O6 NAG K . -0.02 -7.04 -52.07
O7 NAG K . 6.97 -3.42 -50.92
P SRA L . 4.00 21.94 -2.75
OP1 SRA L . 5.45 21.81 -2.47
S2P SRA L . 3.71 21.88 -4.68
OP3 SRA L . 3.25 20.80 -2.05
O5' SRA L . 3.45 23.38 -2.18
C5' SRA L . 4.03 24.61 -2.74
C4' SRA L . 4.26 25.63 -1.55
O4' SRA L . 3.85 26.78 -1.89
C3' SRA L . 3.34 25.24 -0.29
O3' SRA L . 4.05 24.50 0.59
C2' SRA L . 2.93 26.55 0.32
C1' SRA L . 3.33 27.52 -0.52
N9 SRA L . 2.25 28.39 -0.83
C8 SRA L . 0.96 28.13 -0.70
N7 SRA L . 0.24 29.17 -1.07
C5 SRA L . 1.09 30.16 -1.44
C6 SRA L . 0.96 31.49 -1.93
N6 SRA L . -0.30 32.04 -2.10
N1 SRA L . 2.04 32.21 -2.21
C2 SRA L . 3.25 31.71 -2.05
N3 SRA L . 3.42 30.46 -1.60
C4 SRA L . 2.36 29.66 -1.29
O2' SRA L . 3.59 26.73 1.71
C1 EDO M . 1.83 18.65 -33.68
O1 EDO M . 0.84 18.01 -34.46
C2 EDO M . 3.21 18.34 -34.15
O2 EDO M . 4.09 19.43 -34.04
ZN ZN N . -6.94 -12.88 15.72
ZN ZN O . -3.86 -13.35 18.28
C1 NAG P . -10.14 -33.92 -8.84
C2 NAG P . -10.41 -34.62 -10.20
C3 NAG P . -11.90 -34.64 -10.54
C4 NAG P . -12.82 -33.95 -9.54
C5 NAG P . -12.36 -34.07 -8.06
C6 NAG P . -13.28 -35.02 -7.28
C7 NAG P . -9.37 -32.84 -11.61
C8 NAG P . -8.01 -32.61 -12.19
N2 NAG P . -9.56 -34.12 -11.27
O3 NAG P . -12.32 -36.00 -10.67
O4 NAG P . -12.96 -32.57 -9.86
O5 NAG P . -11.02 -34.54 -7.91
O6 NAG P . -14.63 -34.81 -7.71
O7 NAG P . -10.14 -31.90 -11.41
C1 NAG Q . -14.04 -41.83 17.97
C2 NAG Q . -14.71 -43.05 18.67
C3 NAG Q . -16.13 -43.29 18.15
C4 NAG Q . -16.92 -42.00 18.12
C5 NAG Q . -16.12 -40.87 17.45
C6 NAG Q . -16.88 -39.56 17.45
C7 NAG Q . -13.27 -44.76 17.58
C8 NAG Q . -11.89 -45.29 17.85
N2 NAG Q . -13.81 -44.19 18.67
O3 NAG Q . -16.77 -44.20 19.05
O4 NAG Q . -18.15 -42.19 17.44
O5 NAG Q . -14.90 -40.69 18.13
O6 NAG Q . -17.33 -39.26 18.77
O7 NAG Q . -13.73 -44.78 16.44
P SRA R . -7.00 -17.14 17.18
OP1 SRA R . -8.02 -17.37 16.15
S2P SRA R . -6.05 -18.80 17.57
OP3 SRA R . -6.02 -16.07 16.68
O5' SRA R . -7.73 -16.59 18.55
C5' SRA R . -8.00 -15.16 18.68
C4' SRA R . -9.08 -14.96 19.83
O4' SRA R . -9.01 -15.92 20.67
C3' SRA R . -8.76 -13.67 20.69
O3' SRA R . -9.31 -12.56 20.13
C2' SRA R . -9.39 -13.97 22.03
C1' SRA R . -9.57 -15.30 22.09
N9 SRA R . -8.84 -15.84 23.19
C8 SRA R . -7.66 -15.44 23.64
N7 SRA R . -7.29 -16.17 24.68
C5 SRA R . -8.26 -17.09 24.92
C6 SRA R . -8.45 -18.13 25.86
N6 SRA R . -7.49 -18.37 26.82
N1 SRA R . -9.56 -18.87 25.81
C2 SRA R . -10.47 -18.66 24.90
N3 SRA R . -10.32 -17.68 23.99
C4 SRA R . -9.23 -16.88 23.98
O2' SRA R . -10.75 -13.25 22.16
#